data_6WSO
# 
_entry.id   6WSO 
# 
_audit_conform.dict_name       mmcif_pdbx.dic 
_audit_conform.dict_version    5.380 
_audit_conform.dict_location   http://mmcif.pdb.org/dictionaries/ascii/mmcif_pdbx.dic 
# 
loop_
_database_2.database_id 
_database_2.database_code 
_database_2.pdbx_database_accession 
_database_2.pdbx_DOI 
PDB   6WSO         pdb_00006wso 10.2210/pdb6wso/pdb 
WWPDB D_1000248900 ?            ?                   
# 
_pdbx_database_status.status_code                     REL 
_pdbx_database_status.status_code_sf                  REL 
_pdbx_database_status.status_code_mr                  ? 
_pdbx_database_status.entry_id                        6WSO 
_pdbx_database_status.recvd_initial_deposition_date   2020-05-01 
_pdbx_database_status.SG_entry                        N 
_pdbx_database_status.deposit_site                    RCSB 
_pdbx_database_status.process_site                    RCSB 
_pdbx_database_status.status_code_cs                  ? 
_pdbx_database_status.status_code_nmr_data            ? 
_pdbx_database_status.methods_development_category    ? 
_pdbx_database_status.pdb_format_compatible           Y 
# 
loop_
_audit_author.name 
_audit_author.pdbx_ordinal 
_audit_author.identifier_ORCID 
'Simmons, C.R.'      1 0000-0002-2290-6132 
'MacCulloch, T.'     2 0000-0001-5875-3361 
'Stephanopoulos, N.' 3 0000-0001-7859-410X 
'Yan, H.'            4 0000-0001-7397-9852 
# 
_citation.abstract                  ? 
_citation.abstract_id_CAS           ? 
_citation.book_id_ISBN              ? 
_citation.book_publisher            ? 
_citation.book_publisher_city       ? 
_citation.book_title                ? 
_citation.coordinate_linkage        ? 
_citation.country                   UK 
_citation.database_id_Medline       ? 
_citation.details                   ? 
_citation.id                        primary 
_citation.journal_abbrev            'Nat Commun' 
_citation.journal_id_ASTM           ? 
_citation.journal_id_CSD            ? 
_citation.journal_id_ISSN           2041-1723 
_citation.journal_full              ? 
_citation.journal_issue             ? 
_citation.journal_volume            13 
_citation.language                  ? 
_citation.page_first                3112 
_citation.page_last                 3112 
_citation.title                     'The influence of Holliday junction sequence and dynamics on DNA crystal self-assembly.' 
_citation.year                      2022 
_citation.database_id_CSD           ? 
_citation.pdbx_database_id_DOI      10.1038/s41467-022-30779-6 
_citation.pdbx_database_id_PubMed   35662248 
_citation.unpublished_flag          ? 
# 
loop_
_citation_author.citation_id 
_citation_author.name 
_citation_author.ordinal 
_citation_author.identifier_ORCID 
primary 'Simmons, C.R.'      1  ?                   
primary 'MacCulloch, T.'     2  ?                   
primary 'Krepl, M.'          3  0000-0002-9833-4281 
primary 'Matthies, M.'       4  ?                   
primary 'Buchberger, A.'     5  ?                   
primary 'Crawford, I.'       6  ?                   
primary 'Sponer, J.'         7  0000-0001-6558-6186 
primary 'Sulc, P.'           8  0000-0003-1565-6769 
primary 'Stephanopoulos, N.' 9  0000-0001-7859-410X 
primary 'Yan, H.'            10 0000-0001-7397-9852 
# 
_cell.angle_alpha                  90.000 
_cell.angle_alpha_esd              ? 
_cell.angle_beta                   90.000 
_cell.angle_beta_esd               ? 
_cell.angle_gamma                  120.000 
_cell.angle_gamma_esd              ? 
_cell.entry_id                     6WSO 
_cell.details                      ? 
_cell.formula_units_Z              ? 
_cell.length_a                     68.883 
_cell.length_a_esd                 ? 
_cell.length_b                     68.883 
_cell.length_b_esd                 ? 
_cell.length_c                     59.847 
_cell.length_c_esd                 ? 
_cell.volume                       ? 
_cell.volume_esd                   ? 
_cell.Z_PDB                        3 
_cell.reciprocal_angle_alpha       ? 
_cell.reciprocal_angle_beta        ? 
_cell.reciprocal_angle_gamma       ? 
_cell.reciprocal_angle_alpha_esd   ? 
_cell.reciprocal_angle_beta_esd    ? 
_cell.reciprocal_angle_gamma_esd   ? 
_cell.reciprocal_length_a          ? 
_cell.reciprocal_length_b          ? 
_cell.reciprocal_length_c          ? 
_cell.reciprocal_length_a_esd      ? 
_cell.reciprocal_length_b_esd      ? 
_cell.reciprocal_length_c_esd      ? 
_cell.pdbx_unique_axis             ? 
# 
_symmetry.entry_id                         6WSO 
_symmetry.cell_setting                     ? 
_symmetry.Int_Tables_number                145 
_symmetry.space_group_name_Hall            ? 
_symmetry.space_group_name_H-M             'P 32' 
_symmetry.pdbx_full_space_group_name_H-M   ? 
# 
loop_
_entity.id 
_entity.type 
_entity.src_method 
_entity.pdbx_description 
_entity.formula_weight 
_entity.pdbx_number_of_molecules 
_entity.pdbx_ec 
_entity.pdbx_mutation 
_entity.pdbx_fragment 
_entity.details 
1 polymer     syn 
;DNA (5'-D(*GP*AP*GP*CP*AP*GP*AP*CP*CP*AP*GP*AP*CP*AP*CP*CP*AP*CP*TP*CP*A)-3')
;
6395.167 1 ? ? ? ? 
2 polymer     syn 
;DNA (5'-D(P*TP*GP*TP*CP*T)-3')
;
1486.009 1 ? ? ? ? 
3 polymer     syn 
;DNA (5'-D(*TP*CP*TP*GP*AP*GP*TP*GP*G)-3')
;
2786.833 1 ? ? ? ? 
4 polymer     syn 
;DNA (5'-D(P*GP*GP*TP*CP*TP*GP*C)-3')
;
2129.409 1 ? ? ? ? 
5 non-polymer syn 'CACODYLATE ION'                                                                136.989  3 ? ? ? ? 
# 
loop_
_entity_poly.entity_id 
_entity_poly.type 
_entity_poly.nstd_linkage 
_entity_poly.nstd_monomer 
_entity_poly.pdbx_seq_one_letter_code 
_entity_poly.pdbx_seq_one_letter_code_can 
_entity_poly.pdbx_strand_id 
_entity_poly.pdbx_target_identifier 
1 polydeoxyribonucleotide no no 
;(DG)(DA)(DG)(DC)(DA)(DG)(DA)(DC)(DC)(DA)(DG)(DA)(DC)(DA)(DC)(DC)(DA)(DC)(DT)(DC)
(DA)
;
GAGCAGACCAGACACCACTCA A ? 
2 polydeoxyribonucleotide no no '(DT)(DG)(DT)(DC)(DT)'                                                                  TGTCT B ? 
3 polydeoxyribonucleotide no no '(DT)(DC)(DT)(DG)(DA)(DG)(DT)(DG)(DG)'                                                  TCTGAGTGG 
C ? 
4 polydeoxyribonucleotide no no '(DG)(DG)(DT)(DC)(DT)(DG)(DC)'                                                          GGTCTGC D 
? 
# 
loop_
_entity_poly_seq.entity_id 
_entity_poly_seq.num 
_entity_poly_seq.mon_id 
_entity_poly_seq.hetero 
1 1  DG n 
1 2  DA n 
1 3  DG n 
1 4  DC n 
1 5  DA n 
1 6  DG n 
1 7  DA n 
1 8  DC n 
1 9  DC n 
1 10 DA n 
1 11 DG n 
1 12 DA n 
1 13 DC n 
1 14 DA n 
1 15 DC n 
1 16 DC n 
1 17 DA n 
1 18 DC n 
1 19 DT n 
1 20 DC n 
1 21 DA n 
2 1  DT n 
2 2  DG n 
2 3  DT n 
2 4  DC n 
2 5  DT n 
3 1  DT n 
3 2  DC n 
3 3  DT n 
3 4  DG n 
3 5  DA n 
3 6  DG n 
3 7  DT n 
3 8  DG n 
3 9  DG n 
4 1  DG n 
4 2  DG n 
4 3  DT n 
4 4  DC n 
4 5  DT n 
4 6  DG n 
4 7  DC n 
# 
loop_
_pdbx_entity_src_syn.entity_id 
_pdbx_entity_src_syn.pdbx_src_id 
_pdbx_entity_src_syn.pdbx_alt_source_flag 
_pdbx_entity_src_syn.pdbx_beg_seq_num 
_pdbx_entity_src_syn.pdbx_end_seq_num 
_pdbx_entity_src_syn.organism_scientific 
_pdbx_entity_src_syn.organism_common_name 
_pdbx_entity_src_syn.ncbi_taxonomy_id 
_pdbx_entity_src_syn.details 
1 1 sample 1 21 'synthetic construct' ? 32630 ? 
2 1 sample 1 5  'synthetic construct' ? 32630 ? 
3 1 sample 1 9  'synthetic construct' ? 32630 ? 
4 1 sample 1 7  'synthetic construct' ? 32630 ? 
# 
loop_
_struct_ref.id 
_struct_ref.db_name 
_struct_ref.db_code 
_struct_ref.pdbx_db_accession 
_struct_ref.pdbx_db_isoform 
_struct_ref.entity_id 
_struct_ref.pdbx_seq_one_letter_code 
_struct_ref.pdbx_align_begin 
1 PDB 6WSO 6WSO ? 1 ? 1 
2 PDB 6WSO 6WSO ? 2 ? 1 
3 PDB 6WSO 6WSO ? 3 ? 1 
4 PDB 6WSO 6WSO ? 4 ? 1 
# 
loop_
_struct_ref_seq.align_id 
_struct_ref_seq.ref_id 
_struct_ref_seq.pdbx_PDB_id_code 
_struct_ref_seq.pdbx_strand_id 
_struct_ref_seq.seq_align_beg 
_struct_ref_seq.pdbx_seq_align_beg_ins_code 
_struct_ref_seq.seq_align_end 
_struct_ref_seq.pdbx_seq_align_end_ins_code 
_struct_ref_seq.pdbx_db_accession 
_struct_ref_seq.db_align_beg 
_struct_ref_seq.pdbx_db_align_beg_ins_code 
_struct_ref_seq.db_align_end 
_struct_ref_seq.pdbx_db_align_end_ins_code 
_struct_ref_seq.pdbx_auth_seq_align_beg 
_struct_ref_seq.pdbx_auth_seq_align_end 
1 1 6WSO A 1 ? 21 ? 6WSO 1  ? 21 ? 1  21 
2 2 6WSO B 1 ? 5  ? 6WSO 1  ? 5  ? 1  5  
3 3 6WSO C 1 ? 9  ? 6WSO 1  ? 9  ? 1  9  
4 4 6WSO D 1 ? 7  ? 6WSO 10 ? 16 ? 10 16 
# 
loop_
_chem_comp.id 
_chem_comp.type 
_chem_comp.mon_nstd_flag 
_chem_comp.name 
_chem_comp.pdbx_synonyms 
_chem_comp.formula 
_chem_comp.formula_weight 
CAC non-polymer   . 'CACODYLATE ION'                     dimethylarsinate 'C2 H6 As O2 -1'  136.989 
DA  'DNA linking' y "2'-DEOXYADENOSINE-5'-MONOPHOSPHATE" ?                'C10 H14 N5 O6 P' 331.222 
DC  'DNA linking' y "2'-DEOXYCYTIDINE-5'-MONOPHOSPHATE"  ?                'C9 H14 N3 O7 P'  307.197 
DG  'DNA linking' y "2'-DEOXYGUANOSINE-5'-MONOPHOSPHATE" ?                'C10 H14 N5 O7 P' 347.221 
DT  'DNA linking' y "THYMIDINE-5'-MONOPHOSPHATE"         ?                'C10 H15 N2 O8 P' 322.208 
# 
_exptl.absorpt_coefficient_mu     ? 
_exptl.absorpt_correction_T_max   ? 
_exptl.absorpt_correction_T_min   ? 
_exptl.absorpt_correction_type    ? 
_exptl.absorpt_process_details    ? 
_exptl.entry_id                   6WSO 
_exptl.crystals_number            1 
_exptl.details                    ? 
_exptl.method                     'X-RAY DIFFRACTION' 
_exptl.method_details             ? 
# 
_exptl_crystal.colour                      ? 
_exptl_crystal.density_diffrn              ? 
_exptl_crystal.density_Matthews            6.41 
_exptl_crystal.density_method              ? 
_exptl_crystal.density_percent_sol         80.80 
_exptl_crystal.description                 ? 
_exptl_crystal.F_000                       ? 
_exptl_crystal.id                          1 
_exptl_crystal.preparation                 ? 
_exptl_crystal.size_max                    ? 
_exptl_crystal.size_mid                    ? 
_exptl_crystal.size_min                    ? 
_exptl_crystal.size_rad                    ? 
_exptl_crystal.colour_lustre               ? 
_exptl_crystal.colour_modifier             ? 
_exptl_crystal.colour_primary              ? 
_exptl_crystal.density_meas                ? 
_exptl_crystal.density_meas_esd            ? 
_exptl_crystal.density_meas_gt             ? 
_exptl_crystal.density_meas_lt             ? 
_exptl_crystal.density_meas_temp           ? 
_exptl_crystal.density_meas_temp_esd       ? 
_exptl_crystal.density_meas_temp_gt        ? 
_exptl_crystal.density_meas_temp_lt        ? 
_exptl_crystal.pdbx_crystal_image_url      ? 
_exptl_crystal.pdbx_crystal_image_format   ? 
_exptl_crystal.pdbx_mosaicity              ? 
_exptl_crystal.pdbx_mosaicity_esd          ? 
# 
_exptl_crystal_grow.apparatus       ? 
_exptl_crystal_grow.atmosphere      ? 
_exptl_crystal_grow.crystal_id      1 
_exptl_crystal_grow.details         ? 
_exptl_crystal_grow.method          'VAPOR DIFFUSION, SITTING DROP' 
_exptl_crystal_grow.method_ref      ? 
_exptl_crystal_grow.pH              ? 
_exptl_crystal_grow.pressure        ? 
_exptl_crystal_grow.pressure_esd    ? 
_exptl_crystal_grow.seeding         ? 
_exptl_crystal_grow.seeding_ref     ? 
_exptl_crystal_grow.temp            298 
_exptl_crystal_grow.temp_details    'temperature gradient generated from 60 to 25 C at 0.3 degrees per hour' 
_exptl_crystal_grow.temp_esd        ? 
_exptl_crystal_grow.time            ? 
_exptl_crystal_grow.pdbx_details    
;0.5 mL of 0.05 M Cacodylate pH 7.0 with 18 mM MgCl2, 2.25 mM spermine, 0.9 mM CoH18N6, and 4.5% MPD was added to the reservoir with 2 uL added to the drop containing 4 uL of DNA stock
;
_exptl_crystal_grow.pdbx_pH_range   ? 
# 
_diffrn.ambient_environment              ? 
_diffrn.ambient_temp                     100 
_diffrn.ambient_temp_details             ? 
_diffrn.ambient_temp_esd                 ? 
_diffrn.crystal_id                       1 
_diffrn.crystal_support                  ? 
_diffrn.crystal_treatment                ? 
_diffrn.details                          ? 
_diffrn.id                               1 
_diffrn.ambient_pressure                 ? 
_diffrn.ambient_pressure_esd             ? 
_diffrn.ambient_pressure_gt              ? 
_diffrn.ambient_pressure_lt              ? 
_diffrn.ambient_temp_gt                  ? 
_diffrn.ambient_temp_lt                  ? 
_diffrn.pdbx_serial_crystal_experiment   N 
# 
_diffrn_detector.details                      ? 
_diffrn_detector.detector                     PIXEL 
_diffrn_detector.diffrn_id                    1 
_diffrn_detector.type                         'DECTRIS PILATUS3 6M' 
_diffrn_detector.area_resol_mean              ? 
_diffrn_detector.dtime                        ? 
_diffrn_detector.pdbx_frames_total            ? 
_diffrn_detector.pdbx_collection_time_total   ? 
_diffrn_detector.pdbx_collection_date         2018-08-15 
_diffrn_detector.pdbx_frequency               ? 
# 
_diffrn_radiation.collimation                      ? 
_diffrn_radiation.diffrn_id                        1 
_diffrn_radiation.filter_edge                      ? 
_diffrn_radiation.inhomogeneity                    ? 
_diffrn_radiation.monochromator                    ? 
_diffrn_radiation.polarisn_norm                    ? 
_diffrn_radiation.polarisn_ratio                   ? 
_diffrn_radiation.probe                            ? 
_diffrn_radiation.type                             ? 
_diffrn_radiation.xray_symbol                      ? 
_diffrn_radiation.wavelength_id                    1 
_diffrn_radiation.pdbx_monochromatic_or_laue_m_l   M 
_diffrn_radiation.pdbx_wavelength_list             ? 
_diffrn_radiation.pdbx_wavelength                  ? 
_diffrn_radiation.pdbx_diffrn_protocol             'SINGLE WAVELENGTH' 
_diffrn_radiation.pdbx_analyzer                    ? 
_diffrn_radiation.pdbx_scattering_type             x-ray 
# 
_diffrn_radiation_wavelength.id           1 
_diffrn_radiation_wavelength.wavelength   0.92 
_diffrn_radiation_wavelength.wt           1.0 
# 
_diffrn_source.current                     ? 
_diffrn_source.details                     ? 
_diffrn_source.diffrn_id                   1 
_diffrn_source.power                       ? 
_diffrn_source.size                        ? 
_diffrn_source.source                      SYNCHROTRON 
_diffrn_source.target                      ? 
_diffrn_source.type                        'APS BEAMLINE 19-ID' 
_diffrn_source.voltage                     ? 
_diffrn_source.take-off_angle              ? 
_diffrn_source.pdbx_wavelength_list        0.92 
_diffrn_source.pdbx_wavelength             ? 
_diffrn_source.pdbx_synchrotron_beamline   19-ID 
_diffrn_source.pdbx_synchrotron_site       APS 
# 
_reflns.B_iso_Wilson_estimate            128.110 
_reflns.entry_id                         6WSO 
_reflns.data_reduction_details           ? 
_reflns.data_reduction_method            ? 
_reflns.d_resolution_high                3.100 
_reflns.d_resolution_low                 50.000 
_reflns.details                          ? 
_reflns.limit_h_max                      ? 
_reflns.limit_h_min                      ? 
_reflns.limit_k_max                      ? 
_reflns.limit_k_min                      ? 
_reflns.limit_l_max                      ? 
_reflns.limit_l_min                      ? 
_reflns.number_all                       ? 
_reflns.number_obs                       5407 
_reflns.observed_criterion               ? 
_reflns.observed_criterion_F_max         ? 
_reflns.observed_criterion_F_min         ? 
_reflns.observed_criterion_I_max         ? 
_reflns.observed_criterion_I_min         ? 
_reflns.observed_criterion_sigma_F       ? 
_reflns.observed_criterion_sigma_I       ? 
_reflns.percent_possible_obs             94.000 
_reflns.R_free_details                   ? 
_reflns.Rmerge_F_all                     ? 
_reflns.Rmerge_F_obs                     ? 
_reflns.Friedel_coverage                 ? 
_reflns.number_gt                        ? 
_reflns.threshold_expression             ? 
_reflns.pdbx_redundancy                  9.400 
_reflns.pdbx_Rmerge_I_obs                0.098 
_reflns.pdbx_Rmerge_I_all                ? 
_reflns.pdbx_Rsym_value                  ? 
_reflns.pdbx_netI_over_av_sigmaI         ? 
_reflns.pdbx_netI_over_sigmaI            6.300 
_reflns.pdbx_res_netI_over_av_sigmaI_2   ? 
_reflns.pdbx_res_netI_over_sigmaI_2      ? 
_reflns.pdbx_chi_squared                 3.289 
_reflns.pdbx_scaling_rejects             ? 
_reflns.pdbx_d_res_high_opt              ? 
_reflns.pdbx_d_res_low_opt               ? 
_reflns.pdbx_d_res_opt_method            ? 
_reflns.phase_calculation_details        ? 
_reflns.pdbx_Rrim_I_all                  0.103 
_reflns.pdbx_Rpim_I_all                  0.032 
_reflns.pdbx_d_opt                       ? 
_reflns.pdbx_number_measured_all         ? 
_reflns.pdbx_diffrn_id                   1 
_reflns.pdbx_ordinal                     1 
_reflns.pdbx_CC_half                     0.857 
_reflns.pdbx_CC_star                     ? 
_reflns.pdbx_R_split                     ? 
# 
loop_
_reflns_shell.d_res_high 
_reflns_shell.d_res_low 
_reflns_shell.meanI_over_sigI_all 
_reflns_shell.meanI_over_sigI_obs 
_reflns_shell.number_measured_all 
_reflns_shell.number_measured_obs 
_reflns_shell.number_possible 
_reflns_shell.number_unique_all 
_reflns_shell.number_unique_obs 
_reflns_shell.percent_possible_all 
_reflns_shell.percent_possible_obs 
_reflns_shell.Rmerge_F_all 
_reflns_shell.Rmerge_F_obs 
_reflns_shell.Rmerge_I_all 
_reflns_shell.Rmerge_I_obs 
_reflns_shell.meanI_over_sigI_gt 
_reflns_shell.meanI_over_uI_all 
_reflns_shell.meanI_over_uI_gt 
_reflns_shell.number_measured_gt 
_reflns_shell.number_unique_gt 
_reflns_shell.percent_possible_gt 
_reflns_shell.Rmerge_F_gt 
_reflns_shell.Rmerge_I_gt 
_reflns_shell.pdbx_redundancy 
_reflns_shell.pdbx_Rsym_value 
_reflns_shell.pdbx_chi_squared 
_reflns_shell.pdbx_netI_over_sigmaI_all 
_reflns_shell.pdbx_netI_over_sigmaI_obs 
_reflns_shell.pdbx_Rrim_I_all 
_reflns_shell.pdbx_Rpim_I_all 
_reflns_shell.pdbx_rejects 
_reflns_shell.pdbx_ordinal 
_reflns_shell.pdbx_diffrn_id 
_reflns_shell.pdbx_CC_half 
_reflns_shell.pdbx_CC_star 
_reflns_shell.pdbx_R_split 
3.100 3.150  ? ? ? ? ? ? 191 62.200  ? ? ? ? 0.792 ? ? ? ? ? ? ? ? 7.600  ? 0.511  ? ? 0.842 0.279 ? 1  1 0.856 ? ? 
3.150 3.210  ? ? ? ? ? ? 174 68.000  ? ? ? ? 0.355 ? ? ? ? ? ? ? ? 7.600  ? 0.648  ? ? 0.376 0.124 ? 2  1 0.982 ? ? 
3.210 3.270  ? ? ? ? ? ? 261 83.700  ? ? ? ? 0.203 ? ? ? ? ? ? ? ? 7.400  ? 1.273  ? ? 0.214 0.068 ? 3  1 0.995 ? ? 
3.270 3.340  ? ? ? ? ? ? 227 85.300  ? ? ? ? 0.350 ? ? ? ? ? ? ? ? 7.700  ? 0.687  ? ? 0.371 0.121 ? 4  1 0.993 ? ? 
3.340 3.410  ? ? ? ? ? ? 279 91.800  ? ? ? ? 0.268 ? ? ? ? ? ? ? ? 8.500  ? 0.795  ? ? 0.283 0.091 ? 5  1 0.981 ? ? 
3.410 3.490  ? ? ? ? ? ? 288 95.000  ? ? ? ? 0.325 ? ? ? ? ? ? ? ? 8.500  ? 0.634  ? ? 0.343 0.110 ? 6  1 0.982 ? ? 
3.490 3.580  ? ? ? ? ? ? 237 97.100  ? ? ? ? 0.280 ? ? ? ? ? ? ? ? 8.700  ? 0.761  ? ? 0.296 0.095 ? 7  1 0.988 ? ? 
3.580 3.680  ? ? ? ? ? ? 301 99.000  ? ? ? ? 0.345 ? ? ? ? ? ? ? ? 8.800  ? 0.743  ? ? 0.366 0.118 ? 8  1 0.984 ? ? 
3.680 3.780  ? ? ? ? ? ? 287 99.700  ? ? ? ? 0.383 ? ? ? ? ? ? ? ? 8.600  ? 0.640  ? ? 0.406 0.135 ? 9  1 0.978 ? ? 
3.780 3.910  ? ? ? ? ? ? 285 100.000 ? ? ? ? 0.298 ? ? ? ? ? ? ? ? 10.300 ? 1.080  ? ? 0.313 0.097 ? 10 1 0.975 ? ? 
3.910 4.040  ? ? ? ? ? ? 310 100.000 ? ? ? ? 0.235 ? ? ? ? ? ? ? ? 10.400 ? 1.143  ? ? 0.247 0.077 ? 11 1 0.985 ? ? 
4.040 4.210  ? ? ? ? ? ? 258 100.000 ? ? ? ? 0.201 ? ? ? ? ? ? ? ? 10.600 ? 0.916  ? ? 0.211 0.065 ? 12 1 0.989 ? ? 
4.210 4.400  ? ? ? ? ? ? 293 100.000 ? ? ? ? 0.164 ? ? ? ? ? ? ? ? 10.200 ? 1.386  ? ? 0.173 0.054 ? 13 1 0.985 ? ? 
4.400 4.630  ? ? ? ? ? ? 294 100.000 ? ? ? ? 0.155 ? ? ? ? ? ? ? ? 10.200 ? 1.678  ? ? 0.163 0.051 ? 14 1 0.985 ? ? 
4.630 4.920  ? ? ? ? ? ? 301 100.000 ? ? ? ? 0.116 ? ? ? ? ? ? ? ? 9.200  ? 2.124  ? ? 0.123 0.039 ? 15 1 0.993 ? ? 
4.920 5.300  ? ? ? ? ? ? 288 100.000 ? ? ? ? 0.102 ? ? ? ? ? ? ? ? 10.500 ? 3.516  ? ? 0.108 0.033 ? 16 1 0.987 ? ? 
5.300 5.830  ? ? ? ? ? ? 269 100.000 ? ? ? ? 0.094 ? ? ? ? ? ? ? ? 10.500 ? 4.585  ? ? 0.099 0.030 ? 17 1 0.983 ? ? 
5.830 6.670  ? ? ? ? ? ? 294 100.000 ? ? ? ? 0.095 ? ? ? ? ? ? ? ? 10.300 ? 6.865  ? ? 0.100 0.031 ? 18 1 0.982 ? ? 
6.670 8.400  ? ? ? ? ? ? 284 99.600  ? ? ? ? 0.070 ? ? ? ? ? ? ? ? 9.700  ? 10.214 ? ? 0.074 0.023 ? 19 1 0.991 ? ? 
8.400 50.000 ? ? ? ? ? ? 286 97.900  ? ? ? ? 0.087 ? ? ? ? ? ? ? ? 10.100 ? 18.876 ? ? 0.092 0.029 ? 20 1 0.984 ? ? 
# 
_refine.aniso_B[1][1]                            ? 
_refine.aniso_B[1][2]                            ? 
_refine.aniso_B[1][3]                            ? 
_refine.aniso_B[2][2]                            ? 
_refine.aniso_B[2][3]                            ? 
_refine.aniso_B[3][3]                            ? 
_refine.B_iso_max                                365.960 
_refine.B_iso_mean                               139.6839 
_refine.B_iso_min                                66.900 
_refine.correlation_coeff_Fo_to_Fc               ? 
_refine.correlation_coeff_Fo_to_Fc_free          ? 
_refine.details                                  ? 
_refine.diff_density_max                         ? 
_refine.diff_density_max_esd                     ? 
_refine.diff_density_min                         ? 
_refine.diff_density_min_esd                     ? 
_refine.diff_density_rms                         ? 
_refine.diff_density_rms_esd                     ? 
_refine.entry_id                                 6WSO 
_refine.pdbx_refine_id                           'X-RAY DIFFRACTION' 
_refine.ls_abs_structure_details                 ? 
_refine.ls_abs_structure_Flack                   ? 
_refine.ls_abs_structure_Flack_esd               ? 
_refine.ls_abs_structure_Rogers                  ? 
_refine.ls_abs_structure_Rogers_esd              ? 
_refine.ls_d_res_high                            3.1060 
_refine.ls_d_res_low                             29.8510 
_refine.ls_extinction_coef                       ? 
_refine.ls_extinction_coef_esd                   ? 
_refine.ls_extinction_expression                 ? 
_refine.ls_extinction_method                     ? 
_refine.ls_goodness_of_fit_all                   ? 
_refine.ls_goodness_of_fit_all_esd               ? 
_refine.ls_goodness_of_fit_obs                   ? 
_refine.ls_goodness_of_fit_obs_esd               ? 
_refine.ls_hydrogen_treatment                    ? 
_refine.ls_matrix_type                           ? 
_refine.ls_number_constraints                    ? 
_refine.ls_number_parameters                     ? 
_refine.ls_number_reflns_all                     ? 
_refine.ls_number_reflns_obs                     5314 
_refine.ls_number_reflns_R_free                  276 
_refine.ls_number_reflns_R_work                  ? 
_refine.ls_number_restraints                     ? 
_refine.ls_percent_reflns_obs                    92.6100 
_refine.ls_percent_reflns_R_free                 5.1900 
_refine.ls_R_factor_all                          ? 
_refine.ls_R_factor_obs                          0.2001 
_refine.ls_R_factor_R_free                       0.2223 
_refine.ls_R_factor_R_free_error                 ? 
_refine.ls_R_factor_R_free_error_details         ? 
_refine.ls_R_factor_R_work                       0.1987 
_refine.ls_R_Fsqd_factor_obs                     ? 
_refine.ls_R_I_factor_obs                        ? 
_refine.ls_redundancy_reflns_all                 ? 
_refine.ls_redundancy_reflns_obs                 ? 
_refine.ls_restrained_S_all                      ? 
_refine.ls_restrained_S_obs                      ? 
_refine.ls_shift_over_esd_max                    ? 
_refine.ls_shift_over_esd_mean                   ? 
_refine.ls_structure_factor_coef                 ? 
_refine.ls_weighting_details                     ? 
_refine.ls_weighting_scheme                      ? 
_refine.ls_wR_factor_all                         ? 
_refine.ls_wR_factor_obs                         ? 
_refine.ls_wR_factor_R_free                      ? 
_refine.ls_wR_factor_R_work                      ? 
_refine.occupancy_max                            ? 
_refine.occupancy_min                            ? 
_refine.solvent_model_details                    ? 
_refine.solvent_model_param_bsol                 ? 
_refine.solvent_model_param_ksol                 ? 
_refine.pdbx_R_complete                          ? 
_refine.ls_R_factor_gt                           ? 
_refine.ls_goodness_of_fit_gt                    ? 
_refine.ls_goodness_of_fit_ref                   ? 
_refine.ls_shift_over_su_max                     ? 
_refine.ls_shift_over_su_max_lt                  ? 
_refine.ls_shift_over_su_mean                    ? 
_refine.ls_shift_over_su_mean_lt                 ? 
_refine.pdbx_ls_sigma_I                          ? 
_refine.pdbx_ls_sigma_F                          2.000 
_refine.pdbx_ls_sigma_Fsqd                       ? 
_refine.pdbx_data_cutoff_high_absF               ? 
_refine.pdbx_data_cutoff_high_rms_absF           ? 
_refine.pdbx_data_cutoff_low_absF                ? 
_refine.pdbx_isotropic_thermal_model             ? 
_refine.pdbx_ls_cross_valid_method               THROUGHOUT 
_refine.pdbx_method_to_determine_struct          'MOLECULAR REPLACEMENT' 
_refine.pdbx_starting_model                      5KEK 
_refine.pdbx_stereochemistry_target_values       ? 
_refine.pdbx_R_Free_selection_details            ? 
_refine.pdbx_stereochem_target_val_spec_case     ? 
_refine.pdbx_overall_ESU_R                       ? 
_refine.pdbx_overall_ESU_R_Free                  ? 
_refine.pdbx_solvent_vdw_probe_radii             1.1100 
_refine.pdbx_solvent_ion_probe_radii             ? 
_refine.pdbx_solvent_shrinkage_radii             0.9000 
_refine.pdbx_real_space_R                        ? 
_refine.pdbx_density_correlation                 ? 
_refine.pdbx_pd_number_of_powder_patterns        ? 
_refine.pdbx_pd_number_of_points                 ? 
_refine.pdbx_pd_meas_number_of_points            ? 
_refine.pdbx_pd_proc_ls_prof_R_factor            ? 
_refine.pdbx_pd_proc_ls_prof_wR_factor           ? 
_refine.pdbx_pd_Marquardt_correlation_coeff      ? 
_refine.pdbx_pd_Fsqrd_R_factor                   ? 
_refine.pdbx_pd_ls_matrix_band_width             ? 
_refine.pdbx_overall_phase_error                 29.9700 
_refine.pdbx_overall_SU_R_free_Cruickshank_DPI   ? 
_refine.pdbx_overall_SU_R_free_Blow_DPI          ? 
_refine.pdbx_overall_SU_R_Blow_DPI               ? 
_refine.pdbx_TLS_residual_ADP_flag               ? 
_refine.pdbx_diffrn_id                           1 
_refine.overall_SU_B                             ? 
_refine.overall_SU_ML                            0.3300 
_refine.overall_SU_R_Cruickshank_DPI             ? 
_refine.overall_SU_R_free                        ? 
_refine.overall_FOM_free_R_set                   ? 
_refine.overall_FOM_work_R_set                   ? 
_refine.pdbx_average_fsc_overall                 ? 
_refine.pdbx_average_fsc_work                    ? 
_refine.pdbx_average_fsc_free                    ? 
# 
_refine_hist.pdbx_refine_id                   'X-RAY DIFFRACTION' 
_refine_hist.cycle_id                         final 
_refine_hist.details                          ? 
_refine_hist.d_res_high                       3.1060 
_refine_hist.d_res_low                        29.8510 
_refine_hist.number_atoms_solvent             0 
_refine_hist.number_atoms_total               858 
_refine_hist.number_reflns_all                ? 
_refine_hist.number_reflns_obs                ? 
_refine_hist.number_reflns_R_free             ? 
_refine_hist.number_reflns_R_work             ? 
_refine_hist.R_factor_all                     ? 
_refine_hist.R_factor_obs                     ? 
_refine_hist.R_factor_R_free                  ? 
_refine_hist.R_factor_R_work                  ? 
_refine_hist.pdbx_number_residues_total       42 
_refine_hist.pdbx_B_iso_mean_ligand           254.48 
_refine_hist.pdbx_B_iso_mean_solvent          ? 
_refine_hist.pdbx_number_atoms_protein        0 
_refine_hist.pdbx_number_atoms_nucleic_acid   855 
_refine_hist.pdbx_number_atoms_ligand         3 
_refine_hist.pdbx_number_atoms_lipid          ? 
_refine_hist.pdbx_number_atoms_carb           ? 
_refine_hist.pdbx_pseudo_atom_details         ? 
# 
loop_
_refine_ls_restr.pdbx_refine_id 
_refine_ls_restr.criterion 
_refine_ls_restr.dev_ideal 
_refine_ls_restr.dev_ideal_target 
_refine_ls_restr.number 
_refine_ls_restr.rejects 
_refine_ls_restr.type 
_refine_ls_restr.weight 
_refine_ls_restr.pdbx_restraint_function 
'X-RAY DIFFRACTION' ? 0.010  ? 956  ? f_bond_d           ? ? 
'X-RAY DIFFRACTION' ? 0.962  ? 1467 ? f_angle_d          ? ? 
'X-RAY DIFFRACTION' ? 0.049  ? 166  ? f_chiral_restr     ? ? 
'X-RAY DIFFRACTION' ? 0.006  ? 42   ? f_plane_restr      ? ? 
'X-RAY DIFFRACTION' ? 34.071 ? 406  ? f_dihedral_angle_d ? ? 
# 
loop_
_refine_ls_shell.pdbx_refine_id 
_refine_ls_shell.d_res_high 
_refine_ls_shell.d_res_low 
_refine_ls_shell.number_reflns_all 
_refine_ls_shell.number_reflns_obs 
_refine_ls_shell.number_reflns_R_free 
_refine_ls_shell.number_reflns_R_work 
_refine_ls_shell.percent_reflns_obs 
_refine_ls_shell.percent_reflns_R_free 
_refine_ls_shell.R_factor_all 
_refine_ls_shell.R_factor_obs 
_refine_ls_shell.R_factor_R_free 
_refine_ls_shell.R_factor_R_free_error 
_refine_ls_shell.R_factor_R_work 
_refine_ls_shell.redundancy_reflns_all 
_refine_ls_shell.redundancy_reflns_obs 
_refine_ls_shell.wR_factor_all 
_refine_ls_shell.wR_factor_obs 
_refine_ls_shell.wR_factor_R_free 
_refine_ls_shell.wR_factor_R_work 
_refine_ls_shell.pdbx_R_complete 
_refine_ls_shell.pdbx_total_number_of_bins_used 
_refine_ls_shell.pdbx_phase_error 
_refine_ls_shell.pdbx_fsc_work 
_refine_ls_shell.pdbx_fsc_free 
'X-RAY DIFFRACTION' 3.1060 3.9117  . . 115 2338 86.0000  . . . 0.3281 0.0000 0.3392 . . . . . . . . . . . 
'X-RAY DIFFRACTION' 3.9117 29.8510 . . 161 2700 100.0000 . . . 0.2058 0.0000 0.1723 . . . . . . . . . . . 
# 
_struct.entry_id                     6WSO 
_struct.title                        
'Self-assembly of a 3D DNA crystal lattice (4x5 duplex version) containing the J8 immobile Holliday junction' 
_struct.pdbx_model_details           ? 
_struct.pdbx_formula_weight          ? 
_struct.pdbx_formula_weight_method   ? 
_struct.pdbx_model_type_details      ? 
_struct.pdbx_CASP_flag               N 
# 
_struct_keywords.entry_id        6WSO 
_struct_keywords.text            
'Structural DNA nanotechnology, immobile Holliday junctions, 3D DNA self-assembly, designer DNA crystals, DNA' 
_struct_keywords.pdbx_keywords   DNA 
# 
loop_
_struct_asym.id 
_struct_asym.pdbx_blank_PDB_chainid_flag 
_struct_asym.pdbx_modified 
_struct_asym.entity_id 
_struct_asym.details 
A N N 1 ? 
B N N 2 ? 
C N N 3 ? 
D N N 4 ? 
E N N 5 ? 
F N N 5 ? 
G N N 5 ? 
# 
loop_
_struct_conn.id 
_struct_conn.conn_type_id 
_struct_conn.pdbx_leaving_atom_flag 
_struct_conn.pdbx_PDB_id 
_struct_conn.ptnr1_label_asym_id 
_struct_conn.ptnr1_label_comp_id 
_struct_conn.ptnr1_label_seq_id 
_struct_conn.ptnr1_label_atom_id 
_struct_conn.pdbx_ptnr1_label_alt_id 
_struct_conn.pdbx_ptnr1_PDB_ins_code 
_struct_conn.pdbx_ptnr1_standard_comp_id 
_struct_conn.ptnr1_symmetry 
_struct_conn.ptnr2_label_asym_id 
_struct_conn.ptnr2_label_comp_id 
_struct_conn.ptnr2_label_seq_id 
_struct_conn.ptnr2_label_atom_id 
_struct_conn.pdbx_ptnr2_label_alt_id 
_struct_conn.pdbx_ptnr2_PDB_ins_code 
_struct_conn.ptnr1_auth_asym_id 
_struct_conn.ptnr1_auth_comp_id 
_struct_conn.ptnr1_auth_seq_id 
_struct_conn.ptnr2_auth_asym_id 
_struct_conn.ptnr2_auth_comp_id 
_struct_conn.ptnr2_auth_seq_id 
_struct_conn.ptnr2_symmetry 
_struct_conn.pdbx_ptnr3_label_atom_id 
_struct_conn.pdbx_ptnr3_label_seq_id 
_struct_conn.pdbx_ptnr3_label_comp_id 
_struct_conn.pdbx_ptnr3_label_asym_id 
_struct_conn.pdbx_ptnr3_label_alt_id 
_struct_conn.pdbx_ptnr3_PDB_ins_code 
_struct_conn.details 
_struct_conn.pdbx_dist_value 
_struct_conn.pdbx_value_order 
_struct_conn.pdbx_role 
hydrog1  hydrog ? ? A DG 3  N1 ? ? ? 1_555 D DC 7 N3 ? ? A DG 3  D DC 16 1_555 ? ? ? ? ? ? WATSON-CRICK ? ? ? 
hydrog2  hydrog ? ? A DG 3  N2 ? ? ? 1_555 D DC 7 O2 ? ? A DG 3  D DC 16 1_555 ? ? ? ? ? ? WATSON-CRICK ? ? ? 
hydrog3  hydrog ? ? A DG 3  O6 ? ? ? 1_555 D DC 7 N4 ? ? A DG 3  D DC 16 1_555 ? ? ? ? ? ? WATSON-CRICK ? ? ? 
hydrog4  hydrog ? ? A DC 4  N3 ? ? ? 1_555 D DG 6 N1 ? ? A DC 4  D DG 15 1_555 ? ? ? ? ? ? WATSON-CRICK ? ? ? 
hydrog5  hydrog ? ? A DC 4  N4 ? ? ? 1_555 D DG 6 O6 ? ? A DC 4  D DG 15 1_555 ? ? ? ? ? ? WATSON-CRICK ? ? ? 
hydrog6  hydrog ? ? A DC 4  O2 ? ? ? 1_555 D DG 6 N2 ? ? A DC 4  D DG 15 1_555 ? ? ? ? ? ? WATSON-CRICK ? ? ? 
hydrog7  hydrog ? ? A DG 6  N1 ? ? ? 1_555 D DC 4 N3 ? ? A DG 6  D DC 13 1_555 ? ? ? ? ? ? WATSON-CRICK ? ? ? 
hydrog8  hydrog ? ? A DG 6  N2 ? ? ? 1_555 D DC 4 O2 ? ? A DG 6  D DC 13 1_555 ? ? ? ? ? ? WATSON-CRICK ? ? ? 
hydrog9  hydrog ? ? A DG 6  O6 ? ? ? 1_555 D DC 4 N4 ? ? A DG 6  D DC 13 1_555 ? ? ? ? ? ? WATSON-CRICK ? ? ? 
hydrog10 hydrog ? ? A DA 7  N1 ? ? ? 1_555 D DT 3 N3 ? ? A DA 7  D DT 12 1_555 ? ? ? ? ? ? WATSON-CRICK ? ? ? 
hydrog11 hydrog ? ? A DA 7  N6 ? ? ? 1_555 D DT 3 O4 ? ? A DA 7  D DT 12 1_555 ? ? ? ? ? ? WATSON-CRICK ? ? ? 
hydrog12 hydrog ? ? A DC 8  N3 ? ? ? 1_555 D DG 2 N1 ? ? A DC 8  D DG 11 1_555 ? ? ? ? ? ? WATSON-CRICK ? ? ? 
hydrog13 hydrog ? ? A DC 8  N4 ? ? ? 1_555 D DG 2 O6 ? ? A DC 8  D DG 11 1_555 ? ? ? ? ? ? WATSON-CRICK ? ? ? 
hydrog14 hydrog ? ? A DC 8  O2 ? ? ? 1_555 D DG 2 N2 ? ? A DC 8  D DG 11 1_555 ? ? ? ? ? ? WATSON-CRICK ? ? ? 
hydrog15 hydrog ? ? A DC 9  N3 ? ? ? 1_555 D DG 1 N1 ? ? A DC 9  D DG 10 1_555 ? ? ? ? ? ? WATSON-CRICK ? ? ? 
hydrog16 hydrog ? ? A DC 9  N4 ? ? ? 1_555 D DG 1 O6 ? ? A DC 9  D DG 10 1_555 ? ? ? ? ? ? WATSON-CRICK ? ? ? 
hydrog17 hydrog ? ? A DC 9  O2 ? ? ? 1_555 D DG 1 N2 ? ? A DC 9  D DG 10 1_555 ? ? ? ? ? ? WATSON-CRICK ? ? ? 
hydrog18 hydrog ? ? A DA 10 N1 ? ? ? 1_555 B DT 5 N3 ? ? A DA 10 B DT 5  1_555 ? ? ? ? ? ? WATSON-CRICK ? ? ? 
hydrog19 hydrog ? ? A DA 10 N6 ? ? ? 1_555 B DT 5 O4 ? ? A DA 10 B DT 5  1_555 ? ? ? ? ? ? WATSON-CRICK ? ? ? 
hydrog20 hydrog ? ? A DG 11 N1 ? ? ? 1_555 B DC 4 N3 ? ? A DG 11 B DC 4  1_555 ? ? ? ? ? ? WATSON-CRICK ? ? ? 
hydrog21 hydrog ? ? A DG 11 N2 ? ? ? 1_555 B DC 4 O2 ? ? A DG 11 B DC 4  1_555 ? ? ? ? ? ? WATSON-CRICK ? ? ? 
hydrog22 hydrog ? ? A DG 11 O6 ? ? ? 1_555 B DC 4 N4 ? ? A DG 11 B DC 4  1_555 ? ? ? ? ? ? WATSON-CRICK ? ? ? 
hydrog23 hydrog ? ? A DA 12 N1 ? ? ? 1_555 B DT 3 N3 ? ? A DA 12 B DT 3  1_555 ? ? ? ? ? ? WATSON-CRICK ? ? ? 
hydrog24 hydrog ? ? A DA 12 N6 ? ? ? 1_555 B DT 3 O4 ? ? A DA 12 B DT 3  1_555 ? ? ? ? ? ? WATSON-CRICK ? ? ? 
hydrog25 hydrog ? ? A DC 13 N3 ? ? ? 1_555 B DG 2 N1 ? ? A DC 13 B DG 2  1_555 ? ? ? ? ? ? WATSON-CRICK ? ? ? 
hydrog26 hydrog ? ? A DC 13 N4 ? ? ? 1_555 B DG 2 O6 ? ? A DC 13 B DG 2  1_555 ? ? ? ? ? ? WATSON-CRICK ? ? ? 
hydrog27 hydrog ? ? A DC 13 O2 ? ? ? 1_555 B DG 2 N2 ? ? A DC 13 B DG 2  1_555 ? ? ? ? ? ? WATSON-CRICK ? ? ? 
hydrog28 hydrog ? ? A DA 14 N1 ? ? ? 1_555 B DT 1 N3 ? ? A DA 14 B DT 1  1_555 ? ? ? ? ? ? WATSON-CRICK ? ? ? 
hydrog29 hydrog ? ? A DA 14 N6 ? ? ? 1_555 B DT 1 O4 ? ? A DA 14 B DT 1  1_555 ? ? ? ? ? ? WATSON-CRICK ? ? ? 
hydrog30 hydrog ? ? A DC 15 N3 ? ? ? 1_555 C DG 9 N1 ? ? A DC 15 C DG 9  1_555 ? ? ? ? ? ? WATSON-CRICK ? ? ? 
hydrog31 hydrog ? ? A DC 15 N4 ? ? ? 1_555 C DG 9 O6 ? ? A DC 15 C DG 9  1_555 ? ? ? ? ? ? WATSON-CRICK ? ? ? 
hydrog32 hydrog ? ? A DC 15 O2 ? ? ? 1_555 C DG 9 N2 ? ? A DC 15 C DG 9  1_555 ? ? ? ? ? ? WATSON-CRICK ? ? ? 
hydrog33 hydrog ? ? A DC 16 N3 ? ? ? 1_555 C DG 8 N1 ? ? A DC 16 C DG 8  1_555 ? ? ? ? ? ? WATSON-CRICK ? ? ? 
hydrog34 hydrog ? ? A DC 16 N4 ? ? ? 1_555 C DG 8 O6 ? ? A DC 16 C DG 8  1_555 ? ? ? ? ? ? WATSON-CRICK ? ? ? 
hydrog35 hydrog ? ? A DC 16 O2 ? ? ? 1_555 C DG 8 N2 ? ? A DC 16 C DG 8  1_555 ? ? ? ? ? ? WATSON-CRICK ? ? ? 
hydrog36 hydrog ? ? A DA 17 N1 ? ? ? 1_555 C DT 7 N3 ? ? A DA 17 C DT 7  1_555 ? ? ? ? ? ? WATSON-CRICK ? ? ? 
hydrog37 hydrog ? ? A DA 17 N6 ? ? ? 1_555 C DT 7 O4 ? ? A DA 17 C DT 7  1_555 ? ? ? ? ? ? WATSON-CRICK ? ? ? 
hydrog38 hydrog ? ? A DC 18 N3 ? ? ? 1_555 C DG 6 N1 ? ? A DC 18 C DG 6  1_555 ? ? ? ? ? ? WATSON-CRICK ? ? ? 
hydrog39 hydrog ? ? A DC 18 N4 ? ? ? 1_555 C DG 6 O6 ? ? A DC 18 C DG 6  1_555 ? ? ? ? ? ? WATSON-CRICK ? ? ? 
hydrog40 hydrog ? ? A DC 18 O2 ? ? ? 1_555 C DG 6 N2 ? ? A DC 18 C DG 6  1_555 ? ? ? ? ? ? WATSON-CRICK ? ? ? 
hydrog41 hydrog ? ? A DT 19 N3 ? ? ? 1_555 C DA 5 N1 ? ? A DT 19 C DA 5  1_555 ? ? ? ? ? ? WATSON-CRICK ? ? ? 
hydrog42 hydrog ? ? A DT 19 O4 ? ? ? 1_555 C DA 5 N6 ? ? A DT 19 C DA 5  1_555 ? ? ? ? ? ? WATSON-CRICK ? ? ? 
hydrog43 hydrog ? ? A DC 20 N3 ? ? ? 1_555 C DG 4 N1 ? ? A DC 20 C DG 4  1_555 ? ? ? ? ? ? WATSON-CRICK ? ? ? 
hydrog44 hydrog ? ? A DC 20 N4 ? ? ? 1_555 C DG 4 O6 ? ? A DC 20 C DG 4  1_555 ? ? ? ? ? ? WATSON-CRICK ? ? ? 
hydrog45 hydrog ? ? A DC 20 O2 ? ? ? 1_555 C DG 4 N2 ? ? A DC 20 C DG 4  1_555 ? ? ? ? ? ? WATSON-CRICK ? ? ? 
hydrog46 hydrog ? ? A DA 21 N1 ? ? ? 1_555 C DT 3 N3 ? ? A DA 21 C DT 3  1_555 ? ? ? ? ? ? WATSON-CRICK ? ? ? 
hydrog47 hydrog ? ? A DA 21 N6 ? ? ? 1_555 C DT 3 O4 ? ? A DA 21 C DT 3  1_555 ? ? ? ? ? ? WATSON-CRICK ? ? ? 
# 
_struct_conn_type.id          hydrog 
_struct_conn_type.criteria    ? 
_struct_conn_type.reference   ? 
# 
_atom_sites.entry_id                    6WSO 
_atom_sites.Cartn_transf_matrix[1][1]   ? 
_atom_sites.Cartn_transf_matrix[1][2]   ? 
_atom_sites.Cartn_transf_matrix[1][3]   ? 
_atom_sites.Cartn_transf_matrix[2][1]   ? 
_atom_sites.Cartn_transf_matrix[2][2]   ? 
_atom_sites.Cartn_transf_matrix[2][3]   ? 
_atom_sites.Cartn_transf_matrix[3][1]   ? 
_atom_sites.Cartn_transf_matrix[3][2]   ? 
_atom_sites.Cartn_transf_matrix[3][3]   ? 
_atom_sites.Cartn_transf_vector[1]      ? 
_atom_sites.Cartn_transf_vector[2]      ? 
_atom_sites.Cartn_transf_vector[3]      ? 
_atom_sites.fract_transf_matrix[1][1]   -0.00904644 
_atom_sites.fract_transf_matrix[1][2]   0.01139143 
_atom_sites.fract_transf_matrix[1][3]   0.00833057 
_atom_sites.fract_transf_matrix[2][1]   -0.01513459 
_atom_sites.fract_transf_matrix[2][2]   -0.00404614 
_atom_sites.fract_transf_matrix[2][3]   0.00596414 
_atom_sites.fract_transf_matrix[3][1]   0.00697936 
_atom_sites.fract_transf_matrix[3][2]   -0.00495235 
_atom_sites.fract_transf_matrix[3][3]   0.01435108 
_atom_sites.fract_transf_vector[1]      0.078069 
_atom_sites.fract_transf_vector[2]      0.036016 
_atom_sites.fract_transf_vector[3]      0.163054 
_atom_sites.solution_primary            ? 
_atom_sites.solution_secondary          ? 
_atom_sites.solution_hydrogens          ? 
_atom_sites.special_details             ? 
# 
loop_
_atom_type.symbol 
AS 
C  
N  
O  
P  
# 
loop_
_atom_site.group_PDB 
_atom_site.id 
_atom_site.type_symbol 
_atom_site.label_atom_id 
_atom_site.label_alt_id 
_atom_site.label_comp_id 
_atom_site.label_asym_id 
_atom_site.label_entity_id 
_atom_site.label_seq_id 
_atom_site.pdbx_PDB_ins_code 
_atom_site.Cartn_x 
_atom_site.Cartn_y 
_atom_site.Cartn_z 
_atom_site.occupancy 
_atom_site.B_iso_or_equiv 
_atom_site.pdbx_formal_charge 
_atom_site.auth_seq_id 
_atom_site.auth_comp_id 
_atom_site.auth_asym_id 
_atom_site.auth_atom_id 
_atom_site.pdbx_PDB_model_num 
ATOM   1   O  "O5'" . DG  A 1 1  ? 29.136  19.061  -11.025 1.00 183.18 ? 1   DG  A "O5'" 1 
ATOM   2   C  "C5'" . DG  A 1 1  ? 30.412  18.907  -10.409 1.00 183.94 ? 1   DG  A "C5'" 1 
ATOM   3   C  "C4'" . DG  A 1 1  ? 30.297  18.976  -8.897  1.00 178.36 ? 1   DG  A "C4'" 1 
ATOM   4   O  "O4'" . DG  A 1 1  ? 29.738  20.266  -8.510  1.00 170.81 ? 1   DG  A "O4'" 1 
ATOM   5   C  "C3'" . DG  A 1 1  ? 29.374  17.918  -8.267  1.00 175.33 ? 1   DG  A "C3'" 1 
ATOM   6   O  "O3'" . DG  A 1 1  ? 29.917  17.463  -7.030  1.00 174.43 ? 1   DG  A "O3'" 1 
ATOM   7   C  "C2'" . DG  A 1 1  ? 28.106  18.712  -8.031  1.00 172.91 ? 1   DG  A "C2'" 1 
ATOM   8   C  "C1'" . DG  A 1 1  ? 28.717  20.021  -7.585  1.00 169.97 ? 1   DG  A "C1'" 1 
ATOM   9   N  N9    . DG  A 1 1  ? 27.767  21.116  -7.561  1.00 171.23 ? 1   DG  A N9    1 
ATOM   10  C  C8    . DG  A 1 1  ? 26.906  21.509  -8.562  1.00 168.20 ? 1   DG  A C8    1 
ATOM   11  N  N7    . DG  A 1 1  ? 26.134  22.507  -8.216  1.00 169.30 ? 1   DG  A N7    1 
ATOM   12  C  C5    . DG  A 1 1  ? 26.502  22.777  -6.897  1.00 171.73 ? 1   DG  A C5    1 
ATOM   13  C  C6    . DG  A 1 1  ? 26.018  23.752  -5.985  1.00 170.20 ? 1   DG  A C6    1 
ATOM   14  O  O6    . DG  A 1 1  ? 25.133  24.607  -6.166  1.00 168.22 ? 1   DG  A O6    1 
ATOM   15  N  N1    . DG  A 1 1  ? 26.677  23.675  -4.750  1.00 170.45 ? 1   DG  A N1    1 
ATOM   16  C  C2    . DG  A 1 1  ? 27.673  22.765  -4.441  1.00 171.00 ? 1   DG  A C2    1 
ATOM   17  N  N2    . DG  A 1 1  ? 28.191  22.833  -3.205  1.00 169.68 ? 1   DG  A N2    1 
ATOM   18  N  N3    . DG  A 1 1  ? 28.129  21.855  -5.285  1.00 169.33 ? 1   DG  A N3    1 
ATOM   19  C  C4    . DG  A 1 1  ? 27.501  21.918  -6.487  1.00 171.41 ? 1   DG  A C4    1 
ATOM   20  P  P     . DA  A 1 2  ? 29.225  16.250  -6.234  1.00 166.94 ? 2   DA  A P     1 
ATOM   21  O  OP1   . DA  A 1 2  ? 29.560  15.027  -6.993  1.00 171.70 ? 2   DA  A OP1   1 
ATOM   22  O  OP2   . DA  A 1 2  ? 27.807  16.579  -5.963  1.00 157.49 ? 2   DA  A OP2   1 
ATOM   23  O  "O5'" . DA  A 1 2  ? 30.002  16.213  -4.832  1.00 165.90 ? 2   DA  A "O5'" 1 
ATOM   24  C  "C5'" . DA  A 1 2  ? 29.347  15.731  -3.656  1.00 162.80 ? 2   DA  A "C5'" 1 
ATOM   25  C  "C4'" . DA  A 1 2  ? 28.859  16.886  -2.803  1.00 161.37 ? 2   DA  A "C4'" 1 
ATOM   26  O  "O4'" . DA  A 1 2  ? 28.302  17.903  -3.648  1.00 156.66 ? 2   DA  A "O4'" 1 
ATOM   27  C  "C3'" . DA  A 1 2  ? 27.760  16.534  -1.808  1.00 159.18 ? 2   DA  A "C3'" 1 
ATOM   28  O  "O3'" . DA  A 1 2  ? 28.292  16.496  -0.513  1.00 165.05 ? 2   DA  A "O3'" 1 
ATOM   29  C  "C2'" . DA  A 1 2  ? 26.724  17.661  -1.946  1.00 156.28 ? 2   DA  A "C2'" 1 
ATOM   30  C  "C1'" . DA  A 1 2  ? 27.384  18.642  -2.902  1.00 155.61 ? 2   DA  A "C1'" 1 
ATOM   31  N  N9    . DA  A 1 2  ? 26.449  19.254  -3.829  1.00 162.13 ? 2   DA  A N9    1 
ATOM   32  C  C8    . DA  A 1 2  ? 26.306  18.970  -5.158  1.00 162.41 ? 2   DA  A C8    1 
ATOM   33  N  N7    . DA  A 1 2  ? 25.376  19.679  -5.753  1.00 167.93 ? 2   DA  A N7    1 
ATOM   34  C  C5    . DA  A 1 2  ? 24.873  20.486  -4.742  1.00 169.39 ? 2   DA  A C5    1 
ATOM   35  C  C6    . DA  A 1 2  ? 23.859  21.474  -4.722  1.00 169.08 ? 2   DA  A C6    1 
ATOM   36  N  N6    . DA  A 1 2  ? 23.146  21.826  -5.801  1.00 169.86 ? 2   DA  A N6    1 
ATOM   37  N  N1    . DA  A 1 2  ? 23.609  22.089  -3.544  1.00 168.86 ? 2   DA  A N1    1 
ATOM   38  C  C2    . DA  A 1 2  ? 24.327  21.738  -2.467  1.00 169.35 ? 2   DA  A C2    1 
ATOM   39  N  N3    . DA  A 1 2  ? 25.297  20.827  -2.363  1.00 170.16 ? 2   DA  A N3    1 
ATOM   40  C  C4    . DA  A 1 2  ? 25.524  20.233  -3.548  1.00 168.24 ? 2   DA  A C4    1 
ATOM   41  P  P     . DG  A 1 3  ? 27.494  15.731  0.647   1.00 184.05 ? 3   DG  A P     1 
ATOM   42  O  OP1   . DG  A 1 3  ? 28.370  15.692  1.842   1.00 178.64 ? 3   DG  A OP1   1 
ATOM   43  O  OP2   . DG  A 1 3  ? 26.974  14.480  0.046   1.00 180.90 ? 3   DG  A OP2   1 
ATOM   44  O  "O5'" . DG  A 1 3  ? 26.255  16.690  0.976   1.00 165.63 ? 3   DG  A "O5'" 1 
ATOM   45  C  "C5'" . DG  A 1 3  ? 26.288  17.493  2.136   1.00 158.06 ? 3   DG  A "C5'" 1 
ATOM   46  C  "C4'" . DG  A 1 3  ? 25.064  18.375  2.209   1.00 163.04 ? 3   DG  A "C4'" 1 
ATOM   47  O  "O4'" . DG  A 1 3  ? 24.709  18.833  0.883   1.00 162.44 ? 3   DG  A "O4'" 1 
ATOM   48  C  "C3'" . DG  A 1 3  ? 23.803  17.708  2.772   1.00 167.28 ? 3   DG  A "C3'" 1 
ATOM   49  O  "O3'" . DG  A 1 3  ? 23.316  18.483  3.869   1.00 174.68 ? 3   DG  A "O3'" 1 
ATOM   50  C  "C2'" . DG  A 1 3  ? 22.823  17.722  1.586   1.00 168.43 ? 3   DG  A "C2'" 1 
ATOM   51  C  "C1'" . DG  A 1 3  ? 23.313  18.939  0.826   1.00 165.30 ? 3   DG  A "C1'" 1 
ATOM   52  N  N9    . DG  A 1 3  ? 22.907  18.996  -0.578  1.00 162.75 ? 3   DG  A N9    1 
ATOM   53  C  C8    . DG  A 1 3  ? 23.448  18.284  -1.619  1.00 161.54 ? 3   DG  A C8    1 
ATOM   54  N  N7    . DG  A 1 3  ? 22.902  18.551  -2.775  1.00 163.79 ? 3   DG  A N7    1 
ATOM   55  C  C5    . DG  A 1 3  ? 21.939  19.508  -2.490  1.00 165.85 ? 3   DG  A C5    1 
ATOM   56  C  C6    . DG  A 1 3  ? 21.032  20.176  -3.354  1.00 166.43 ? 3   DG  A C6    1 
ATOM   57  O  O6    . DG  A 1 3  ? 20.901  20.041  -4.580  1.00 160.20 ? 3   DG  A O6    1 
ATOM   58  N  N1    . DG  A 1 3  ? 20.223  21.078  -2.661  1.00 166.93 ? 3   DG  A N1    1 
ATOM   59  C  C2    . DG  A 1 3  ? 20.284  21.306  -1.300  1.00 168.95 ? 3   DG  A C2    1 
ATOM   60  N  N2    . DG  A 1 3  ? 19.422  22.213  -0.804  1.00 169.57 ? 3   DG  A N2    1 
ATOM   61  N  N3    . DG  A 1 3  ? 21.135  20.686  -0.478  1.00 166.69 ? 3   DG  A N3    1 
ATOM   62  C  C4    . DG  A 1 3  ? 21.929  19.803  -1.140  1.00 165.91 ? 3   DG  A C4    1 
ATOM   63  P  P     . DC  A 1 4  ? 22.228  17.882  4.889   1.00 189.76 ? 4   DC  A P     1 
ATOM   64  O  OP1   . DC  A 1 4  ? 22.836  17.866  6.240   1.00 180.81 ? 4   DC  A OP1   1 
ATOM   65  O  OP2   . DC  A 1 4  ? 21.689  16.633  4.302   1.00 189.37 ? 4   DC  A OP2   1 
ATOM   66  O  "O5'" . DC  A 1 4  ? 21.053  18.967  4.875   1.00 176.85 ? 4   DC  A "O5'" 1 
ATOM   67  C  "C5'" . DC  A 1 4  ? 20.727  19.623  3.661   1.00 175.68 ? 4   DC  A "C5'" 1 
ATOM   68  C  "C4'" . DC  A 1 4  ? 19.244  19.924  3.582   1.00 183.10 ? 4   DC  A "C4'" 1 
ATOM   69  O  "O4'" . DC  A 1 4  ? 18.848  20.011  2.184   1.00 179.71 ? 4   DC  A "O4'" 1 
ATOM   70  C  "C3'" . DC  A 1 4  ? 18.334  18.867  4.197   1.00 184.84 ? 4   DC  A "C3'" 1 
ATOM   71  O  "O3'" . DC  A 1 4  ? 17.131  19.486  4.669   1.00 189.02 ? 4   DC  A "O3'" 1 
ATOM   72  C  "C2'" . DC  A 1 4  ? 18.064  17.957  3.003   1.00 180.54 ? 4   DC  A "C2'" 1 
ATOM   73  C  "C1'" . DC  A 1 4  ? 17.917  18.986  1.888   1.00 176.83 ? 4   DC  A "C1'" 1 
ATOM   74  N  N1    . DC  A 1 4  ? 18.210  18.448  0.517   1.00 172.29 ? 4   DC  A N1    1 
ATOM   75  C  C2    . DC  A 1 4  ? 17.522  18.967  -0.600  1.00 172.90 ? 4   DC  A C2    1 
ATOM   76  O  O2    . DC  A 1 4  ? 16.681  19.869  -0.431  1.00 171.11 ? 4   DC  A O2    1 
ATOM   77  N  N3    . DC  A 1 4  ? 17.803  18.465  -1.834  1.00 170.73 ? 4   DC  A N3    1 
ATOM   78  C  C4    . DC  A 1 4  ? 18.717  17.495  -1.971  1.00 165.82 ? 4   DC  A C4    1 
ATOM   79  N  N4    . DC  A 1 4  ? 18.958  17.033  -3.203  1.00 163.68 ? 4   DC  A N4    1 
ATOM   80  C  C5    . DC  A 1 4  ? 19.423  16.959  -0.850  1.00 162.69 ? 4   DC  A C5    1 
ATOM   81  C  C6    . DC  A 1 4  ? 19.141  17.458  0.362   1.00 166.19 ? 4   DC  A C6    1 
ATOM   82  P  P     . DA  A 1 5  ? 16.227  18.773  5.792   1.00 194.01 ? 5   DA  A P     1 
ATOM   83  O  OP1   . DA  A 1 5  ? 17.035  18.676  7.031   1.00 197.88 ? 5   DA  A OP1   1 
ATOM   84  O  OP2   . DA  A 1 5  ? 15.682  17.541  5.181   1.00 186.99 ? 5   DA  A OP2   1 
ATOM   85  O  "O5'" . DA  A 1 5  ? 15.013  19.797  6.031   1.00 179.96 ? 5   DA  A "O5'" 1 
ATOM   86  C  "C5'" . DA  A 1 5  ? 14.772  20.849  5.100   1.00 179.02 ? 5   DA  A "C5'" 1 
ATOM   87  C  "C4'" . DA  A 1 5  ? 13.622  20.505  4.162   1.00 182.62 ? 5   DA  A "C4'" 1 
ATOM   88  O  "O4'" . DA  A 1 5  ? 14.123  19.869  2.961   1.00 180.26 ? 5   DA  A "O4'" 1 
ATOM   89  C  "C3'" . DA  A 1 5  ? 12.561  19.570  4.738   1.00 182.00 ? 5   DA  A "C3'" 1 
ATOM   90  O  "O3'" . DA  A 1 5  ? 11.298  20.190  4.630   1.00 187.50 ? 5   DA  A "O3'" 1 
ATOM   91  C  "C2'" . DA  A 1 5  ? 12.653  18.307  3.865   1.00 177.10 ? 5   DA  A "C2'" 1 
ATOM   92  C  "C1'" . DA  A 1 5  ? 13.248  18.839  2.574   1.00 171.48 ? 5   DA  A "C1'" 1 
ATOM   93  N  N9    . DA  A 1 5  ? 14.030  17.849  1.841   1.00 168.00 ? 5   DA  A N9    1 
ATOM   94  C  C8    . DA  A 1 5  ? 14.941  16.969  2.359   1.00 167.12 ? 5   DA  A C8    1 
ATOM   95  N  N7    . DA  A 1 5  ? 15.515  16.204  1.461   1.00 162.75 ? 5   DA  A N7    1 
ATOM   96  C  C5    . DA  A 1 5  ? 14.945  16.613  0.266   1.00 165.10 ? 5   DA  A C5    1 
ATOM   97  C  C6    . DA  A 1 5  ? 15.128  16.191  -1.071  1.00 162.84 ? 5   DA  A C6    1 
ATOM   98  N  N6    . DA  A 1 5  ? 15.977  15.221  -1.430  1.00 156.79 ? 5   DA  A N6    1 
ATOM   99  N  N1    . DA  A 1 5  ? 14.400  16.809  -2.024  1.00 166.13 ? 5   DA  A N1    1 
ATOM   100 C  C2    . DA  A 1 5  ? 13.553  17.786  -1.661  1.00 170.05 ? 5   DA  A C2    1 
ATOM   101 N  N3    . DA  A 1 5  ? 13.292  18.264  -0.442  1.00 167.43 ? 5   DA  A N3    1 
ATOM   102 C  C4    . DA  A 1 5  ? 14.030  17.633  0.483   1.00 167.57 ? 5   DA  A C4    1 
ATOM   103 P  P     . DG  A 1 6  ? 9.954   19.365  4.922   1.00 197.31 ? 6   DG  A P     1 
ATOM   104 O  OP1   . DG  A 1 6  ? 8.907   20.356  5.265   1.00 198.88 ? 6   DG  A OP1   1 
ATOM   105 O  OP2   . DG  A 1 6  ? 10.294  18.293  5.888   1.00 191.02 ? 6   DG  A OP2   1 
ATOM   106 O  "O5'" . DG  A 1 6  ? 9.588   18.721  3.504   1.00 169.15 ? 6   DG  A "O5'" 1 
ATOM   107 C  "C5'" . DG  A 1 6  ? 8.277   18.859  2.993   1.00 167.20 ? 6   DG  A "C5'" 1 
ATOM   108 C  "C4'" . DG  A 1 6  ? 8.303   18.962  1.487   1.00 171.10 ? 6   DG  A "C4'" 1 
ATOM   109 O  "O4'" . DG  A 1 6  ? 9.559   18.449  0.998   1.00 169.30 ? 6   DG  A "O4'" 1 
ATOM   110 C  "C3'" . DG  A 1 6  ? 7.201   18.181  0.773   1.00 172.50 ? 6   DG  A "C3'" 1 
ATOM   111 O  "O3'" . DG  A 1 6  ? 6.437   19.054  -0.031  1.00 181.00 ? 6   DG  A "O3'" 1 
ATOM   112 C  "C2'" . DG  A 1 6  ? 7.941   17.135  -0.066  1.00 166.50 ? 6   DG  A "C2'" 1 
ATOM   113 C  "C1'" . DG  A 1 6  ? 9.346   17.704  -0.172  1.00 166.51 ? 6   DG  A "C1'" 1 
ATOM   114 N  N9    . DG  A 1 6  ? 10.383  16.684  -0.222  1.00 166.30 ? 6   DG  A N9    1 
ATOM   115 C  C8    . DG  A 1 6  ? 11.107  16.209  0.845   1.00 164.21 ? 6   DG  A C8    1 
ATOM   116 N  N7    . DG  A 1 6  ? 11.984  15.302  0.517   1.00 163.49 ? 6   DG  A N7    1 
ATOM   117 C  C5    . DG  A 1 6  ? 11.839  15.167  -0.859  1.00 164.16 ? 6   DG  A C5    1 
ATOM   118 C  C6    . DG  A 1 6  ? 12.532  14.330  -1.768  1.00 162.04 ? 6   DG  A C6    1 
ATOM   119 O  O6    . DG  A 1 6  ? 13.432  13.516  -1.527  1.00 162.69 ? 6   DG  A O6    1 
ATOM   120 N  N1    . DG  A 1 6  ? 12.087  14.503  -3.075  1.00 160.09 ? 6   DG  A N1    1 
ATOM   121 C  C2    . DG  A 1 6  ? 11.097  15.376  -3.460  1.00 163.32 ? 6   DG  A C2    1 
ATOM   122 N  N2    . DG  A 1 6  ? 10.801  15.394  -4.770  1.00 166.04 ? 6   DG  A N2    1 
ATOM   123 N  N3    . DG  A 1 6  ? 10.433  16.170  -2.616  1.00 164.37 ? 6   DG  A N3    1 
ATOM   124 C  C4    . DG  A 1 6  ? 10.859  16.012  -1.335  1.00 165.54 ? 6   DG  A C4    1 
ATOM   125 P  P     . DA  A 1 7  ? 4.896   18.720  -0.339  1.00 198.03 ? 7   DA  A P     1 
ATOM   126 O  OP1   . DA  A 1 7  ? 4.242   19.973  -0.782  1.00 194.38 ? 7   DA  A OP1   1 
ATOM   127 O  OP2   . DA  A 1 7  ? 4.356   17.988  0.830   1.00 191.28 ? 7   DA  A OP2   1 
ATOM   128 O  "O5'" . DA  A 1 7  ? 4.975   17.731  -1.592  1.00 184.67 ? 7   DA  A "O5'" 1 
ATOM   129 C  "C5'" . DA  A 1 7  ? 5.640   18.158  -2.770  1.00 181.33 ? 7   DA  A "C5'" 1 
ATOM   130 C  "C4'" . DA  A 1 7  ? 5.699   17.043  -3.792  1.00 179.94 ? 7   DA  A "C4'" 1 
ATOM   131 O  "O4'" . DA  A 1 7  ? 6.936   16.310  -3.644  1.00 171.68 ? 7   DA  A "O4'" 1 
ATOM   132 C  "C3'" . DA  A 1 7  ? 4.566   16.023  -3.696  1.00 179.39 ? 7   DA  A "C3'" 1 
ATOM   133 O  "O3'" . DA  A 1 7  ? 3.857   15.980  -4.936  1.00 186.57 ? 7   DA  A "O3'" 1 
ATOM   134 C  "C2'" . DA  A 1 7  ? 5.273   14.695  -3.378  1.00 172.95 ? 7   DA  A "C2'" 1 
ATOM   135 C  "C1'" . DA  A 1 7  ? 6.704   14.940  -3.845  1.00 168.04 ? 7   DA  A "C1'" 1 
ATOM   136 N  N9    . DA  A 1 7  ? 7.711   14.212  -3.070  1.00 164.25 ? 7   DA  A N9    1 
ATOM   137 C  C8    . DA  A 1 7  ? 7.960   14.354  -1.735  1.00 163.48 ? 7   DA  A C8    1 
ATOM   138 N  N7    . DA  A 1 7  ? 8.932   13.599  -1.289  1.00 158.74 ? 7   DA  A N7    1 
ATOM   139 C  C5    . DA  A 1 7  ? 9.365   12.911  -2.411  1.00 158.50 ? 7   DA  A C5    1 
ATOM   140 C  C6    . DA  A 1 7  ? 10.381  11.952  -2.595  1.00 151.77 ? 7   DA  A C6    1 
ATOM   141 N  N6    . DA  A 1 7  ? 11.156  11.519  -1.605  1.00 153.62 ? 7   DA  A N6    1 
ATOM   142 N  N1    . DA  A 1 7  ? 10.566  11.454  -3.834  1.00 148.87 ? 7   DA  A N1    1 
ATOM   143 C  C2    . DA  A 1 7  ? 9.782   11.898  -4.829  1.00 154.78 ? 7   DA  A C2    1 
ATOM   144 N  N3    . DA  A 1 7  ? 8.787   12.802  -4.779  1.00 158.60 ? 7   DA  A N3    1 
ATOM   145 C  C4    . DA  A 1 7  ? 8.632   13.277  -3.526  1.00 160.90 ? 7   DA  A C4    1 
ATOM   146 P  P     . DC  A 1 8  ? 2.590   15.009  -5.133  1.00 198.88 ? 8   DC  A P     1 
ATOM   147 O  OP1   . DC  A 1 8  ? 1.682   15.655  -6.108  1.00 201.77 ? 8   DC  A OP1   1 
ATOM   148 O  OP2   . DC  A 1 8  ? 2.070   14.645  -3.794  1.00 195.76 ? 8   DC  A OP2   1 
ATOM   149 O  "O5'" . DC  A 1 8  ? 3.226   13.708  -5.817  1.00 188.51 ? 8   DC  A "O5'" 1 
ATOM   150 C  "C5'" . DC  A 1 8  ? 4.279   13.856  -6.767  1.00 176.29 ? 8   DC  A "C5'" 1 
ATOM   151 C  "C4'" . DC  A 1 8  ? 4.897   12.514  -7.116  1.00 171.34 ? 8   DC  A "C4'" 1 
ATOM   152 O  "O4'" . DC  A 1 8  ? 5.924   12.164  -6.154  1.00 169.21 ? 8   DC  A "O4'" 1 
ATOM   153 C  "C3'" . DC  A 1 8  ? 3.928   11.332  -7.145  1.00 168.79 ? 8   DC  A "C3'" 1 
ATOM   154 O  "O3'" . DC  A 1 8  ? 4.180   10.574  -8.301  1.00 168.65 ? 8   DC  A "O3'" 1 
ATOM   155 C  "C2'" . DC  A 1 8  ? 4.284   10.552  -5.876  1.00 167.15 ? 8   DC  A "C2'" 1 
ATOM   156 C  "C1'" . DC  A 1 8  ? 5.773   10.810  -5.790  1.00 166.22 ? 8   DC  A "C1'" 1 
ATOM   157 N  N1    . DC  A 1 8  ? 6.336   10.637  -4.426  1.00 159.92 ? 8   DC  A N1    1 
ATOM   158 C  C2    . DC  A 1 8  ? 7.363   9.705   -4.199  1.00 155.78 ? 8   DC  A C2    1 
ATOM   159 O  O2    . DC  A 1 8  ? 7.773   9.012   -5.142  1.00 151.43 ? 8   DC  A O2    1 
ATOM   160 N  N3    . DC  A 1 8  ? 7.865   9.580   -2.940  1.00 151.97 ? 8   DC  A N3    1 
ATOM   161 C  C4    . DC  A 1 8  ? 7.393   10.347  -1.955  1.00 151.83 ? 8   DC  A C4    1 
ATOM   162 N  N4    . DC  A 1 8  ? 7.917   10.197  -0.732  1.00 151.19 ? 8   DC  A N4    1 
ATOM   163 C  C5    . DC  A 1 8  ? 6.359   11.301  -2.175  1.00 158.20 ? 8   DC  A C5    1 
ATOM   164 C  C6    . DC  A 1 8  ? 5.867   11.411  -3.412  1.00 156.59 ? 8   DC  A C6    1 
ATOM   165 P  P     . DC  A 1 9  ? 3.534   9.119   -8.478  1.00 179.44 ? 9   DC  A P     1 
ATOM   166 O  OP1   . DC  A 1 9  ? 3.388   8.898   -9.937  1.00 186.07 ? 9   DC  A OP1   1 
ATOM   167 O  OP2   . DC  A 1 9  ? 2.353   9.000   -7.585  1.00 169.94 ? 9   DC  A OP2   1 
ATOM   168 O  "O5'" . DC  A 1 9  ? 4.672   8.133   -7.963  1.00 161.47 ? 9   DC  A "O5'" 1 
ATOM   169 C  "C5'" . DC  A 1 9  ? 4.518   6.753   -8.168  1.00 161.91 ? 9   DC  A "C5'" 1 
ATOM   170 C  "C4'" . DC  A 1 9  ? 5.809   6.142   -8.637  1.00 154.62 ? 9   DC  A "C4'" 1 
ATOM   171 O  "O4'" . DC  A 1 9  ? 6.834   6.397   -7.653  1.00 155.49 ? 9   DC  A "O4'" 1 
ATOM   172 C  "C3'" . DC  A 1 9  ? 5.778   4.639   -8.760  1.00 154.01 ? 9   DC  A "C3'" 1 
ATOM   173 O  "O3'" . DC  A 1 9  ? 6.849   4.228   -9.563  1.00 165.81 ? 9   DC  A "O3'" 1 
ATOM   174 C  "C2'" . DC  A 1 9  ? 5.982   4.213   -7.313  1.00 155.45 ? 9   DC  A "C2'" 1 
ATOM   175 C  "C1'" . DC  A 1 9  ? 7.008   5.242   -6.839  1.00 156.29 ? 9   DC  A "C1'" 1 
ATOM   176 N  N1    . DC  A 1 9  ? 6.854   5.652   -5.392  1.00 154.85 ? 9   DC  A N1    1 
ATOM   177 C  C2    . DC  A 1 9  ? 7.611   5.017   -4.392  1.00 143.16 ? 9   DC  A C2    1 
ATOM   178 O  O2    . DC  A 1 9  ? 8.394   4.116   -4.713  1.00 142.73 ? 9   DC  A O2    1 
ATOM   179 N  N3    . DC  A 1 9  ? 7.456   5.413   -3.092  1.00 132.85 ? 9   DC  A N3    1 
ATOM   180 C  C4    . DC  A 1 9  ? 6.603   6.388   -2.788  1.00 135.23 ? 9   DC  A C4    1 
ATOM   181 N  N4    . DC  A 1 9  ? 6.479   6.744   -1.505  1.00 129.40 ? 9   DC  A N4    1 
ATOM   182 C  C5    . DC  A 1 9  ? 5.822   7.036   -3.790  1.00 156.10 ? 9   DC  A C5    1 
ATOM   183 C  C6    . DC  A 1 9  ? 5.983   6.648   -5.064  1.00 158.66 ? 9   DC  A C6    1 
ATOM   184 P  P     . DA  A 1 10 ? 6.807   2.803   -10.295 1.00 192.63 ? 10  DA  A P     1 
ATOM   185 O  OP1   . DA  A 1 10 ? 7.968   2.738   -11.215 1.00 210.91 ? 10  DA  A OP1   1 
ATOM   186 O  OP2   . DA  A 1 10 ? 5.438   2.617   -10.822 1.00 230.23 ? 10  DA  A OP2   1 
ATOM   187 O  "O5'" . DA  A 1 10 ? 7.030   1.761   -9.105  1.00 163.65 ? 10  DA  A "O5'" 1 
ATOM   188 C  "C5'" . DA  A 1 10 ? 8.269   1.728   -8.429  1.00 152.97 ? 10  DA  A "C5'" 1 
ATOM   189 C  "C4'" . DA  A 1 10 ? 8.295   0.599   -7.428  1.00 145.71 ? 10  DA  A "C4'" 1 
ATOM   190 O  "O4'" . DA  A 1 10 ? 8.194   1.138   -6.087  1.00 142.84 ? 10  DA  A "O4'" 1 
ATOM   191 C  "C3'" . DA  A 1 10 ? 7.139   -0.399  -7.548  1.00 147.17 ? 10  DA  A "C3'" 1 
ATOM   192 O  "O3'" . DA  A 1 10 ? 7.602   -1.692  -7.240  1.00 133.52 ? 10  DA  A "O3'" 1 
ATOM   193 C  "C2'" . DA  A 1 10 ? 6.185   0.088   -6.472  1.00 143.51 ? 10  DA  A "C2'" 1 
ATOM   194 C  "C1'" . DA  A 1 10 ? 7.200   0.413   -5.406  1.00 138.78 ? 10  DA  A "C1'" 1 
ATOM   195 N  N9    . DA  A 1 10 ? 6.692   1.214   -4.312  1.00 131.46 ? 10  DA  A N9    1 
ATOM   196 C  C8    . DA  A 1 10 ? 5.835   2.272   -4.388  1.00 130.51 ? 10  DA  A C8    1 
ATOM   197 N  N7    . DA  A 1 10 ? 5.557   2.806   -3.224  1.00 128.82 ? 10  DA  A N7    1 
ATOM   198 C  C5    . DA  A 1 10 ? 6.290   2.039   -2.325  1.00 125.09 ? 10  DA  A C5    1 
ATOM   199 C  C6    . DA  A 1 10 ? 6.429   2.091   -0.926  1.00 118.33 ? 10  DA  A C6    1 
ATOM   200 N  N6    . DA  A 1 10 ? 5.812   2.988   -0.159  1.00 125.64 ? 10  DA  A N6    1 
ATOM   201 N  N1    . DA  A 1 10 ? 7.229   1.183   -0.344  1.00 114.52 ? 10  DA  A N1    1 
ATOM   202 C  C2    . DA  A 1 10 ? 7.853   0.279   -1.116  1.00 116.08 ? 10  DA  A C2    1 
ATOM   203 N  N3    . DA  A 1 10 ? 7.802   0.132   -2.435  1.00 109.81 ? 10  DA  A N3    1 
ATOM   204 C  C4    . DA  A 1 10 ? 6.993   1.056   -2.982  1.00 125.40 ? 10  DA  A C4    1 
ATOM   205 P  P     . DG  A 1 11 ? 7.948   -2.701  -8.430  1.00 154.47 ? 11  DG  A P     1 
ATOM   206 O  OP1   . DG  A 1 11 ? 9.374   -2.492  -8.771  1.00 149.51 ? 11  DG  A OP1   1 
ATOM   207 O  OP2   . DG  A 1 11 ? 6.878   -2.561  -9.446  1.00 158.63 ? 11  DG  A OP2   1 
ATOM   208 O  "O5'" . DG  A 1 11 ? 7.833   -4.137  -7.765  1.00 145.08 ? 11  DG  A "O5'" 1 
ATOM   209 C  "C5'" . DG  A 1 11 ? 8.879   -4.599  -6.959  1.00 140.70 ? 11  DG  A "C5'" 1 
ATOM   210 C  "C4'" . DG  A 1 11 ? 8.353   -5.005  -5.605  1.00 136.61 ? 11  DG  A "C4'" 1 
ATOM   211 O  "O4'" . DG  A 1 11 ? 7.760   -3.881  -4.953  1.00 126.81 ? 11  DG  A "O4'" 1 
ATOM   212 C  "C3'" . DG  A 1 11 ? 7.262   -6.062  -5.635  1.00 126.69 ? 11  DG  A "C3'" 1 
ATOM   213 O  "O3'" . DG  A 1 11 ? 7.812   -7.267  -5.199  1.00 125.15 ? 11  DG  A "O3'" 1 
ATOM   214 C  "C2'" . DG  A 1 11 ? 6.177   -5.523  -4.671  1.00 121.29 ? 11  DG  A "C2'" 1 
ATOM   215 C  "C1'" . DG  A 1 11 ? 6.890   -4.376  -3.987  1.00 113.46 ? 11  DG  A "C1'" 1 
ATOM   216 N  N9    . DG  A 1 11 ? 6.043   -3.273  -3.582  1.00 116.34 ? 11  DG  A N9    1 
ATOM   217 C  C8    . DG  A 1 11 ? 5.333   -2.435  -4.403  1.00 122.13 ? 11  DG  A C8    1 
ATOM   218 N  N7    . DG  A 1 11 ? 4.699   -1.493  -3.759  1.00 119.52 ? 11  DG  A N7    1 
ATOM   219 C  C5    . DG  A 1 11 ? 5.033   -1.711  -2.427  1.00 114.86 ? 11  DG  A C5    1 
ATOM   220 C  C6    . DG  A 1 11 ? 4.645   -1.002  -1.264  1.00 113.17 ? 11  DG  A C6    1 
ATOM   221 O  O6    . DG  A 1 11 ? 3.906   -0.017  -1.175  1.00 117.69 ? 11  DG  A O6    1 
ATOM   222 N  N1    . DG  A 1 11 ? 5.198   -1.556  -0.117  1.00 110.86 ? 11  DG  A N1    1 
ATOM   223 C  C2    . DG  A 1 11 ? 6.032   -2.654  -0.098  1.00 118.75 ? 11  DG  A C2    1 
ATOM   224 N  N2    . DG  A 1 11 ? 6.482   -3.054  1.109   1.00 118.01 ? 11  DG  A N2    1 
ATOM   225 N  N3    . DG  A 1 11 ? 6.404   -3.323  -1.185  1.00 117.03 ? 11  DG  A N3    1 
ATOM   226 C  C4    . DG  A 1 11 ? 5.866   -2.794  -2.307  1.00 112.11 ? 11  DG  A C4    1 
ATOM   227 P  P     . DA  A 1 12 ? 6.864   -8.495  -4.815  1.00 149.48 ? 12  DA  A P     1 
ATOM   228 O  OP1   . DA  A 1 12 ? 7.680   -9.727  -4.930  1.00 156.68 ? 12  DA  A OP1   1 
ATOM   229 O  OP2   . DA  A 1 12 ? 5.606   -8.370  -5.585  1.00 140.44 ? 12  DA  A OP2   1 
ATOM   230 O  "O5'" . DA  A 1 12 ? 6.527   -8.229  -3.280  1.00 140.75 ? 12  DA  A "O5'" 1 
ATOM   231 C  "C5'" . DA  A 1 12 ? 7.569   -7.887  -2.373  1.00 140.22 ? 12  DA  A "C5'" 1 
ATOM   232 C  "C4'" . DA  A 1 12 ? 7.153   -8.230  -0.962  1.00 135.55 ? 12  DA  A "C4'" 1 
ATOM   233 O  "O4'" . DA  A 1 12 ? 6.538   -7.068  -0.344  1.00 123.86 ? 12  DA  A "O4'" 1 
ATOM   234 C  "C3'" . DA  A 1 12 ? 6.123   -9.351  -0.887  1.00 131.97 ? 12  DA  A "C3'" 1 
ATOM   235 O  "O3'" . DA  A 1 12 ? 6.318   -10.137 0.277   1.00 133.27 ? 12  DA  A "O3'" 1 
ATOM   236 C  "C2'" . DA  A 1 12 ? 4.798   -8.603  -0.849  1.00 126.44 ? 12  DA  A "C2'" 1 
ATOM   237 C  "C1'" . DA  A 1 12 ? 5.157   -7.293  -0.154  1.00 120.13 ? 12  DA  A "C1'" 1 
ATOM   238 N  N9    . DA  A 1 12 ? 4.411   -6.167  -0.693  1.00 116.90 ? 12  DA  A N9    1 
ATOM   239 C  C8    . DA  A 1 12 ? 4.144   -5.910  -2.008  1.00 115.64 ? 12  DA  A C8    1 
ATOM   240 N  N7    . DA  A 1 12 ? 3.422   -4.832  -2.199  1.00 113.28 ? 12  DA  A N7    1 
ATOM   241 C  C5    . DA  A 1 12 ? 3.193   -4.358  -0.920  1.00 111.03 ? 12  DA  A C5    1 
ATOM   242 C  C6    . DA  A 1 12 ? 2.496   -3.238  -0.434  1.00 112.51 ? 12  DA  A C6    1 
ATOM   243 N  N6    . DA  A 1 12 ? 1.878   -2.358  -1.223  1.00 114.77 ? 12  DA  A N6    1 
ATOM   244 N  N1    . DA  A 1 12 ? 2.459   -3.055  0.902   1.00 111.40 ? 12  DA  A N1    1 
ATOM   245 C  C2    . DA  A 1 12 ? 3.088   -3.934  1.690   1.00 115.54 ? 12  DA  A C2    1 
ATOM   246 N  N3    . DA  A 1 12 ? 3.774   -5.022  1.349   1.00 117.46 ? 12  DA  A N3    1 
ATOM   247 C  C4    . DA  A 1 12 ? 3.791   -5.175  0.018   1.00 113.95 ? 12  DA  A C4    1 
ATOM   248 P  P     . DC  A 1 13 ? 5.194   -11.190 0.743   1.00 131.37 ? 13  DC  A P     1 
ATOM   249 O  OP1   . DC  A 1 13 ? 5.893   -12.235 1.514   1.00 142.08 ? 13  DC  A OP1   1 
ATOM   250 O  OP2   . DC  A 1 13 ? 4.350   -11.576 -0.413  1.00 138.37 ? 13  DC  A OP2   1 
ATOM   251 O  "O5'" . DC  A 1 13 ? 4.309   -10.353 1.764   1.00 115.34 ? 13  DC  A "O5'" 1 
ATOM   252 C  "C5'" . DC  A 1 13 ? 4.951   -9.433  2.622   1.00 125.06 ? 13  DC  A "C5'" 1 
ATOM   253 C  "C4'" . DC  A 1 13 ? 3.939   -8.660  3.428   1.00 125.01 ? 13  DC  A "C4'" 1 
ATOM   254 O  "O4'" . DC  A 1 13 ? 3.389   -7.580  2.633   1.00 122.29 ? 13  DC  A "O4'" 1 
ATOM   255 C  "C3'" . DC  A 1 13 ? 2.749   -9.482  3.911   1.00 125.05 ? 13  DC  A "C3'" 1 
ATOM   256 O  "O3'" . DC  A 1 13 ? 2.538   -9.234  5.282   1.00 128.94 ? 13  DC  A "O3'" 1 
ATOM   257 C  "C2'" . DC  A 1 13 ? 1.589   -8.965  3.063   1.00 122.47 ? 13  DC  A "C2'" 1 
ATOM   258 C  "C1'" . DC  A 1 13 ? 2.000   -7.529  2.836   1.00 115.11 ? 13  DC  A "C1'" 1 
ATOM   259 N  N1    . DC  A 1 13 ? 1.380   -6.925  1.642   1.00 108.17 ? 13  DC  A N1    1 
ATOM   260 C  C2    . DC  A 1 13 ? 0.578   -5.793  1.781   1.00 109.35 ? 13  DC  A C2    1 
ATOM   261 O  O2    . DC  A 1 13 ? 0.410   -5.317  2.905   1.00 112.78 ? 13  DC  A O2    1 
ATOM   262 N  N3    . DC  A 1 13 ? 0.028   -5.247  0.680   1.00 108.82 ? 13  DC  A N3    1 
ATOM   263 C  C4    . DC  A 1 13 ? 0.250   -5.797  -0.517  1.00 114.33 ? 13  DC  A C4    1 
ATOM   264 N  N4    . DC  A 1 13 ? -0.320  -5.232  -1.592  1.00 116.32 ? 13  DC  A N4    1 
ATOM   265 C  C5    . DC  A 1 13 ? 1.062   -6.954  -0.669  1.00 113.20 ? 13  DC  A C5    1 
ATOM   266 C  C6    . DC  A 1 13 ? 1.597   -7.480  0.428   1.00 105.24 ? 13  DC  A C6    1 
ATOM   267 P  P     . DA  A 1 14 ? 1.519   -10.145 6.120   1.00 140.87 ? 14  DA  A P     1 
ATOM   268 O  OP1   . DA  A 1 14 ? 2.324   -10.682 7.245   1.00 149.82 ? 14  DA  A OP1   1 
ATOM   269 O  OP2   . DA  A 1 14 ? 0.830   -11.099 5.215   1.00 124.15 ? 14  DA  A OP2   1 
ATOM   270 O  "O5'" . DA  A 1 14 ? 0.462   -9.080  6.673   1.00 106.71 ? 14  DA  A "O5'" 1 
ATOM   271 C  "C5'" . DA  A 1 14 ? 0.946   -7.953  7.376   1.00 112.25 ? 14  DA  A "C5'" 1 
ATOM   272 C  "C4'" . DA  A 1 14 ? -0.182  -7.036  7.799   1.00 119.49 ? 14  DA  A "C4'" 1 
ATOM   273 O  "O4'" . DA  A 1 14 ? -0.628  -6.251  6.665   1.00 117.77 ? 14  DA  A "O4'" 1 
ATOM   274 C  "C3'" . DA  A 1 14 ? -1.424  -7.729  8.337   1.00 116.36 ? 14  DA  A "C3'" 1 
ATOM   275 O  "O3'" . DA  A 1 14 ? -2.027  -6.913  9.309   1.00 120.35 ? 14  DA  A "O3'" 1 
ATOM   276 C  "C2'" . DA  A 1 14 ? -2.304  -7.830  7.105   1.00 117.58 ? 14  DA  A "C2'" 1 
ATOM   277 C  "C1'" . DA  A 1 14 ? -1.982  -6.530  6.391   1.00 108.21 ? 14  DA  A "C1'" 1 
ATOM   278 N  N9    . DA  A 1 14 ? -2.121  -6.651  4.960   1.00 105.68 ? 14  DA  A N9    1 
ATOM   279 C  C8    . DA  A 1 14 ? -1.519  -7.576  4.161   1.00 109.33 ? 14  DA  A C8    1 
ATOM   280 N  N7    . DA  A 1 14 ? -1.829  -7.457  2.894   1.00 109.19 ? 14  DA  A N7    1 
ATOM   281 C  C5    . DA  A 1 14 ? -2.697  -6.381  2.868   1.00 99.16  ? 14  DA  A C5    1 
ATOM   282 C  C6    . DA  A 1 14 ? -3.374  -5.749  1.826   1.00 94.52  ? 14  DA  A C6    1 
ATOM   283 N  N6    . DA  A 1 14 ? -3.278  -6.132  0.554   1.00 102.46 ? 14  DA  A N6    1 
ATOM   284 N  N1    . DA  A 1 14 ? -4.157  -4.705  2.131   1.00 95.42  ? 14  DA  A N1    1 
ATOM   285 C  C2    . DA  A 1 14 ? -4.245  -4.319  3.407   1.00 95.93  ? 14  DA  A C2    1 
ATOM   286 N  N3    . DA  A 1 14 ? -3.652  -4.836  4.479   1.00 101.59 ? 14  DA  A N3    1 
ATOM   287 C  C4    . DA  A 1 14 ? -2.883  -5.872  4.134   1.00 102.61 ? 14  DA  A C4    1 
ATOM   288 P  P     . DC  A 1 15 ? -3.398  -7.372  9.997   1.00 132.88 ? 15  DC  A P     1 
ATOM   289 O  OP1   . DC  A 1 15 ? -3.405  -6.788  11.365  1.00 126.22 ? 15  DC  A OP1   1 
ATOM   290 O  OP2   . DC  A 1 15 ? -3.545  -8.832  9.747   1.00 121.86 ? 15  DC  A OP2   1 
ATOM   291 O  "O5'" . DC  A 1 15 ? -4.523  -6.608  9.174   1.00 110.27 ? 15  DC  A "O5'" 1 
ATOM   292 C  "C5'" . DC  A 1 15 ? -4.873  -5.315  9.562   1.00 111.51 ? 15  DC  A "C5'" 1 
ATOM   293 C  "C4'" . DC  A 1 15 ? -6.036  -4.815  8.741   1.00 118.73 ? 15  DC  A "C4'" 1 
ATOM   294 O  "O4'" . DC  A 1 15 ? -5.785  -5.047  7.342   1.00 113.95 ? 15  DC  A "O4'" 1 
ATOM   295 C  "C3'" . DC  A 1 15 ? -7.359  -5.492  9.045   1.00 122.06 ? 15  DC  A "C3'" 1 
ATOM   296 O  "O3'" . DC  A 1 15 ? -8.251  -4.532  9.521   1.00 129.49 ? 15  DC  A "O3'" 1 
ATOM   297 C  "C2'" . DC  A 1 15 ? -7.819  -6.072  7.692   1.00 120.24 ? 15  DC  A "C2'" 1 
ATOM   298 C  "C1'" . DC  A 1 15 ? -7.006  -5.273  6.697   1.00 105.80 ? 15  DC  A "C1'" 1 
ATOM   299 N  N1    . DC  A 1 15 ? -6.697  -5.992  5.438   1.00 103.33 ? 15  DC  A N1    1 
ATOM   300 C  C2    . DC  A 1 15 ? -7.253  -5.556  4.224   1.00 94.92  ? 15  DC  A C2    1 
ATOM   301 O  O2    . DC  A 1 15 ? -8.030  -4.587  4.234   1.00 88.54  ? 15  DC  A O2    1 
ATOM   302 N  N3    . DC  A 1 15 ? -6.921  -6.220  3.075   1.00 89.32  ? 15  DC  A N3    1 
ATOM   303 C  C4    . DC  A 1 15 ? -6.065  -7.259  3.127   1.00 88.00  ? 15  DC  A C4    1 
ATOM   304 N  N4    . DC  A 1 15 ? -5.761  -7.888  1.991   1.00 81.28  ? 15  DC  A N4    1 
ATOM   305 C  C5    . DC  A 1 15 ? -5.493  -7.700  4.350   1.00 101.40 ? 15  DC  A C5    1 
ATOM   306 C  C6    . DC  A 1 15 ? -5.823  -7.042  5.468   1.00 103.56 ? 15  DC  A C6    1 
ATOM   307 P  P     . DC  A 1 16 ? -9.555  -4.986  10.326  1.00 141.99 ? 16  DC  A P     1 
ATOM   308 O  OP1   . DC  A 1 16 ? -9.336  -4.560  11.728  1.00 145.49 ? 16  DC  A OP1   1 
ATOM   309 O  OP2   . DC  A 1 16 ? -9.820  -6.415  10.011  1.00 112.72 ? 16  DC  A OP2   1 
ATOM   310 O  "O5'" . DC  A 1 16 ? -10.700 -4.070  9.692   1.00 130.92 ? 16  DC  A "O5'" 1 
ATOM   311 C  "C5'" . DC  A 1 16 ? -10.573 -3.640  8.359   1.00 122.26 ? 16  DC  A "C5'" 1 
ATOM   312 C  "C4'" . DC  A 1 16 ? -11.746 -4.120  7.542   1.00 120.08 ? 16  DC  A "C4'" 1 
ATOM   313 O  "O4'" . DC  A 1 16 ? -11.285 -4.840  6.370   1.00 117.58 ? 16  DC  A "O4'" 1 
ATOM   314 C  "C3'" . DC  A 1 16 ? -12.662 -5.107  8.241   1.00 120.49 ? 16  DC  A "C3'" 1 
ATOM   315 O  "O3'" . DC  A 1 16 ? -13.911 -4.984  7.642   1.00 123.92 ? 16  DC  A "O3'" 1 
ATOM   316 C  "C2'" . DC  A 1 16 ? -12.040 -6.425  7.833   1.00 111.24 ? 16  DC  A "C2'" 1 
ATOM   317 C  "C1'" . DC  A 1 16 ? -11.903 -6.105  6.372   1.00 108.10 ? 16  DC  A "C1'" 1 
ATOM   318 N  N1    . DC  A 1 16 ? -11.087 -7.029  5.616   1.00 106.18 ? 16  DC  A N1    1 
ATOM   319 C  C2    . DC  A 1 16 ? -11.171 -7.013  4.210   1.00 105.14 ? 16  DC  A C2    1 
ATOM   320 O  O2    . DC  A 1 16 ? -11.946 -6.197  3.656   1.00 94.82  ? 16  DC  A O2    1 
ATOM   321 N  N3    . DC  A 1 16 ? -10.396 -7.881  3.501   1.00 99.29  ? 16  DC  A N3    1 
ATOM   322 C  C4    . DC  A 1 16 ? -9.579  -8.728  4.155   1.00 104.79 ? 16  DC  A C4    1 
ATOM   323 N  N4    . DC  A 1 16 ? -8.831  -9.560  3.428   1.00 108.91 ? 16  DC  A N4    1 
ATOM   324 C  C5    . DC  A 1 16 ? -9.489  -8.752  5.585   1.00 105.82 ? 16  DC  A C5    1 
ATOM   325 C  C6    . DC  A 1 16 ? -10.257 -7.895  6.268   1.00 103.92 ? 16  DC  A C6    1 
ATOM   326 P  P     . DA  A 1 17 ? -15.213 -4.788  8.538   1.00 133.64 ? 17  DA  A P     1 
ATOM   327 O  OP1   . DA  A 1 17 ? -14.996 -3.598  9.400   1.00 130.41 ? 17  DA  A OP1   1 
ATOM   328 O  OP2   . DA  A 1 17 ? -15.491 -6.131  9.102   1.00 131.83 ? 17  DA  A OP2   1 
ATOM   329 O  "O5'" . DA  A 1 17 ? -16.349 -4.451  7.477   1.00 113.42 ? 17  DA  A "O5'" 1 
ATOM   330 C  "C5'" . DA  A 1 17 ? -16.348 -3.221  6.817   1.00 109.60 ? 17  DA  A "C5'" 1 
ATOM   331 C  "C4'" . DA  A 1 17 ? -16.883 -3.397  5.416   1.00 122.49 ? 17  DA  A "C4'" 1 
ATOM   332 O  "O4'" . DA  A 1 17 ? -16.030 -4.314  4.684   1.00 128.92 ? 17  DA  A "O4'" 1 
ATOM   333 C  "C3'" . DA  A 1 17 ? -18.282 -3.973  5.328   1.00 120.16 ? 17  DA  A "C3'" 1 
ATOM   334 O  "O3'" . DA  A 1 17 ? -18.977 -3.348  4.255   1.00 125.91 ? 17  DA  A "O3'" 1 
ATOM   335 C  "C2'" . DA  A 1 17 ? -18.040 -5.476  5.088   1.00 116.30 ? 17  DA  A "C2'" 1 
ATOM   336 C  "C1'" . DA  A 1 17 ? -16.721 -5.496  4.329   1.00 114.71 ? 17  DA  A "C1'" 1 
ATOM   337 N  N9    . DA  A 1 17 ? -15.842 -6.603  4.681   1.00 110.20 ? 17  DA  A N9    1 
ATOM   338 C  C8    . DA  A 1 17 ? -15.408 -6.931  5.937   1.00 110.59 ? 17  DA  A C8    1 
ATOM   339 N  N7    . DA  A 1 17 ? -14.584 -7.951  5.967   1.00 111.51 ? 17  DA  A N7    1 
ATOM   340 C  C5    . DA  A 1 17 ? -14.441 -8.302  4.632   1.00 111.35 ? 17  DA  A C5    1 
ATOM   341 C  C6    . DA  A 1 17 ? -13.689 -9.318  3.992   1.00 107.83 ? 17  DA  A C6    1 
ATOM   342 N  N6    . DA  A 1 17 ? -12.915 -10.181 4.654   1.00 107.19 ? 17  DA  A N6    1 
ATOM   343 N  N1    . DA  A 1 17 ? -13.766 -9.405  2.645   1.00 104.65 ? 17  DA  A N1    1 
ATOM   344 C  C2    . DA  A 1 17 ? -14.552 -8.524  1.987   1.00 108.18 ? 17  DA  A C2    1 
ATOM   345 N  N3    . DA  A 1 17 ? -15.310 -7.527  2.481   1.00 103.49 ? 17  DA  A N3    1 
ATOM   346 C  C4    . DA  A 1 17 ? -15.200 -7.468  3.821   1.00 107.05 ? 17  DA  A C4    1 
ATOM   347 P  P     . DC  A 1 18 ? -20.388 -3.924  3.753   1.00 137.21 ? 18  DC  A P     1 
ATOM   348 O  OP1   . DC  A 1 18 ? -21.052 -2.925  2.879   1.00 130.66 ? 18  DC  A OP1   1 
ATOM   349 O  OP2   . DC  A 1 18 ? -21.082 -4.420  4.963   1.00 142.47 ? 18  DC  A OP2   1 
ATOM   350 O  "O5'" . DC  A 1 18 ? -19.975 -5.175  2.863   1.00 113.11 ? 18  DC  A "O5'" 1 
ATOM   351 C  "C5'" . DC  A 1 18 ? -20.867 -5.695  1.935   1.00 119.66 ? 18  DC  A "C5'" 1 
ATOM   352 C  "C4'" . DC  A 1 18 ? -20.152 -6.710  1.092   1.00 124.01 ? 18  DC  A "C4'" 1 
ATOM   353 O  "O4'" . DC  A 1 18 ? -19.067 -7.254  1.852   1.00 120.76 ? 18  DC  A "O4'" 1 
ATOM   354 C  "C3'" . DC  A 1 18 ? -20.989 -7.907  0.695   1.00 126.90 ? 18  DC  A "C3'" 1 
ATOM   355 O  "O3'" . DC  A 1 18 ? -21.421 -7.760  -0.628  1.00 134.54 ? 18  DC  A "O3'" 1 
ATOM   356 C  "C2'" . DC  A 1 18 ? -20.040 -9.110  0.846   1.00 124.61 ? 18  DC  A "C2'" 1 
ATOM   357 C  "C1'" . DC  A 1 18 ? -18.732 -8.488  1.291   1.00 116.90 ? 18  DC  A "C1'" 1 
ATOM   358 N  N1    . DC  A 1 18 ? -18.005 -9.263  2.313   1.00 109.24 ? 18  DC  A N1    1 
ATOM   359 C  C2    . DC  A 1 18 ? -17.207 -10.352 1.936   1.00 113.33 ? 18  DC  A C2    1 
ATOM   360 O  O2    . DC  A 1 18 ? -17.147 -10.675 0.746   1.00 108.76 ? 18  DC  A O2    1 
ATOM   361 N  N3    . DC  A 1 18 ? -16.521 -11.025 2.898   1.00 115.19 ? 18  DC  A N3    1 
ATOM   362 C  C4    . DC  A 1 18 ? -16.613 -10.640 4.172   1.00 112.98 ? 18  DC  A C4    1 
ATOM   363 N  N4    . DC  A 1 18 ? -15.924 -11.329 5.086   1.00 112.04 ? 18  DC  A N4    1 
ATOM   364 C  C5    . DC  A 1 18 ? -17.417 -9.533  4.568   1.00 108.87 ? 18  DC  A C5    1 
ATOM   365 C  C6    . DC  A 1 18 ? -18.078 -8.874  3.614   1.00 109.18 ? 18  DC  A C6    1 
ATOM   366 P  P     . DT  A 1 19 ? -22.555 -8.741  -1.193  1.00 161.87 ? 19  DT  A P     1 
ATOM   367 O  OP1   . DT  A 1 19 ? -23.225 -8.080  -2.336  1.00 169.57 ? 19  DT  A OP1   1 
ATOM   368 O  OP2   . DT  A 1 19 ? -23.349 -9.185  -0.028  1.00 164.60 ? 19  DT  A OP2   1 
ATOM   369 O  "O5'" . DT  A 1 19 ? -21.733 -9.991  -1.736  1.00 137.72 ? 19  DT  A "O5'" 1 
ATOM   370 C  "C5'" . DT  A 1 19 ? -20.536 -9.778  -2.442  1.00 135.12 ? 19  DT  A "C5'" 1 
ATOM   371 C  "C4'" . DT  A 1 19 ? -19.991 -11.088 -2.939  1.00 139.37 ? 19  DT  A "C4'" 1 
ATOM   372 O  "O4'" . DT  A 1 19 ? -19.141 -11.688 -1.929  1.00 132.98 ? 19  DT  A "O4'" 1 
ATOM   373 C  "C3'" . DT  A 1 19 ? -21.046 -12.120 -3.262  1.00 140.79 ? 19  DT  A "C3'" 1 
ATOM   374 O  "O3'" . DT  A 1 19 ? -20.624 -12.855 -4.376  1.00 146.64 ? 19  DT  A "O3'" 1 
ATOM   375 C  "C2'" . DT  A 1 19 ? -21.089 -12.974 -1.992  1.00 143.00 ? 19  DT  A "C2'" 1 
ATOM   376 C  "C1'" . DT  A 1 19 ? -19.630 -12.963 -1.573  1.00 132.56 ? 19  DT  A "C1'" 1 
ATOM   377 N  N1    . DT  A 1 19 ? -19.383 -13.134 -0.097  1.00 126.99 ? 19  DT  A N1    1 
ATOM   378 C  C2    . DT  A 1 19 ? -18.405 -14.011 0.320   1.00 128.57 ? 19  DT  A C2    1 
ATOM   379 O  O2    . DT  A 1 19 ? -17.748 -14.692 -0.450  1.00 135.11 ? 19  DT  A O2    1 
ATOM   380 N  N3    . DT  A 1 19 ? -18.228 -14.069 1.682   1.00 120.62 ? 19  DT  A N3    1 
ATOM   381 C  C4    . DT  A 1 19 ? -18.910 -13.345 2.642   1.00 124.17 ? 19  DT  A C4    1 
ATOM   382 O  O4    . DT  A 1 19 ? -18.684 -13.460 3.845   1.00 128.17 ? 19  DT  A O4    1 
ATOM   383 C  C5    . DT  A 1 19 ? -19.908 -12.442 2.140   1.00 120.89 ? 19  DT  A C5    1 
ATOM   384 C  C7    . DT  A 1 19 ? -20.704 -11.617 3.103   1.00 116.64 ? 19  DT  A C7    1 
ATOM   385 C  C6    . DT  A 1 19 ? -20.094 -12.376 0.809   1.00 122.87 ? 19  DT  A C6    1 
ATOM   386 P  P     . DC  A 1 20 ? -21.703 -13.485 -5.379  1.00 164.88 ? 20  DC  A P     1 
ATOM   387 O  OP1   . DC  A 1 20 ? -21.274 -13.218 -6.770  1.00 167.27 ? 20  DC  A OP1   1 
ATOM   388 O  OP2   . DC  A 1 20 ? -23.041 -13.021 -4.930  1.00 151.82 ? 20  DC  A OP2   1 
ATOM   389 O  "O5'" . DC  A 1 20 ? -21.523 -15.049 -5.124  1.00 162.49 ? 20  DC  A "O5'" 1 
ATOM   390 C  "C5'" . DC  A 1 20 ? -20.220 -15.558 -4.834  1.00 154.05 ? 20  DC  A "C5'" 1 
ATOM   391 C  "C4'" . DC  A 1 20 ? -20.310 -16.850 -4.045  1.00 160.49 ? 20  DC  A "C4'" 1 
ATOM   392 O  "O4'" . DC  A 1 20 ? -20.187 -16.577 -2.622  1.00 153.50 ? 20  DC  A "O4'" 1 
ATOM   393 C  "C3'" . DC  A 1 20 ? -21.629 -17.619 -4.210  1.00 164.19 ? 20  DC  A "C3'" 1 
ATOM   394 O  "O3'" . DC  A 1 20 ? -21.356 -19.005 -4.335  1.00 167.61 ? 20  DC  A "O3'" 1 
ATOM   395 C  "C2'" . DC  A 1 20 ? -22.358 -17.320 -2.901  1.00 156.02 ? 20  DC  A "C2'" 1 
ATOM   396 C  "C1'" . DC  A 1 20 ? -21.180 -17.311 -1.949  1.00 152.04 ? 20  DC  A "C1'" 1 
ATOM   397 N  N1    . DC  A 1 20 ? -21.452 -16.682 -0.629  1.00 145.19 ? 20  DC  A N1    1 
ATOM   398 C  C2    . DC  A 1 20 ? -20.671 -17.051 0.473   1.00 145.54 ? 20  DC  A C2    1 
ATOM   399 O  O2    . DC  A 1 20 ? -19.765 -17.881 0.315   1.00 144.66 ? 20  DC  A O2    1 
ATOM   400 N  N3    . DC  A 1 20 ? -20.925 -16.483 1.678   1.00 143.27 ? 20  DC  A N3    1 
ATOM   401 C  C4    . DC  A 1 20 ? -21.909 -15.586 1.799   1.00 138.98 ? 20  DC  A C4    1 
ATOM   402 N  N4    . DC  A 1 20 ? -22.122 -15.052 3.008   1.00 139.51 ? 20  DC  A N4    1 
ATOM   403 C  C5    . DC  A 1 20 ? -22.720 -15.202 0.686   1.00 135.37 ? 20  DC  A C5    1 
ATOM   404 C  C6    . DC  A 1 20 ? -22.462 -15.774 -0.497  1.00 139.57 ? 20  DC  A C6    1 
ATOM   405 P  P     . DA  A 1 21 ? -21.136 -19.666 -5.782  1.00 177.33 ? 21  DA  A P     1 
ATOM   406 O  OP1   . DA  A 1 21 ? -20.026 -18.954 -6.451  1.00 178.80 ? 21  DA  A OP1   1 
ATOM   407 O  OP2   . DA  A 1 21 ? -22.463 -19.722 -6.438  1.00 173.94 ? 21  DA  A OP2   1 
ATOM   408 O  "O5'" . DA  A 1 21 ? -20.629 -21.151 -5.444  1.00 172.50 ? 21  DA  A "O5'" 1 
ATOM   409 C  "C5'" . DA  A 1 21 ? -19.263 -21.370 -5.074  1.00 173.42 ? 21  DA  A "C5'" 1 
ATOM   410 C  "C4'" . DA  A 1 21 ? -19.147 -22.319 -3.885  1.00 177.82 ? 21  DA  A "C4'" 1 
ATOM   411 O  "O4'" . DA  A 1 21 ? -19.575 -21.653 -2.666  1.00 172.01 ? 21  DA  A "O4'" 1 
ATOM   412 C  "C3'" . DA  A 1 21 ? -19.977 -23.596 -3.979  1.00 183.06 ? 21  DA  A "C3'" 1 
ATOM   413 O  "O3'" . DA  A 1 21 ? -19.221 -24.692 -3.482  1.00 190.93 ? 21  DA  A "O3'" 1 
ATOM   414 C  "C2'" . DA  A 1 21 ? -21.185 -23.294 -3.086  1.00 177.99 ? 21  DA  A "C2'" 1 
ATOM   415 C  "C1'" . DA  A 1 21 ? -20.547 -22.440 -2.007  1.00 169.22 ? 21  DA  A "C1'" 1 
ATOM   416 N  N9    . DA  A 1 21 ? -21.474 -21.536 -1.337  1.00 163.77 ? 21  DA  A N9    1 
ATOM   417 C  C8    . DA  A 1 21 ? -22.450 -20.768 -1.916  1.00 162.54 ? 21  DA  A C8    1 
ATOM   418 N  N7    . DA  A 1 21 ? -23.121 -20.031 -1.060  1.00 156.06 ? 21  DA  A N7    1 
ATOM   419 C  C5    . DA  A 1 21 ? -22.536 -20.331 0.163   1.00 162.16 ? 21  DA  A C5    1 
ATOM   420 C  C6    . DA  A 1 21 ? -22.789 -19.876 1.477   1.00 163.73 ? 21  DA  A C6    1 
ATOM   421 N  N6    . DA  A 1 21 ? -23.743 -18.985 1.774   1.00 159.26 ? 21  DA  A N6    1 
ATOM   422 N  N1    . DA  A 1 21 ? -22.022 -20.381 2.478   1.00 164.31 ? 21  DA  A N1    1 
ATOM   423 C  C2    . DA  A 1 21 ? -21.068 -21.277 2.172   1.00 164.45 ? 21  DA  A C2    1 
ATOM   424 N  N3    . DA  A 1 21 ? -20.736 -21.773 0.976   1.00 165.85 ? 21  DA  A N3    1 
ATOM   425 C  C4    . DA  A 1 21 ? -21.517 -21.255 0.007   1.00 164.13 ? 21  DA  A C4    1 
ATOM   426 P  P     . DT  B 2 1  ? -7.041  2.422   -4.994  1.00 89.63  ? 1   DT  B P     1 
ATOM   427 O  OP1   . DT  B 2 1  ? -8.239  2.566   -5.840  1.00 82.12  ? 1   DT  B OP1   1 
ATOM   428 O  OP2   . DT  B 2 1  ? -5.879  1.645   -5.496  1.00 68.08  ? 1   DT  B OP2   1 
ATOM   429 O  "O5'" . DT  B 2 1  ? -7.473  1.687   -3.649  1.00 96.20  ? 1   DT  B "O5'" 1 
ATOM   430 C  "C5'" . DT  B 2 1  ? -8.796  1.792   -3.151  1.00 88.57  ? 1   DT  B "C5'" 1 
ATOM   431 C  "C4'" . DT  B 2 1  ? -8.870  1.197   -1.752  1.00 84.22  ? 1   DT  B "C4'" 1 
ATOM   432 O  "O4'" . DT  B 2 1  ? -8.584  -0.196  -1.834  1.00 82.39  ? 1   DT  B "O4'" 1 
ATOM   433 C  "C3'" . DT  B 2 1  ? -7.818  1.693   -0.787  1.00 81.15  ? 1   DT  B "C3'" 1 
ATOM   434 O  "O3'" . DT  B 2 1  ? -8.214  2.899   -0.211  1.00 82.66  ? 1   DT  B "O3'" 1 
ATOM   435 C  "C2'" . DT  B 2 1  ? -7.753  0.574   0.241   1.00 66.90  ? 1   DT  B "C2'" 1 
ATOM   436 C  "C1'" . DT  B 2 1  ? -8.164  -0.645  -0.576  1.00 72.76  ? 1   DT  B "C1'" 1 
ATOM   437 N  N1    . DT  B 2 1  ? -7.113  -1.645  -0.801  1.00 79.75  ? 1   DT  B N1    1 
ATOM   438 C  C2    . DT  B 2 1  ? -6.457  -2.189  0.278   1.00 85.44  ? 1   DT  B C2    1 
ATOM   439 O  O2    . DT  B 2 1  ? -6.671  -1.841  1.431   1.00 83.95  ? 1   DT  B O2    1 
ATOM   440 N  N3    . DT  B 2 1  ? -5.525  -3.147  -0.043  1.00 80.15  ? 1   DT  B N3    1 
ATOM   441 C  C4    . DT  B 2 1  ? -5.217  -3.608  -1.297  1.00 81.36  ? 1   DT  B C4    1 
ATOM   442 O  O4    . DT  B 2 1  ? -4.362  -4.472  -1.483  1.00 85.47  ? 1   DT  B O4    1 
ATOM   443 C  C5    . DT  B 2 1  ? -5.959  -2.999  -2.383  1.00 77.24  ? 1   DT  B C5    1 
ATOM   444 C  C7    . DT  B 2 1  ? -5.697  -3.410  -3.801  1.00 84.31  ? 1   DT  B C7    1 
ATOM   445 C  C6    . DT  B 2 1  ? -6.859  -2.062  -2.086  1.00 72.24  ? 1   DT  B C6    1 
ATOM   446 P  P     . DG  B 2 2  ? -7.193  4.136   -0.266  1.00 104.36 ? 2   DG  B P     1 
ATOM   447 O  OP1   . DG  B 2 2  ? -7.917  5.401   0.055   1.00 104.06 ? 2   DG  B OP1   1 
ATOM   448 O  OP2   . DG  B 2 2  ? -6.460  3.948   -1.545  1.00 97.60  ? 2   DG  B OP2   1 
ATOM   449 O  "O5'" . DG  B 2 2  ? -6.190  3.840   0.936   1.00 85.46  ? 2   DG  B "O5'" 1 
ATOM   450 C  "C5'" . DG  B 2 2  ? -6.711  3.733   2.223   1.00 83.58  ? 2   DG  B "C5'" 1 
ATOM   451 C  "C4'" . DG  B 2 2  ? -5.990  2.661   2.960   1.00 85.62  ? 2   DG  B "C4'" 1 
ATOM   452 O  "O4'" . DG  B 2 2  ? -5.601  1.641   2.038   1.00 80.29  ? 2   DG  B "O4'" 1 
ATOM   453 C  "C3'" . DG  B 2 2  ? -4.702  3.122   3.602   1.00 103.03 ? 2   DG  B "C3'" 1 
ATOM   454 O  "O3'" . DG  B 2 2  ? -4.834  3.018   4.976   1.00 107.17 ? 2   DG  B "O3'" 1 
ATOM   455 C  "C2'" . DG  B 2 2  ? -3.621  2.157   3.060   1.00 107.05 ? 2   DG  B "C2'" 1 
ATOM   456 C  "C1'" . DG  B 2 2  ? -4.456  1.021   2.543   1.00 89.18  ? 2   DG  B "C1'" 1 
ATOM   457 N  N9    . DG  B 2 2  ? -3.871  0.265   1.457   1.00 81.58  ? 2   DG  B N9    1 
ATOM   458 C  C8    . DG  B 2 2  ? -4.166  0.422   0.136   1.00 96.39  ? 2   DG  B C8    1 
ATOM   459 N  N7    . DG  B 2 2  ? -3.563  -0.427  -0.646  1.00 96.16  ? 2   DG  B N7    1 
ATOM   460 C  C5    . DG  B 2 2  ? -2.832  -1.206  0.209   1.00 84.05  ? 2   DG  B C5    1 
ATOM   461 C  C6    . DG  B 2 2  ? -1.982  -2.277  -0.086  1.00 96.93  ? 2   DG  B C6    1 
ATOM   462 O  O6    . DG  B 2 2  ? -1.714  -2.748  -1.203  1.00 90.26  ? 2   DG  B O6    1 
ATOM   463 N  N1    . DG  B 2 2  ? -1.410  -2.811  1.069   1.00 105.68 ? 2   DG  B N1    1 
ATOM   464 C  C2    . DG  B 2 2  ? -1.647  -2.359  2.347   1.00 103.50 ? 2   DG  B C2    1 
ATOM   465 N  N2    . DG  B 2 2  ? -1.013  -3.010  3.322   1.00 104.47 ? 2   DG  B N2    1 
ATOM   466 N  N3    . DG  B 2 2  ? -2.459  -1.335  2.643   1.00 97.90  ? 2   DG  B N3    1 
ATOM   467 C  C4    . DG  B 2 2  ? -3.013  -0.809  1.522   1.00 88.20  ? 2   DG  B C4    1 
ATOM   468 P  P     . DT  B 2 3  ? -3.628  3.498   5.906   1.00 134.67 ? 3   DT  B P     1 
ATOM   469 O  OP1   . DT  B 2 3  ? -4.151  3.764   7.267   1.00 127.42 ? 3   DT  B OP1   1 
ATOM   470 O  OP2   . DT  B 2 3  ? -2.894  4.562   5.164   1.00 131.06 ? 3   DT  B OP2   1 
ATOM   471 O  "O5'" . DT  B 2 3  ? -2.680  2.228   5.952   1.00 104.08 ? 3   DT  B "O5'" 1 
ATOM   472 C  "C5'" . DT  B 2 3  ? -1.355  2.429   6.212   1.00 108.98 ? 3   DT  B "C5'" 1 
ATOM   473 C  "C4'" . DT  B 2 3  ? -0.821  1.288   7.001   1.00 104.58 ? 3   DT  B "C4'" 1 
ATOM   474 O  "O4'" . DT  B 2 3  ? -0.668  0.162   6.117   1.00 102.14 ? 3   DT  B "O4'" 1 
ATOM   475 C  "C3'" . DT  B 2 3  ? 0.552   1.536   7.561   1.00 107.35 ? 3   DT  B "C3'" 1 
ATOM   476 O  "O3'" . DT  B 2 3  ? 0.796   0.671   8.646   1.00 106.80 ? 3   DT  B "O3'" 1 
ATOM   477 C  "C2'" . DT  B 2 3  ? 1.436   1.207   6.367   1.00 111.16 ? 3   DT  B "C2'" 1 
ATOM   478 C  "C1'" . DT  B 2 3  ? 0.688   0.035   5.735   1.00 104.39 ? 3   DT  B "C1'" 1 
ATOM   479 N  N1    . DT  B 2 3  ? 0.746   0.017   4.243   1.00 110.67 ? 3   DT  B N1    1 
ATOM   480 C  C2    . DT  B 2 3  ? 1.368   -1.031  3.604   1.00 109.48 ? 3   DT  B C2    1 
ATOM   481 O  O2    . DT  B 2 3  ? 1.892   -1.958  4.197   1.00 115.73 ? 3   DT  B O2    1 
ATOM   482 N  N3    . DT  B 2 3  ? 1.347   -0.960  2.240   1.00 102.77 ? 3   DT  B N3    1 
ATOM   483 C  C4    . DT  B 2 3  ? 0.793   0.032   1.471   1.00 101.94 ? 3   DT  B C4    1 
ATOM   484 O  O4    . DT  B 2 3  ? 0.840   0.008   0.253   1.00 109.77 ? 3   DT  B O4    1 
ATOM   485 C  C5    . DT  B 2 3  ? 0.160   1.103   2.200   1.00 98.66  ? 3   DT  B C5    1 
ATOM   486 C  C7    . DT  B 2 3  ? -0.479  2.235   1.469   1.00 107.29 ? 3   DT  B C7    1 
ATOM   487 C  C6    . DT  B 2 3  ? 0.159   1.043   3.533   1.00 105.31 ? 3   DT  B C6    1 
ATOM   488 P  P     . DC  B 2 4  ? 2.023   0.991   9.616   1.00 113.22 ? 4   DC  B P     1 
ATOM   489 O  OP1   . DC  B 2 4  ? 1.832   0.351   10.936  1.00 113.83 ? 4   DC  B OP1   1 
ATOM   490 O  OP2   . DC  B 2 4  ? 2.136   2.469   9.553   1.00 116.94 ? 4   DC  B OP2   1 
ATOM   491 O  "O5'" . DC  B 2 4  ? 3.263   0.299   8.867   1.00 105.09 ? 4   DC  B "O5'" 1 
ATOM   492 C  "C5'" . DC  B 2 4  ? 3.135   -1.028  8.373   1.00 93.48  ? 4   DC  B "C5'" 1 
ATOM   493 C  "C4'" . DC  B 2 4  ? 4.461   -1.544  7.839   1.00 97.15  ? 4   DC  B "C4'" 1 
ATOM   494 O  "O4'" . DC  B 2 4  ? 4.478   -1.513  6.391   1.00 106.55 ? 4   DC  B "O4'" 1 
ATOM   495 C  "C3'" . DC  B 2 4  ? 5.685   -0.758  8.236   1.00 96.37  ? 4   DC  B "C3'" 1 
ATOM   496 O  "O3'" . DC  B 2 4  ? 6.770   -1.621  8.175   1.00 90.19  ? 4   DC  B "O3'" 1 
ATOM   497 C  "C2'" . DC  B 2 4  ? 5.773   0.257   7.107   1.00 98.49  ? 4   DC  B "C2'" 1 
ATOM   498 C  "C1'" . DC  B 2 4  ? 5.532   -0.673  5.947   1.00 95.86  ? 4   DC  B "C1'" 1 
ATOM   499 N  N1    . DC  B 2 4  ? 5.059   -0.020  4.709   1.00 100.41 ? 4   DC  B N1    1 
ATOM   500 C  C2    . DC  B 2 4  ? 5.368   -0.601  3.468   1.00 107.50 ? 4   DC  B C2    1 
ATOM   501 O  O2    . DC  B 2 4  ? 6.084   -1.621  3.439   1.00 111.79 ? 4   DC  B O2    1 
ATOM   502 N  N3    . DC  B 2 4  ? 4.893   -0.025  2.341   1.00 101.10 ? 4   DC  B N3    1 
ATOM   503 C  C4    . DC  B 2 4  ? 4.137   1.063   2.428   1.00 108.58 ? 4   DC  B C4    1 
ATOM   504 N  N4    . DC  B 2 4  ? 3.684   1.599   1.293   1.00 119.86 ? 4   DC  B N4    1 
ATOM   505 C  C5    . DC  B 2 4  ? 3.806   1.655   3.683   1.00 102.81 ? 4   DC  B C5    1 
ATOM   506 C  C6    . DC  B 2 4  ? 4.279   1.081   4.784   1.00 94.32  ? 4   DC  B C6    1 
ATOM   507 P  P     . DT  B 2 5  ? 7.859   -1.604  9.343   1.00 88.71  ? 5   DT  B P     1 
ATOM   508 O  OP1   . DT  B 2 5  ? 7.790   -2.940  9.980   1.00 88.90  ? 5   DT  B OP1   1 
ATOM   509 O  OP2   . DT  B 2 5  ? 7.640   -0.363  10.141  1.00 84.65  ? 5   DT  B OP2   1 
ATOM   510 O  "O5'" . DT  B 2 5  ? 9.250   -1.495  8.552   1.00 82.96  ? 5   DT  B "O5'" 1 
ATOM   511 C  "C5'" . DT  B 2 5  ? 9.584   -2.459  7.550   1.00 87.94  ? 5   DT  B "C5'" 1 
ATOM   512 C  "C4'" . DT  B 2 5  ? 10.409  -1.799  6.465   1.00 87.46  ? 5   DT  B "C4'" 1 
ATOM   513 O  "O4'" . DT  B 2 5  ? 9.560   -1.296  5.428   1.00 97.08  ? 5   DT  B "O4'" 1 
ATOM   514 C  "C3'" . DT  B 2 5  ? 11.101  -0.574  6.934   1.00 91.11  ? 5   DT  B "C3'" 1 
ATOM   515 O  "O3'" . DT  B 2 5  ? 12.305  -0.931  7.564   1.00 74.37  ? 5   DT  B "O3'" 1 
ATOM   516 C  "C2'" . DT  B 2 5  ? 11.325  0.217   5.637   1.00 85.15  ? 5   DT  B "C2'" 1 
ATOM   517 C  "C1'" . DT  B 2 5  ? 10.283  -0.345  4.698   1.00 75.49  ? 5   DT  B "C1'" 1 
ATOM   518 N  N1    . DT  B 2 5  ? 9.347   0.659   4.175   1.00 81.87  ? 5   DT  B N1    1 
ATOM   519 C  C2    . DT  B 2 5  ? 8.975   0.578   2.849   1.00 99.21  ? 5   DT  B C2    1 
ATOM   520 O  O2    . DT  B 2 5  ? 9.391   -0.283  2.091   1.00 105.20 ? 5   DT  B O2    1 
ATOM   521 N  N3    . DT  B 2 5  ? 8.088   1.530   2.435   1.00 93.76  ? 5   DT  B N3    1 
ATOM   522 C  C4    . DT  B 2 5  ? 7.541   2.533   3.205   1.00 98.05  ? 5   DT  B C4    1 
ATOM   523 O  O4    . DT  B 2 5  ? 6.746   3.345   2.749   1.00 101.41 ? 5   DT  B O4    1 
ATOM   524 C  C5    . DT  B 2 5  ? 7.969   2.559   4.584   1.00 90.84  ? 5   DT  B C5    1 
ATOM   525 C  C7    . DT  B 2 5  ? 7.438   3.612   5.504   1.00 82.32  ? 5   DT  B C7    1 
ATOM   526 C  C6    . DT  B 2 5  ? 8.840   1.622   5.003   1.00 78.38  ? 5   DT  B C6    1 
ATOM   527 O  "O5'" . DT  C 3 1  ? -33.359 -17.390 6.915   1.00 171.98 ? 1   DT  C "O5'" 1 
ATOM   528 C  "C5'" . DT  C 3 1  ? -33.639 -17.759 8.255   1.00 166.66 ? 1   DT  C "C5'" 1 
ATOM   529 C  "C4'" . DT  C 3 1  ? -32.493 -18.564 8.842   1.00 168.10 ? 1   DT  C "C4'" 1 
ATOM   530 O  "O4'" . DT  C 3 1  ? -32.157 -19.657 7.949   1.00 166.81 ? 1   DT  C "O4'" 1 
ATOM   531 C  "C3'" . DT  C 3 1  ? -31.195 -17.785 9.059   1.00 160.43 ? 1   DT  C "C3'" 1 
ATOM   532 O  "O3'" . DT  C 3 1  ? -30.649 -18.123 10.307  1.00 159.82 ? 1   DT  C "O3'" 1 
ATOM   533 C  "C2'" . DT  C 3 1  ? -30.303 -18.272 7.927   1.00 159.28 ? 1   DT  C "C2'" 1 
ATOM   534 C  "C1'" . DT  C 3 1  ? -30.762 -19.708 7.807   1.00 162.79 ? 1   DT  C "C1'" 1 
ATOM   535 N  N1    . DT  C 3 1  ? -30.442 -20.332 6.503   1.00 167.21 ? 1   DT  C N1    1 
ATOM   536 C  C2    . DT  C 3 1  ? -29.590 -21.404 6.473   1.00 170.77 ? 1   DT  C C2    1 
ATOM   537 O  O2    . DT  C 3 1  ? -29.068 -21.865 7.472   1.00 172.14 ? 1   DT  C O2    1 
ATOM   538 N  N3    . DT  C 3 1  ? -29.348 -21.914 5.223   1.00 169.91 ? 1   DT  C N3    1 
ATOM   539 C  C4    . DT  C 3 1  ? -29.877 -21.470 4.027   1.00 169.33 ? 1   DT  C C4    1 
ATOM   540 O  O4    . DT  C 3 1  ? -29.601 -22.000 2.952   1.00 169.04 ? 1   DT  C O4    1 
ATOM   541 C  C5    . DT  C 3 1  ? -30.774 -20.342 4.131   1.00 167.51 ? 1   DT  C C5    1 
ATOM   542 C  C7    . DT  C 3 1  ? -31.407 -19.769 2.900   1.00 167.92 ? 1   DT  C C7    1 
ATOM   543 C  C6    . DT  C 3 1  ? -31.008 -19.832 5.351   1.00 166.31 ? 1   DT  C C6    1 
ATOM   544 P  P     . DC  C 3 2  ? -29.872 -17.011 11.162  1.00 179.02 ? 2   DC  C P     1 
ATOM   545 O  OP1   . DC  C 3 2  ? -29.929 -17.386 12.591  1.00 185.95 ? 2   DC  C OP1   1 
ATOM   546 O  OP2   . DC  C 3 2  ? -30.404 -15.696 10.738  1.00 174.23 ? 2   DC  C OP2   1 
ATOM   547 O  "O5'" . DC  C 3 2  ? -28.352 -17.157 10.686  1.00 173.20 ? 2   DC  C "O5'" 1 
ATOM   548 C  "C5'" . DC  C 3 2  ? -27.309 -17.227 11.655  1.00 168.25 ? 2   DC  C "C5'" 1 
ATOM   549 C  "C4'" . DC  C 3 2  ? -26.736 -18.628 11.716  1.00 162.02 ? 2   DC  C "C4'" 1 
ATOM   550 O  "O4'" . DC  C 3 2  ? -27.148 -19.363 10.538  1.00 157.15 ? 2   DC  C "O4'" 1 
ATOM   551 C  "C3'" . DC  C 3 2  ? -25.213 -18.694 11.752  1.00 166.84 ? 2   DC  C "C3'" 1 
ATOM   552 O  "O3'" . DC  C 3 2  ? -24.788 -19.594 12.745  1.00 174.85 ? 2   DC  C "O3'" 1 
ATOM   553 C  "C2'" . DC  C 3 2  ? -24.837 -19.185 10.358  1.00 167.92 ? 2   DC  C "C2'" 1 
ATOM   554 C  "C1'" . DC  C 3 2  ? -26.040 -20.023 9.986   1.00 159.39 ? 2   DC  C "C1'" 1 
ATOM   555 N  N1    . DC  C 3 2  ? -26.248 -20.134 8.515   1.00 165.26 ? 2   DC  C N1    1 
ATOM   556 C  C2    . DC  C 3 2  ? -25.618 -21.163 7.806   1.00 168.27 ? 2   DC  C C2    1 
ATOM   557 O  O2    . DC  C 3 2  ? -24.897 -21.962 8.420   1.00 167.56 ? 2   DC  C O2    1 
ATOM   558 N  N3    . DC  C 3 2  ? -25.814 -21.254 6.462   1.00 166.64 ? 2   DC  C N3    1 
ATOM   559 C  C4    . DC  C 3 2  ? -26.596 -20.370 5.839   1.00 165.09 ? 2   DC  C C4    1 
ATOM   560 N  N4    . DC  C 3 2  ? -26.759 -20.502 4.518   1.00 161.92 ? 2   DC  C N4    1 
ATOM   561 C  C5    . DC  C 3 2  ? -27.244 -19.310 6.547   1.00 162.39 ? 2   DC  C C5    1 
ATOM   562 C  C6    . DC  C 3 2  ? -27.047 -19.234 7.871   1.00 161.02 ? 2   DC  C C6    1 
ATOM   563 P  P     . DT  C 3 3  ? -23.340 -19.413 13.416  1.00 210.95 ? 3   DT  C P     1 
ATOM   564 O  OP1   . DT  C 3 3  ? -23.253 -20.347 14.563  1.00 235.32 ? 3   DT  C OP1   1 
ATOM   565 O  OP2   . DT  C 3 3  ? -23.129 -17.964 13.638  1.00 203.25 ? 3   DT  C OP2   1 
ATOM   566 O  "O5'" . DT  C 3 3  ? -22.322 -19.900 12.277  1.00 193.65 ? 3   DT  C "O5'" 1 
ATOM   567 C  "C5'" . DT  C 3 3  ? -22.408 -21.228 11.765  1.00 185.53 ? 3   DT  C "C5'" 1 
ATOM   568 C  "C4'" . DT  C 3 3  ? -21.321 -21.471 10.738  1.00 181.28 ? 3   DT  C "C4'" 1 
ATOM   569 O  "O4'" . DT  C 3 3  ? -21.864 -21.342 9.395   1.00 178.65 ? 3   DT  C "O4'" 1 
ATOM   570 C  "C3'" . DT  C 3 3  ? -20.141 -20.502 10.808  1.00 177.14 ? 3   DT  C "C3'" 1 
ATOM   571 O  "O3'" . DT  C 3 3  ? -18.942 -21.220 10.646  1.00 178.54 ? 3   DT  C "O3'" 1 
ATOM   572 C  "C2'" . DT  C 3 3  ? -20.389 -19.575 9.620   1.00 171.88 ? 3   DT  C "C2'" 1 
ATOM   573 C  "C1'" . DT  C 3 3  ? -20.985 -20.555 8.626   1.00 171.97 ? 3   DT  C "C1'" 1 
ATOM   574 N  N1    . DT  C 3 3  ? -21.760 -19.914 7.510   1.00 165.52 ? 3   DT  C N1    1 
ATOM   575 C  C2    . DT  C 3 3  ? -21.705 -20.461 6.238   1.00 166.18 ? 3   DT  C C2    1 
ATOM   576 O  O2    . DT  C 3 3  ? -21.045 -21.456 5.962   1.00 165.79 ? 3   DT  C O2    1 
ATOM   577 N  N3    . DT  C 3 3  ? -22.462 -19.797 5.297   1.00 164.88 ? 3   DT  C N3    1 
ATOM   578 C  C4    . DT  C 3 3  ? -23.242 -18.668 5.494   1.00 162.49 ? 3   DT  C C4    1 
ATOM   579 O  O4    . DT  C 3 3  ? -23.884 -18.139 4.589   1.00 157.82 ? 3   DT  C O4    1 
ATOM   580 C  C5    . DT  C 3 3  ? -23.253 -18.153 6.843   1.00 164.24 ? 3   DT  C C5    1 
ATOM   581 C  C7    . DT  C 3 3  ? -24.067 -16.937 7.171   1.00 162.03 ? 3   DT  C C7    1 
ATOM   582 C  C6    . DT  C 3 3  ? -22.520 -18.792 7.774   1.00 163.57 ? 3   DT  C C6    1 
ATOM   583 P  P     . DG  C 3 4  ? -17.700 -20.960 11.630  1.00 192.53 ? 4   DG  C P     1 
ATOM   584 O  OP1   . DG  C 3 4  ? -17.714 -22.012 12.672  1.00 190.66 ? 4   DG  C OP1   1 
ATOM   585 O  OP2   . DG  C 3 4  ? -17.747 -19.534 12.029  1.00 187.00 ? 4   DG  C OP2   1 
ATOM   586 O  "O5'" . DG  C 3 4  ? -16.434 -21.209 10.684  1.00 182.69 ? 4   DG  C "O5'" 1 
ATOM   587 C  "C5'" . DG  C 3 4  ? -16.449 -22.301 9.769   1.00 177.98 ? 4   DG  C "C5'" 1 
ATOM   588 C  "C4'" . DG  C 3 4  ? -15.921 -21.876 8.411   1.00 174.38 ? 4   DG  C "C4'" 1 
ATOM   589 O  "O4'" . DG  C 3 4  ? -16.933 -21.108 7.702   1.00 167.36 ? 4   DG  C "O4'" 1 
ATOM   590 C  "C3'" . DG  C 3 4  ? -14.670 -20.994 8.456   1.00 169.81 ? 4   DG  C "C3'" 1 
ATOM   591 O  "O3'" . DG  C 3 4  ? -13.717 -21.468 7.530   1.00 164.73 ? 4   DG  C "O3'" 1 
ATOM   592 C  "C2'" . DG  C 3 4  ? -15.192 -19.616 8.060   1.00 167.02 ? 4   DG  C "C2'" 1 
ATOM   593 C  "C1'" . DG  C 3 4  ? -16.319 -19.985 7.114   1.00 160.36 ? 4   DG  C "C1'" 1 
ATOM   594 N  N9    . DG  C 3 4  ? -17.316 -18.931 6.954   1.00 153.81 ? 4   DG  C N9    1 
ATOM   595 C  C8    . DG  C 3 4  ? -17.759 -18.051 7.914   1.00 158.07 ? 4   DG  C C8    1 
ATOM   596 N  N7    . DG  C 3 4  ? -18.659 -17.210 7.479   1.00 146.92 ? 4   DG  C N7    1 
ATOM   597 C  C5    . DG  C 3 4  ? -18.821 -17.554 6.147   1.00 148.73 ? 4   DG  C C5    1 
ATOM   598 C  C6    . DG  C 3 4  ? -19.668 -16.997 5.162   1.00 146.26 ? 4   DG  C C6    1 
ATOM   599 O  O6    . DG  C 3 4  ? -20.466 -16.059 5.281   1.00 143.59 ? 4   DG  C O6    1 
ATOM   600 N  N1    . DG  C 3 4  ? -19.524 -17.643 3.935   1.00 144.39 ? 4   DG  C N1    1 
ATOM   601 C  C2    . DG  C 3 4  ? -18.666 -18.697 3.693   1.00 149.15 ? 4   DG  C C2    1 
ATOM   602 N  N2    . DG  C 3 4  ? -18.659 -19.195 2.447   1.00 150.41 ? 4   DG  C N2    1 
ATOM   603 N  N3    . DG  C 3 4  ? -17.867 -19.229 4.611   1.00 147.29 ? 4   DG  C N3    1 
ATOM   604 C  C4    . DG  C 3 4  ? -17.998 -18.610 5.808   1.00 150.03 ? 4   DG  C C4    1 
ATOM   605 P  P     . DA  C 3 5  ? -12.149 -21.283 7.822   1.00 180.65 ? 5   DA  C P     1 
ATOM   606 O  OP1   . DA  C 3 5  ? -11.701 -22.434 8.634   1.00 181.73 ? 5   DA  C OP1   1 
ATOM   607 O  OP2   . DA  C 3 5  ? -11.922 -19.904 8.314   1.00 176.38 ? 5   DA  C OP2   1 
ATOM   608 O  "O5'" . DA  C 3 5  ? -11.489 -21.406 6.376   1.00 171.81 ? 5   DA  C "O5'" 1 
ATOM   609 C  "C5'" . DA  C 3 5  ? -11.896 -22.451 5.512   1.00 166.38 ? 5   DA  C "C5'" 1 
ATOM   610 C  "C4'" . DA  C 3 5  ? -12.097 -21.931 4.102   1.00 164.90 ? 5   DA  C "C4'" 1 
ATOM   611 O  "O4'" . DA  C 3 5  ? -13.226 -21.021 4.071   1.00 163.60 ? 5   DA  C "O4'" 1 
ATOM   612 C  "C3'" . DA  C 3 5  ? -10.910 -21.165 3.526   1.00 156.18 ? 5   DA  C "C3'" 1 
ATOM   613 O  "O3'" . DA  C 3 5  ? -10.672 -21.584 2.201   1.00 153.72 ? 5   DA  C "O3'" 1 
ATOM   614 C  "C2'" . DA  C 3 5  ? -11.358 -19.704 3.587   1.00 150.75 ? 5   DA  C "C2'" 1 
ATOM   615 C  "C1'" . DA  C 3 5  ? -12.861 -19.829 3.415   1.00 149.36 ? 5   DA  C "C1'" 1 
ATOM   616 N  N9    . DA  C 3 5  ? -13.606 -18.742 4.029   1.00 146.37 ? 5   DA  C N9    1 
ATOM   617 C  C8    . DA  C 3 5  ? -13.520 -18.320 5.326   1.00 150.30 ? 5   DA  C C8    1 
ATOM   618 N  N7    . DA  C 3 5  ? -14.316 -17.317 5.612   1.00 147.75 ? 5   DA  C N7    1 
ATOM   619 C  C5    . DA  C 3 5  ? -14.975 -17.067 4.420   1.00 144.71 ? 5   DA  C C5    1 
ATOM   620 C  C6    . DA  C 3 5  ? -15.960 -16.122 4.060   1.00 141.86 ? 5   DA  C C6    1 
ATOM   621 N  N6    . DA  C 3 5  ? -16.462 -15.219 4.920   1.00 135.88 ? 5   DA  C N6    1 
ATOM   622 N  N1    . DA  C 3 5  ? -16.410 -16.141 2.779   1.00 142.00 ? 5   DA  C N1    1 
ATOM   623 C  C2    . DA  C 3 5  ? -15.902 -17.052 1.927   1.00 135.14 ? 5   DA  C C2    1 
ATOM   624 N  N3    . DA  C 3 5  ? -14.977 -17.989 2.155   1.00 136.80 ? 5   DA  C N3    1 
ATOM   625 C  C4    . DA  C 3 5  ? -14.550 -17.940 3.432   1.00 142.70 ? 5   DA  C C4    1 
ATOM   626 P  P     . DG  C 3 6  ? -9.339  -21.114 1.443   1.00 160.49 ? 6   DG  C P     1 
ATOM   627 O  OP1   . DG  C 3 6  ? -8.925  -22.186 0.505   1.00 159.73 ? 6   DG  C OP1   1 
ATOM   628 O  OP2   . DG  C 3 6  ? -8.412  -20.576 2.465   1.00 156.81 ? 6   DG  C OP2   1 
ATOM   629 O  "O5'" . DG  C 3 6  ? -9.832  -19.889 0.568   1.00 151.44 ? 6   DG  C "O5'" 1 
ATOM   630 C  "C5'" . DG  C 3 6  ? -10.915 -20.069 -0.313  1.00 150.62 ? 6   DG  C "C5'" 1 
ATOM   631 C  "C4'" . DG  C 3 6  ? -11.337 -18.742 -0.896  1.00 143.60 ? 6   DG  C "C4'" 1 
ATOM   632 O  "O4'" . DG  C 3 6  ? -12.022 -17.978 0.106   1.00 138.96 ? 6   DG  C "O4'" 1 
ATOM   633 C  "C3'" . DG  C 3 6  ? -10.181 -17.867 -1.371  1.00 136.99 ? 6   DG  C "C3'" 1 
ATOM   634 O  "O3'" . DG  C 3 6  ? -10.216 -17.777 -2.781  1.00 139.34 ? 6   DG  C "O3'" 1 
ATOM   635 C  "C2'" . DG  C 3 6  ? -10.409 -16.504 -0.687  1.00 120.11 ? 6   DG  C "C2'" 1 
ATOM   636 C  "C1'" . DG  C 3 6  ? -11.831 -16.627 -0.159  1.00 119.30 ? 6   DG  C "C1'" 1 
ATOM   637 N  N9    . DG  C 3 6  ? -12.075 -15.909 1.077   1.00 117.30 ? 6   DG  C N9    1 
ATOM   638 C  C8    . DG  C 3 6  ? -11.515 -16.149 2.311   1.00 116.20 ? 6   DG  C C8    1 
ATOM   639 N  N7    . DG  C 3 6  ? -11.950 -15.342 3.243   1.00 112.10 ? 6   DG  C N7    1 
ATOM   640 C  C5    . DG  C 3 6  ? -12.867 -14.530 2.581   1.00 115.86 ? 6   DG  C C5    1 
ATOM   641 C  C6    . DG  C 3 6  ? -13.667 -13.460 3.064   1.00 117.08 ? 6   DG  C C6    1 
ATOM   642 O  O6    . DG  C 3 6  ? -13.729 -13.009 4.211   1.00 120.18 ? 6   DG  C O6    1 
ATOM   643 N  N1    . DG  C 3 6  ? -14.456 -12.902 2.055   1.00 111.78 ? 6   DG  C N1    1 
ATOM   644 C  C2    . DG  C 3 6  ? -14.471 -13.327 0.742   1.00 118.75 ? 6   DG  C C2    1 
ATOM   645 N  N2    . DG  C 3 6  ? -15.297 -12.671 -0.094  1.00 123.79 ? 6   DG  C N2    1 
ATOM   646 N  N3    . DG  C 3 6  ? -13.727 -14.329 0.277   1.00 113.06 ? 6   DG  C N3    1 
ATOM   647 C  C4    . DG  C 3 6  ? -12.954 -14.878 1.249   1.00 116.94 ? 6   DG  C C4    1 
ATOM   648 P  P     . DT  C 3 7  ? -9.033  -17.040 -3.563  1.00 137.31 ? 7   DT  C P     1 
ATOM   649 O  OP1   . DT  C 3 7  ? -8.947  -17.563 -4.956  1.00 123.36 ? 7   DT  C OP1   1 
ATOM   650 O  OP2   . DT  C 3 7  ? -7.868  -17.035 -2.643  1.00 125.51 ? 7   DT  C OP2   1 
ATOM   651 O  "O5'" . DT  C 3 7  ? -9.583  -15.565 -3.671  1.00 126.77 ? 7   DT  C "O5'" 1 
ATOM   652 C  "C5'" . DT  C 3 7  ? -10.911 -15.385 -4.045  1.00 120.41 ? 7   DT  C "C5'" 1 
ATOM   653 C  "C4'" . DT  C 3 7  ? -11.316 -13.954 -3.831  1.00 123.77 ? 7   DT  C "C4'" 1 
ATOM   654 O  "O4'" . DT  C 3 7  ? -11.492 -13.678 -2.420  1.00 128.51 ? 7   DT  C "O4'" 1 
ATOM   655 C  "C3'" . DT  C 3 7  ? -10.309 -12.919 -4.333  1.00 113.46 ? 7   DT  C "C3'" 1 
ATOM   656 O  "O3'" . DT  C 3 7  ? -10.986 -12.055 -5.208  1.00 109.96 ? 7   DT  C "O3'" 1 
ATOM   657 C  "C2'" . DT  C 3 7  ? -9.868  -12.199 -3.043  1.00 108.21 ? 7   DT  C "C2'" 1 
ATOM   658 C  "C1'" . DT  C 3 7  ? -11.133 -12.341 -2.225  1.00 109.14 ? 7   DT  C "C1'" 1 
ATOM   659 N  N1    . DT  C 3 7  ? -11.008 -12.069 -0.759  1.00 102.16 ? 7   DT  C N1    1 
ATOM   660 C  C2    . DT  C 3 7  ? -11.826 -11.110 -0.181  1.00 104.38 ? 7   DT  C C2    1 
ATOM   661 O  O2    . DT  C 3 7  ? -12.634 -10.450 -0.818  1.00 106.52 ? 7   DT  C O2    1 
ATOM   662 N  N3    . DT  C 3 7  ? -11.657 -10.943 1.170   1.00 102.00 ? 7   DT  C N3    1 
ATOM   663 C  C4    . DT  C 3 7  ? -10.779 -11.632 1.982   1.00 104.58 ? 7   DT  C C4    1 
ATOM   664 O  O4    . DT  C 3 7  ? -10.697 -11.417 3.192   1.00 106.80 ? 7   DT  C O4    1 
ATOM   665 C  C5    . DT  C 3 7  ? -9.961  -12.623 1.311   1.00 102.79 ? 7   DT  C C5    1 
ATOM   666 C  C7    . DT  C 3 7  ? -8.974  -13.431 2.092   1.00 112.07 ? 7   DT  C C7    1 
ATOM   667 C  C6    . DT  C 3 7  ? -10.116 -12.793 -0.009  1.00 100.47 ? 7   DT  C C6    1 
ATOM   668 P  P     . DG  C 3 8  ? -10.181 -11.210 -6.299  1.00 125.18 ? 8   DG  C P     1 
ATOM   669 O  OP1   . DG  C 3 8  ? -10.509 -11.744 -7.652  1.00 114.95 ? 8   DG  C OP1   1 
ATOM   670 O  OP2   . DG  C 3 8  ? -8.778  -11.130 -5.819  1.00 121.75 ? 8   DG  C OP2   1 
ATOM   671 O  "O5'" . DG  C 3 8  ? -10.845 -9.770  -6.184  1.00 93.92  ? 8   DG  C "O5'" 1 
ATOM   672 C  "C5'" . DG  C 3 8  ? -12.142 -9.596  -6.662  1.00 94.32  ? 8   DG  C "C5'" 1 
ATOM   673 C  "C4'" . DG  C 3 8  ? -12.730 -8.318  -6.133  1.00 94.56  ? 8   DG  C "C4'" 1 
ATOM   674 O  "O4'" . DG  C 3 8  ? -12.569 -8.245  -4.697  1.00 99.14  ? 8   DG  C "O4'" 1 
ATOM   675 C  "C3'" . DG  C 3 8  ? -12.089 -7.082  -6.657  1.00 91.58  ? 8   DG  C "C3'" 1 
ATOM   676 O  "O3'" . DG  C 3 8  ? -13.032 -6.104  -6.708  1.00 86.18  ? 8   DG  C "O3'" 1 
ATOM   677 C  "C2'" . DG  C 3 8  ? -11.023 -6.761  -5.607  1.00 91.26  ? 8   DG  C "C2'" 1 
ATOM   678 C  "C1'" . DG  C 3 8  ? -11.695 -7.202  -4.334  1.00 85.20  ? 8   DG  C "C1'" 1 
ATOM   679 N  N9    . DG  C 3 8  ? -10.782 -7.776  -3.370  1.00 88.09  ? 8   DG  C N9    1 
ATOM   680 C  C8    . DG  C 3 8  ? -9.833  -8.731  -3.614  1.00 87.19  ? 8   DG  C C8    1 
ATOM   681 N  N7    . DG  C 3 8  ? -9.179  -9.086  -2.548  1.00 94.97  ? 8   DG  C N7    1 
ATOM   682 C  C5    . DG  C 3 8  ? -9.755  -8.343  -1.528  1.00 85.59  ? 8   DG  C C5    1 
ATOM   683 C  C6    . DG  C 3 8  ? -9.463  -8.319  -0.156  1.00 85.26  ? 8   DG  C C6    1 
ATOM   684 O  O6    . DG  C 3 8  ? -8.606  -8.974  0.453   1.00 95.77  ? 8   DG  C O6    1 
ATOM   685 N  N1    . DG  C 3 8  ? -10.281 -7.434  0.530   1.00 77.42  ? 8   DG  C N1    1 
ATOM   686 C  C2    . DG  C 3 8  ? -11.263 -6.670  -0.044  1.00 84.06  ? 8   DG  C C2    1 
ATOM   687 N  N2    . DG  C 3 8  ? -11.960 -5.865  0.777   1.00 89.66  ? 8   DG  C N2    1 
ATOM   688 N  N3    . DG  C 3 8  ? -11.545 -6.683  -1.334  1.00 91.39  ? 8   DG  C N3    1 
ATOM   689 C  C4    . DG  C 3 8  ? -10.752 -7.544  -2.013  1.00 90.13  ? 8   DG  C C4    1 
ATOM   690 P  P     . DG  C 3 9  ? -12.596 -4.697  -7.309  1.00 95.95  ? 9   DG  C P     1 
ATOM   691 O  OP1   . DG  C 3 9  ? -13.781 -4.048  -7.942  1.00 99.26  ? 9   DG  C OP1   1 
ATOM   692 O  OP2   . DG  C 3 9  ? -11.395 -5.014  -8.121  1.00 92.08  ? 9   DG  C OP2   1 
ATOM   693 O  "O5'" . DG  C 3 9  ? -12.140 -3.863  -6.027  1.00 82.08  ? 9   DG  C "O5'" 1 
ATOM   694 C  "C5'" . DG  C 3 9  ? -13.109 -3.180  -5.301  1.00 84.62  ? 9   DG  C "C5'" 1 
ATOM   695 C  "C4'" . DG  C 3 9  ? -12.476 -2.392  -4.192  1.00 87.09  ? 9   DG  C "C4'" 1 
ATOM   696 O  "O4'" . DG  C 3 9  ? -11.711 -3.270  -3.314  1.00 100.87 ? 9   DG  C "O4'" 1 
ATOM   697 C  "C3'" . DG  C 3 9  ? -11.478 -1.361  -4.649  1.00 74.36  ? 9   DG  C "C3'" 1 
ATOM   698 O  "O3'" . DG  C 3 9  ? -11.503 -0.297  -3.714  1.00 74.33  ? 9   DG  C "O3'" 1 
ATOM   699 C  "C2'" . DG  C 3 9  ? -10.185 -2.133  -4.550  1.00 79.90  ? 9   DG  C "C2'" 1 
ATOM   700 C  "C1'" . DG  C 3 9  ? -10.424 -2.721  -3.194  1.00 84.17  ? 9   DG  C "C1'" 1 
ATOM   701 N  N9    . DG  C 3 9  ? -9.497  -3.753  -2.832  1.00 79.80  ? 9   DG  C N9    1 
ATOM   702 C  C8    . DG  C 3 9  ? -8.842  -4.595  -3.679  1.00 81.28  ? 9   DG  C C8    1 
ATOM   703 N  N7    . DG  C 3 9  ? -8.073  -5.444  -3.067  1.00 86.24  ? 9   DG  C N7    1 
ATOM   704 C  C5    . DG  C 3 9  ? -8.240  -5.142  -1.726  1.00 83.61  ? 9   DG  C C5    1 
ATOM   705 C  C6    . DG  C 3 9  ? -7.659  -5.734  -0.603  1.00 77.26  ? 9   DG  C C6    1 
ATOM   706 O  O6    . DG  C 3 9  ? -6.861  -6.666  -0.578  1.00 89.33  ? 9   DG  C O6    1 
ATOM   707 N  N1    . DG  C 3 9  ? -8.084  -5.145  0.573   1.00 73.41  ? 9   DG  C N1    1 
ATOM   708 C  C2    . DG  C 3 9  ? -8.983  -4.097  0.649   1.00 88.96  ? 9   DG  C C2    1 
ATOM   709 N  N2    . DG  C 3 9  ? -9.285  -3.647  1.885   1.00 92.63  ? 9   DG  C N2    1 
ATOM   710 N  N3    . DG  C 3 9  ? -9.549  -3.527  -0.418  1.00 80.23  ? 9   DG  C N3    1 
ATOM   711 C  C4    . DG  C 3 9  ? -9.123  -4.104  -1.565  1.00 82.45  ? 9   DG  C C4    1 
ATOM   712 P  P     . DG  D 4 1  ? 14.775  3.900   5.351   1.00 107.54 ? 10  DG  D P     1 
ATOM   713 O  OP1   . DG  D 4 1  ? 16.048  3.500   6.029   1.00 80.48  ? 10  DG  D OP1   1 
ATOM   714 O  OP2   . DG  D 4 1  ? 13.739  4.763   5.972   1.00 84.95  ? 10  DG  D OP2   1 
ATOM   715 O  "O5'" . DG  D 4 1  ? 13.937  2.620   4.922   1.00 86.90  ? 10  DG  D "O5'" 1 
ATOM   716 C  "C5'" . DG  D 4 1  ? 14.606  1.461   4.458   1.00 94.92  ? 10  DG  D "C5'" 1 
ATOM   717 C  "C4'" . DG  D 4 1  ? 14.168  1.119   3.047   1.00 91.76  ? 10  DG  D "C4'" 1 
ATOM   718 O  "O4'" . DG  D 4 1  ? 12.745  1.194   2.966   1.00 99.46  ? 10  DG  D "O4'" 1 
ATOM   719 C  "C3'" . DG  D 4 1  ? 14.619  2.091   2.001   1.00 99.65  ? 10  DG  D "C3'" 1 
ATOM   720 O  "O3'" . DG  D 4 1  ? 15.926  1.782   1.618   1.00 108.96 ? 10  DG  D "O3'" 1 
ATOM   721 C  "C2'" . DG  D 4 1  ? 13.633  1.817   0.876   1.00 99.40  ? 10  DG  D "C2'" 1 
ATOM   722 C  "C1'" . DG  D 4 1  ? 12.371  1.481   1.642   1.00 90.42  ? 10  DG  D "C1'" 1 
ATOM   723 N  N9    . DG  D 4 1  ? 11.422  2.554   1.668   1.00 84.22  ? 10  DG  D N9    1 
ATOM   724 C  C8    . DG  D 4 1  ? 11.073  3.331   2.738   1.00 89.62  ? 10  DG  D C8    1 
ATOM   725 N  N7    . DG  D 4 1  ? 10.164  4.225   2.451   1.00 97.56  ? 10  DG  D N7    1 
ATOM   726 C  C5    . DG  D 4 1  ? 9.900   4.010   1.104   1.00 108.07 ? 10  DG  D C5    1 
ATOM   727 C  C6    . DG  D 4 1  ? 9.006   4.669   0.229   1.00 110.72 ? 10  DG  D C6    1 
ATOM   728 O  O6    . DG  D 4 1  ? 8.242   5.608   0.483   1.00 105.01 ? 10  DG  D O6    1 
ATOM   729 N  N1    . DG  D 4 1  ? 9.050   4.126   -1.060  1.00 111.44 ? 10  DG  D N1    1 
ATOM   730 C  C2    . DG  D 4 1  ? 9.864   3.078   -1.447  1.00 112.73 ? 10  DG  D C2    1 
ATOM   731 N  N2    . DG  D 4 1  ? 9.773   2.677   -2.727  1.00 119.67 ? 10  DG  D N2    1 
ATOM   732 N  N3    . DG  D 4 1  ? 10.709  2.463   -0.633  1.00 108.93 ? 10  DG  D N3    1 
ATOM   733 C  C4    . DG  D 4 1  ? 10.670  2.979   0.618   1.00 104.78 ? 10  DG  D C4    1 
ATOM   734 P  P     . DG  D 4 2  ? 16.869  2.946   1.057   1.00 114.22 ? 11  DG  D P     1 
ATOM   735 O  OP1   . DG  D 4 2  ? 18.211  2.325   0.879   1.00 95.47  ? 11  DG  D OP1   1 
ATOM   736 O  OP2   . DG  D 4 2  ? 16.627  4.151   1.898   1.00 105.59 ? 11  DG  D OP2   1 
ATOM   737 O  "O5'" . DG  D 4 2  ? 16.221  3.313   -0.355  1.00 102.56 ? 11  DG  D "O5'" 1 
ATOM   738 C  "C5'" . DG  D 4 2  ? 16.420  2.466   -1.465  1.00 106.14 ? 11  DG  D "C5'" 1 
ATOM   739 C  "C4'" . DG  D 4 2  ? 15.478  2.873   -2.556  1.00 111.52 ? 11  DG  D "C4'" 1 
ATOM   740 O  "O4'" . DG  D 4 2  ? 14.249  3.247   -1.939  1.00 101.55 ? 11  DG  D "O4'" 1 
ATOM   741 C  "C3'" . DG  D 4 2  ? 15.877  4.136   -3.291  1.00 133.04 ? 11  DG  D "C3'" 1 
ATOM   742 O  "O3'" . DG  D 4 2  ? 16.786  3.853   -4.328  1.00 139.77 ? 11  DG  D "O3'" 1 
ATOM   743 C  "C2'" . DG  D 4 2  ? 14.544  4.626   -3.842  1.00 131.12 ? 11  DG  D "C2'" 1 
ATOM   744 C  "C1'" . DG  D 4 2  ? 13.557  4.124   -2.798  1.00 117.70 ? 11  DG  D "C1'" 1 
ATOM   745 N  N9    . DG  D 4 2  ? 12.979  5.166   -1.987  1.00 111.01 ? 11  DG  D N9    1 
ATOM   746 C  C8    . DG  D 4 2  ? 13.279  5.460   -0.689  1.00 113.23 ? 11  DG  D C8    1 
ATOM   747 N  N7    . DG  D 4 2  ? 12.571  6.440   -0.204  1.00 112.73 ? 11  DG  D N7    1 
ATOM   748 C  C5    . DG  D 4 2  ? 11.749  6.802   -1.251  1.00 110.45 ? 11  DG  D C5    1 
ATOM   749 C  C6    . DG  D 4 2  ? 10.766  7.804   -1.320  1.00 127.79 ? 11  DG  D C6    1 
ATOM   750 O  O6    . DG  D 4 2  ? 10.422  8.596   -0.430  1.00 129.88 ? 11  DG  D O6    1 
ATOM   751 N  N1    . DG  D 4 2  ? 10.152  7.844   -2.577  1.00 132.91 ? 11  DG  D N1    1 
ATOM   752 C  C2    . DG  D 4 2  ? 10.465  7.012   -3.628  1.00 133.67 ? 11  DG  D C2    1 
ATOM   753 N  N2    . DG  D 4 2  ? 9.776   7.189   -4.769  1.00 140.17 ? 11  DG  D N2    1 
ATOM   754 N  N3    . DG  D 4 2  ? 11.393  6.066   -3.568  1.00 126.45 ? 11  DG  D N3    1 
ATOM   755 C  C4    . DG  D 4 2  ? 11.986  6.024   -2.356  1.00 116.14 ? 11  DG  D C4    1 
ATOM   756 P  P     . DT  D 4 3  ? 17.868  4.963   -4.734  1.00 134.93 ? 12  DT  D P     1 
ATOM   757 O  OP1   . DT  D 4 3  ? 19.181  4.271   -4.723  1.00 136.37 ? 12  DT  D OP1   1 
ATOM   758 O  OP2   . DT  D 4 3  ? 17.601  6.186   -3.939  1.00 117.16 ? 12  DT  D OP2   1 
ATOM   759 O  "O5'" . DT  D 4 3  ? 17.478  5.366   -6.219  1.00 140.85 ? 12  DT  D "O5'" 1 
ATOM   760 C  "C5'" . DT  D 4 3  ? 16.469  4.664   -6.891  1.00 138.84 ? 12  DT  D "C5'" 1 
ATOM   761 C  "C4'" . DT  D 4 3  ? 15.531  5.632   -7.577  1.00 146.17 ? 12  DT  D "C4'" 1 
ATOM   762 O  "O4'" . DT  D 4 3  ? 14.650  6.223   -6.599  1.00 138.44 ? 12  DT  D "O4'" 1 
ATOM   763 C  "C3'" . DT  D 4 3  ? 16.217  6.796   -8.296  1.00 152.65 ? 12  DT  D "C3'" 1 
ATOM   764 O  "O3'" . DT  D 4 3  ? 15.773  6.844   -9.647  1.00 164.76 ? 12  DT  D "O3'" 1 
ATOM   765 C  "C2'" . DT  D 4 3  ? 15.780  8.036   -7.503  1.00 143.58 ? 12  DT  D "C2'" 1 
ATOM   766 C  "C1'" . DT  D 4 3  ? 14.470  7.580   -6.891  1.00 135.17 ? 12  DT  D "C1'" 1 
ATOM   767 N  N1    . DT  D 4 3  ? 14.174  8.246   -5.634  1.00 132.68 ? 12  DT  D N1    1 
ATOM   768 C  C2    . DT  D 4 3  ? 13.087  9.090   -5.539  1.00 139.63 ? 12  DT  D C2    1 
ATOM   769 O  O2    . DT  D 4 3  ? 12.340  9.324   -6.473  1.00 140.29 ? 12  DT  D O2    1 
ATOM   770 N  N3    . DT  D 4 3  ? 12.912  9.654   -4.296  1.00 139.31 ? 12  DT  D N3    1 
ATOM   771 C  C4    . DT  D 4 3  ? 13.706  9.451   -3.176  1.00 134.49 ? 12  DT  D C4    1 
ATOM   772 O  O4    . DT  D 4 3  ? 13.487  10.001  -2.103  1.00 132.82 ? 12  DT  D O4    1 
ATOM   773 C  C5    . DT  D 4 3  ? 14.819  8.551   -3.361  1.00 132.28 ? 12  DT  D C5    1 
ATOM   774 C  C7    . DT  D 4 3  ? 15.747  8.259   -2.225  1.00 133.70 ? 12  DT  D C7    1 
ATOM   775 C  C6    . DT  D 4 3  ? 14.994  8.002   -4.563  1.00 129.92 ? 12  DT  D C6    1 
ATOM   776 P  P     . DC  D 4 4  ? 16.247  8.029   -10.616 1.00 159.29 ? 13  DC  D P     1 
ATOM   777 O  OP1   . DC  D 4 4  ? 15.976  7.611   -12.008 1.00 150.44 ? 13  DC  D OP1   1 
ATOM   778 O  OP2   . DC  D 4 4  ? 17.618  8.403   -10.205 1.00 160.38 ? 13  DC  D OP2   1 
ATOM   779 O  "O5'" . DC  D 4 4  ? 15.269  9.230   -10.245 1.00 134.74 ? 13  DC  D "O5'" 1 
ATOM   780 C  "C5'" . DC  D 4 4  ? 15.396  10.445  -10.897 1.00 148.34 ? 13  DC  D "C5'" 1 
ATOM   781 C  "C4'" . DC  D 4 4  ? 14.183  11.290  -10.630 1.00 157.93 ? 13  DC  D "C4'" 1 
ATOM   782 O  "O4'" . DC  D 4 4  ? 13.899  11.262  -9.215  1.00 147.09 ? 13  DC  D "O4'" 1 
ATOM   783 C  "C3'" . DC  D 4 4  ? 14.335  12.757  -11.024 1.00 175.79 ? 13  DC  D "C3'" 1 
ATOM   784 O  "O3'" . DC  D 4 4  ? 13.234  13.163  -11.846 1.00 182.52 ? 13  DC  D "O3'" 1 
ATOM   785 C  "C2'" . DC  D 4 4  ? 14.372  13.507  -9.687  1.00 171.82 ? 13  DC  D "C2'" 1 
ATOM   786 C  "C1'" . DC  D 4 4  ? 13.636  12.565  -8.750  1.00 159.15 ? 13  DC  D "C1'" 1 
ATOM   787 N  N1    . DC  D 4 4  ? 14.105  12.628  -7.351  1.00 155.17 ? 13  DC  D N1    1 
ATOM   788 C  C2    . DC  D 4 4  ? 13.399  13.382  -6.397  1.00 157.53 ? 13  DC  D C2    1 
ATOM   789 O  O2    . DC  D 4 4  ? 12.394  14.014  -6.741  1.00 153.55 ? 13  DC  D O2    1 
ATOM   790 N  N3    . DC  D 4 4  ? 13.852  13.401  -5.114  1.00 157.72 ? 13  DC  D N3    1 
ATOM   791 C  C4    . DC  D 4 4  ? 14.943  12.702  -4.780  1.00 156.14 ? 13  DC  D C4    1 
ATOM   792 N  N4    . DC  D 4 4  ? 15.353  12.748  -3.507  1.00 154.22 ? 13  DC  D N4    1 
ATOM   793 C  C5    . DC  D 4 4  ? 15.663  11.927  -5.739  1.00 152.92 ? 13  DC  D C5    1 
ATOM   794 C  C6    . DC  D 4 4  ? 15.212  11.916  -6.995  1.00 151.26 ? 13  DC  D C6    1 
ATOM   795 P  P     . DT  D 4 5  ? 13.433  14.300  -12.965 1.00 183.74 ? 14  DT  D P     1 
ATOM   796 O  OP1   . DT  D 4 5  ? 12.309  14.191  -13.925 1.00 176.45 ? 14  DT  D OP1   1 
ATOM   797 O  OP2   . DT  D 4 5  ? 14.825  14.211  -13.457 1.00 178.97 ? 14  DT  D OP2   1 
ATOM   798 O  "O5'" . DT  D 4 5  ? 13.270  15.663  -12.142 1.00 175.61 ? 14  DT  D "O5'" 1 
ATOM   799 C  "C5'" . DT  D 4 5  ? 12.019  15.962  -11.543 1.00 179.57 ? 14  DT  D "C5'" 1 
ATOM   800 C  "C4'" . DT  D 4 5  ? 12.137  17.098  -10.541 1.00 186.54 ? 14  DT  D "C4'" 1 
ATOM   801 O  "O4'" . DT  D 4 5  ? 12.739  16.624  -9.307  1.00 182.84 ? 14  DT  D "O4'" 1 
ATOM   802 C  "C3'" . DT  D 4 5  ? 12.990  18.299  -10.984 1.00 194.26 ? 14  DT  D "C3'" 1 
ATOM   803 O  "O3'" . DT  D 4 5  ? 12.317  19.504  -10.626 1.00 196.36 ? 14  DT  D "O3'" 1 
ATOM   804 C  "C2'" . DT  D 4 5  ? 14.257  18.126  -10.150 1.00 189.03 ? 14  DT  D "C2'" 1 
ATOM   805 C  "C1'" . DT  D 4 5  ? 13.632  17.616  -8.870  1.00 184.49 ? 14  DT  D "C1'" 1 
ATOM   806 N  N1    . DT  D 4 5  ? 14.584  17.034  -7.892  1.00 178.25 ? 14  DT  D N1    1 
ATOM   807 C  C2    . DT  D 4 5  ? 14.388  17.285  -6.554  1.00 176.49 ? 14  DT  D C2    1 
ATOM   808 O  O2    . DT  D 4 5  ? 13.469  17.966  -6.131  1.00 178.09 ? 14  DT  D O2    1 
ATOM   809 N  N3    . DT  D 4 5  ? 15.309  16.708  -5.722  1.00 173.77 ? 14  DT  D N3    1 
ATOM   810 C  C4    . DT  D 4 5  ? 16.386  15.922  -6.087  1.00 174.53 ? 14  DT  D C4    1 
ATOM   811 O  O4    . DT  D 4 5  ? 17.160  15.448  -5.260  1.00 175.95 ? 14  DT  D O4    1 
ATOM   812 C  C5    . DT  D 4 5  ? 16.535  15.699  -7.510  1.00 174.83 ? 14  DT  D C5    1 
ATOM   813 C  C7    . DT  D 4 5  ? 17.665  14.859  -8.029  1.00 169.38 ? 14  DT  D C7    1 
ATOM   814 C  C6    . DT  D 4 5  ? 15.639  16.266  -8.334  1.00 176.48 ? 14  DT  D C6    1 
ATOM   815 P  P     . DG  D 4 6  ? 12.112  20.679  -11.700 1.00 200.16 ? 15  DG  D P     1 
ATOM   816 O  OP1   . DG  D 4 6  ? 10.767  21.262  -11.481 1.00 200.24 ? 15  DG  D OP1   1 
ATOM   817 O  OP2   . DG  D 4 6  ? 12.482  20.131  -13.024 1.00 206.41 ? 15  DG  D OP2   1 
ATOM   818 O  "O5'" . DG  D 4 6  ? 13.202  21.773  -11.289 1.00 191.33 ? 15  DG  D "O5'" 1 
ATOM   819 C  "C5'" . DG  D 4 6  ? 12.783  23.076  -10.935 1.00 192.28 ? 15  DG  D "C5'" 1 
ATOM   820 C  "C4'" . DG  D 4 6  ? 12.645  23.197  -9.434  1.00 191.32 ? 15  DG  D "C4'" 1 
ATOM   821 O  "O4'" . DG  D 4 6  ? 12.981  21.940  -8.824  1.00 187.78 ? 15  DG  D "O4'" 1 
ATOM   822 C  "C3'" . DG  D 4 6  ? 13.589  24.196  -8.806  1.00 192.63 ? 15  DG  D "C3'" 1 
ATOM   823 O  "O3'" . DG  D 4 6  ? 12.991  25.506  -8.823  1.00 200.03 ? 15  DG  D "O3'" 1 
ATOM   824 C  "C2'" . DG  D 4 6  ? 13.797  23.651  -7.390  1.00 185.05 ? 15  DG  D "C2'" 1 
ATOM   825 C  "C1'" . DG  D 4 6  ? 13.479  22.162  -7.521  1.00 186.01 ? 15  DG  D "C1'" 1 
ATOM   826 N  N9    . DG  D 4 6  ? 14.626  21.278  -7.315  1.00 185.23 ? 15  DG  D N9    1 
ATOM   827 C  C8    . DG  D 4 6  ? 15.376  20.663  -8.291  1.00 182.78 ? 15  DG  D C8    1 
ATOM   828 N  N7    . DG  D 4 6  ? 16.330  19.907  -7.819  1.00 181.75 ? 15  DG  D N7    1 
ATOM   829 C  C5    . DG  D 4 6  ? 16.204  20.021  -6.436  1.00 185.22 ? 15  DG  D C5    1 
ATOM   830 C  C6    . DG  D 4 6  ? 16.965  19.423  -5.395  1.00 180.50 ? 15  DG  D C6    1 
ATOM   831 O  O6    . DG  D 4 6  ? 17.933  18.653  -5.496  1.00 178.44 ? 15  DG  D O6    1 
ATOM   832 N  N1    . DG  D 4 6  ? 16.504  19.802  -4.132  1.00 178.66 ? 15  DG  D N1    1 
ATOM   833 C  C2    . DG  D 4 6  ? 15.439  20.650  -3.902  1.00 179.19 ? 15  DG  D C2    1 
ATOM   834 N  N2    . DG  D 4 6  ? 15.141  20.901  -2.614  1.00 174.10 ? 15  DG  D N2    1 
ATOM   835 N  N3    . DG  D 4 6  ? 14.716  21.217  -4.869  1.00 181.64 ? 15  DG  D N3    1 
ATOM   836 C  C4    . DG  D 4 6  ? 15.153  20.857  -6.108  1.00 185.98 ? 15  DG  D C4    1 
ATOM   837 P  P     . DC  D 4 7  ? 12.047  26.027  -7.627  1.00 210.72 ? 16  DC  D P     1 
ATOM   838 O  OP1   . DC  D 4 7  ? 11.112  24.955  -7.215  1.00 209.90 ? 16  DC  D OP1   1 
ATOM   839 O  OP2   . DC  D 4 7  ? 11.468  27.306  -8.095  1.00 216.59 ? 16  DC  D OP2   1 
ATOM   840 O  "O5'" . DC  D 4 7  ? 13.076  26.374  -6.444  1.00 193.86 ? 16  DC  D "O5'" 1 
ATOM   841 C  "C5'" . DC  D 4 7  ? 12.602  26.553  -5.120  1.00 188.17 ? 16  DC  D "C5'" 1 
ATOM   842 C  "C4'" . DC  D 4 7  ? 13.719  26.364  -4.106  1.00 181.92 ? 16  DC  D "C4'" 1 
ATOM   843 O  "O4'" . DC  D 4 7  ? 14.316  25.069  -4.262  1.00 183.56 ? 16  DC  D "O4'" 1 
ATOM   844 C  "C3'" . DC  D 4 7  ? 14.889  27.310  -4.245  1.00 174.29 ? 16  DC  D "C3'" 1 
ATOM   845 O  "O3'" . DC  D 4 7  ? 14.601  28.531  -3.588  1.00 168.30 ? 16  DC  D "O3'" 1 
ATOM   846 C  "C2'" . DC  D 4 7  ? 16.021  26.548  -3.539  1.00 173.03 ? 16  DC  D "C2'" 1 
ATOM   847 C  "C1'" . DC  D 4 7  ? 15.556  25.083  -3.586  1.00 178.78 ? 16  DC  D "C1'" 1 
ATOM   848 N  N1    . DC  D 4 7  ? 16.500  24.166  -4.296  1.00 178.22 ? 16  DC  D N1    1 
ATOM   849 C  C2    . DC  D 4 7  ? 17.377  23.352  -3.558  1.00 176.93 ? 16  DC  D C2    1 
ATOM   850 O  O2    . DC  D 4 7  ? 17.361  23.409  -2.319  1.00 174.51 ? 16  DC  D O2    1 
ATOM   851 N  N3    . DC  D 4 7  ? 18.221  22.518  -4.229  1.00 177.14 ? 16  DC  D N3    1 
ATOM   852 C  C4    . DC  D 4 7  ? 18.205  22.485  -5.566  1.00 178.21 ? 16  DC  D C4    1 
ATOM   853 N  N4    . DC  D 4 7  ? 19.052  21.652  -6.187  1.00 174.77 ? 16  DC  D N4    1 
ATOM   854 C  C5    . DC  D 4 7  ? 17.318  23.306  -6.326  1.00 178.77 ? 16  DC  D C5    1 
ATOM   855 C  C6    . DC  D 4 7  ? 16.494  24.119  -5.657  1.00 176.91 ? 16  DC  D C6    1 
HETATM 856 AS AS    . CAC E 5 .  ? -0.657  0.683   -3.962  1.00 255.20 ? 101 CAC B AS    1 
HETATM 857 AS AS    . CAC F 5 .  ? -4.922  -7.696  -4.553  1.00 365.96 ? 101 CAC C AS    1 
HETATM 858 AS AS    . CAC G 5 .  ? 12.717  8.535   3.640   1.00 142.28 ? 101 CAC D AS    1 
# 
loop_
_pdbx_poly_seq_scheme.asym_id 
_pdbx_poly_seq_scheme.entity_id 
_pdbx_poly_seq_scheme.seq_id 
_pdbx_poly_seq_scheme.mon_id 
_pdbx_poly_seq_scheme.ndb_seq_num 
_pdbx_poly_seq_scheme.pdb_seq_num 
_pdbx_poly_seq_scheme.auth_seq_num 
_pdbx_poly_seq_scheme.pdb_mon_id 
_pdbx_poly_seq_scheme.auth_mon_id 
_pdbx_poly_seq_scheme.pdb_strand_id 
_pdbx_poly_seq_scheme.pdb_ins_code 
_pdbx_poly_seq_scheme.hetero 
A 1 1  DG 1  1  1  DG DG A . n 
A 1 2  DA 2  2  2  DA DA A . n 
A 1 3  DG 3  3  3  DG DG A . n 
A 1 4  DC 4  4  4  DC DC A . n 
A 1 5  DA 5  5  5  DA DA A . n 
A 1 6  DG 6  6  6  DG DG A . n 
A 1 7  DA 7  7  7  DA DA A . n 
A 1 8  DC 8  8  8  DC DC A . n 
A 1 9  DC 9  9  9  DC DC A . n 
A 1 10 DA 10 10 10 DA DA A . n 
A 1 11 DG 11 11 11 DG DG A . n 
A 1 12 DA 12 12 12 DA DA A . n 
A 1 13 DC 13 13 13 DC DC A . n 
A 1 14 DA 14 14 14 DA DA A . n 
A 1 15 DC 15 15 15 DC DC A . n 
A 1 16 DC 16 16 16 DC DC A . n 
A 1 17 DA 17 17 17 DA DA A . n 
A 1 18 DC 18 18 18 DC DC A . n 
A 1 19 DT 19 19 19 DT DT A . n 
A 1 20 DC 20 20 20 DC DC A . n 
A 1 21 DA 21 21 21 DA DA A . n 
B 2 1  DT 1  1  1  DT DT B . n 
B 2 2  DG 2  2  2  DG DG B . n 
B 2 3  DT 3  3  3  DT DT B . n 
B 2 4  DC 4  4  4  DC DC B . n 
B 2 5  DT 5  5  5  DT DT B . n 
C 3 1  DT 1  1  1  DT DT C . n 
C 3 2  DC 2  2  2  DC DC C . n 
C 3 3  DT 3  3  3  DT DT C . n 
C 3 4  DG 4  4  4  DG DG C . n 
C 3 5  DA 5  5  5  DA DA C . n 
C 3 6  DG 6  6  6  DG DG C . n 
C 3 7  DT 7  7  7  DT DT C . n 
C 3 8  DG 8  8  8  DG DG C . n 
C 3 9  DG 9  9  9  DG DG C . n 
D 4 1  DG 1  10 10 DG DG D . n 
D 4 2  DG 2  11 11 DG DG D . n 
D 4 3  DT 3  12 12 DT DT D . n 
D 4 4  DC 4  13 13 DC DC D . n 
D 4 5  DT 5  14 14 DT DT D . n 
D 4 6  DG 6  15 15 DG DG D . n 
D 4 7  DC 7  16 16 DC DC D . n 
# 
loop_
_pdbx_nonpoly_scheme.asym_id 
_pdbx_nonpoly_scheme.entity_id 
_pdbx_nonpoly_scheme.mon_id 
_pdbx_nonpoly_scheme.ndb_seq_num 
_pdbx_nonpoly_scheme.pdb_seq_num 
_pdbx_nonpoly_scheme.auth_seq_num 
_pdbx_nonpoly_scheme.pdb_mon_id 
_pdbx_nonpoly_scheme.auth_mon_id 
_pdbx_nonpoly_scheme.pdb_strand_id 
_pdbx_nonpoly_scheme.pdb_ins_code 
E 5 CAC 1 101 3 CAC AS B . 
F 5 CAC 1 101 1 CAC AS C . 
G 5 CAC 1 101 2 CAC AS D . 
# 
_pdbx_struct_assembly.id                   1 
_pdbx_struct_assembly.details              author_and_software_defined_assembly 
_pdbx_struct_assembly.method_details       PISA 
_pdbx_struct_assembly.oligomeric_details   tetrameric 
_pdbx_struct_assembly.oligomeric_count     4 
# 
_pdbx_struct_assembly_gen.assembly_id       1 
_pdbx_struct_assembly_gen.oper_expression   1 
_pdbx_struct_assembly_gen.asym_id_list      A,B,C,D,E,F,G 
# 
loop_
_pdbx_struct_assembly_prop.biol_id 
_pdbx_struct_assembly_prop.type 
_pdbx_struct_assembly_prop.value 
_pdbx_struct_assembly_prop.details 
1 'ABSA (A^2)' 2610 ? 
1 MORE         -17  ? 
1 'SSA (A^2)'  7920 ? 
# 
_pdbx_struct_oper_list.id                   1 
_pdbx_struct_oper_list.type                 'identity operation' 
_pdbx_struct_oper_list.name                 1_555 
_pdbx_struct_oper_list.symmetry_operation   x,y,z 
_pdbx_struct_oper_list.matrix[1][1]         1.0000000000 
_pdbx_struct_oper_list.matrix[1][2]         0.0000000000 
_pdbx_struct_oper_list.matrix[1][3]         0.0000000000 
_pdbx_struct_oper_list.vector[1]            0.0000000000 
_pdbx_struct_oper_list.matrix[2][1]         0.0000000000 
_pdbx_struct_oper_list.matrix[2][2]         1.0000000000 
_pdbx_struct_oper_list.matrix[2][3]         0.0000000000 
_pdbx_struct_oper_list.vector[2]            0.0000000000 
_pdbx_struct_oper_list.matrix[3][1]         0.0000000000 
_pdbx_struct_oper_list.matrix[3][2]         0.0000000000 
_pdbx_struct_oper_list.matrix[3][3]         1.0000000000 
_pdbx_struct_oper_list.vector[3]            0.0000000000 
# 
loop_
_pdbx_audit_revision_history.ordinal 
_pdbx_audit_revision_history.data_content_type 
_pdbx_audit_revision_history.major_revision 
_pdbx_audit_revision_history.minor_revision 
_pdbx_audit_revision_history.revision_date 
1 'Structure model' 1 0 2021-07-14 
2 'Structure model' 1 1 2022-07-06 
3 'Structure model' 1 2 2023-10-18 
# 
_pdbx_audit_revision_details.ordinal             1 
_pdbx_audit_revision_details.revision_ordinal    1 
_pdbx_audit_revision_details.data_content_type   'Structure model' 
_pdbx_audit_revision_details.provider            repository 
_pdbx_audit_revision_details.type                'Initial release' 
_pdbx_audit_revision_details.description         ? 
_pdbx_audit_revision_details.details             ? 
# 
loop_
_pdbx_audit_revision_group.ordinal 
_pdbx_audit_revision_group.revision_ordinal 
_pdbx_audit_revision_group.data_content_type 
_pdbx_audit_revision_group.group 
1 2 'Structure model' 'Database references'    
2 3 'Structure model' 'Data collection'        
3 3 'Structure model' 'Refinement description' 
# 
loop_
_pdbx_audit_revision_category.ordinal 
_pdbx_audit_revision_category.revision_ordinal 
_pdbx_audit_revision_category.data_content_type 
_pdbx_audit_revision_category.category 
1 2 'Structure model' citation                      
2 2 'Structure model' citation_author               
3 2 'Structure model' database_2                    
4 3 'Structure model' chem_comp_atom                
5 3 'Structure model' chem_comp_bond                
6 3 'Structure model' pdbx_initial_refinement_model 
# 
loop_
_pdbx_audit_revision_item.ordinal 
_pdbx_audit_revision_item.revision_ordinal 
_pdbx_audit_revision_item.data_content_type 
_pdbx_audit_revision_item.item 
1  2 'Structure model' '_citation.country'                   
2  2 'Structure model' '_citation.journal_abbrev'            
3  2 'Structure model' '_citation.journal_id_CSD'            
4  2 'Structure model' '_citation.journal_id_ISSN'           
5  2 'Structure model' '_citation.journal_volume'            
6  2 'Structure model' '_citation.page_first'                
7  2 'Structure model' '_citation.page_last'                 
8  2 'Structure model' '_citation.pdbx_database_id_DOI'      
9  2 'Structure model' '_citation.pdbx_database_id_PubMed'   
10 2 'Structure model' '_citation.title'                     
11 2 'Structure model' '_citation.year'                      
12 2 'Structure model' '_database_2.pdbx_DOI'                
13 2 'Structure model' '_database_2.pdbx_database_accession' 
# 
loop_
_software.citation_id 
_software.classification 
_software.compiler_name 
_software.compiler_version 
_software.contact_author 
_software.contact_author_email 
_software.date 
_software.description 
_software.dependencies 
_software.hardware 
_software.language 
_software.location 
_software.mods 
_software.name 
_software.os 
_software.os_version 
_software.type 
_software.version 
_software.pdbx_ordinal 
? 'data reduction'  ? ? ? ? ? ? ? ? ? ? ? HKL-2000    ? ? ? .           1 
? 'data scaling'    ? ? ? ? ? ? ? ? ? ? ? HKL-2000    ? ? ? .           2 
? refinement        ? ? ? ? ? ? ? ? ? ? ? PHENIX      ? ? ? 1.11.1_2575 3 
? 'data extraction' ? ? ? ? ? ? ? ? ? ? ? PDB_EXTRACT ? ? ? 3.25        4 
? phasing           ? ? ? ? ? ? ? ? ? ? ? PHASER      ? ? ? .           5 
# 
_pdbx_entry_details.entry_id                 6WSO 
_pdbx_entry_details.has_ligand_of_interest   N 
_pdbx_entry_details.compound_details         ? 
_pdbx_entry_details.source_details           ? 
_pdbx_entry_details.nonpolymer_details       ? 
_pdbx_entry_details.sequence_details         ? 
# 
_pdbx_validate_rmsd_bond.id                        1 
_pdbx_validate_rmsd_bond.PDB_model_num             1 
_pdbx_validate_rmsd_bond.auth_atom_id_1            "O3'" 
_pdbx_validate_rmsd_bond.auth_asym_id_1            C 
_pdbx_validate_rmsd_bond.auth_comp_id_1            DG 
_pdbx_validate_rmsd_bond.auth_seq_id_1             8 
_pdbx_validate_rmsd_bond.PDB_ins_code_1            ? 
_pdbx_validate_rmsd_bond.label_alt_id_1            ? 
_pdbx_validate_rmsd_bond.auth_atom_id_2            "C3'" 
_pdbx_validate_rmsd_bond.auth_asym_id_2            C 
_pdbx_validate_rmsd_bond.auth_comp_id_2            DG 
_pdbx_validate_rmsd_bond.auth_seq_id_2             8 
_pdbx_validate_rmsd_bond.PDB_ins_code_2            ? 
_pdbx_validate_rmsd_bond.label_alt_id_2            ? 
_pdbx_validate_rmsd_bond.bond_value                1.359 
_pdbx_validate_rmsd_bond.bond_target_value         1.419 
_pdbx_validate_rmsd_bond.bond_deviation            -0.060 
_pdbx_validate_rmsd_bond.bond_standard_deviation   0.006 
_pdbx_validate_rmsd_bond.linker_flag               N 
# 
loop_
_pdbx_validate_rmsd_angle.id 
_pdbx_validate_rmsd_angle.PDB_model_num 
_pdbx_validate_rmsd_angle.auth_atom_id_1 
_pdbx_validate_rmsd_angle.auth_asym_id_1 
_pdbx_validate_rmsd_angle.auth_comp_id_1 
_pdbx_validate_rmsd_angle.auth_seq_id_1 
_pdbx_validate_rmsd_angle.PDB_ins_code_1 
_pdbx_validate_rmsd_angle.label_alt_id_1 
_pdbx_validate_rmsd_angle.auth_atom_id_2 
_pdbx_validate_rmsd_angle.auth_asym_id_2 
_pdbx_validate_rmsd_angle.auth_comp_id_2 
_pdbx_validate_rmsd_angle.auth_seq_id_2 
_pdbx_validate_rmsd_angle.PDB_ins_code_2 
_pdbx_validate_rmsd_angle.label_alt_id_2 
_pdbx_validate_rmsd_angle.auth_atom_id_3 
_pdbx_validate_rmsd_angle.auth_asym_id_3 
_pdbx_validate_rmsd_angle.auth_comp_id_3 
_pdbx_validate_rmsd_angle.auth_seq_id_3 
_pdbx_validate_rmsd_angle.PDB_ins_code_3 
_pdbx_validate_rmsd_angle.label_alt_id_3 
_pdbx_validate_rmsd_angle.angle_value 
_pdbx_validate_rmsd_angle.angle_target_value 
_pdbx_validate_rmsd_angle.angle_deviation 
_pdbx_validate_rmsd_angle.angle_standard_deviation 
_pdbx_validate_rmsd_angle.linker_flag 
1 1 "O4'" A DG 1  ? ? "C1'" A DG 1  ? ? N9    A DG 1  ? ? 110.87 108.30 2.57  0.30 N 
2 1 "C3'" A DC 16 ? ? "C2'" A DC 16 ? ? "C1'" A DC 16 ? ? 96.54  102.40 -5.86 0.80 N 
3 1 "C3'" C DG 9  ? ? "C2'" C DG 9  ? ? "C1'" C DG 9  ? ? 97.12  102.40 -5.28 0.80 N 
# 
loop_
_pdbx_unobs_or_zero_occ_atoms.id 
_pdbx_unobs_or_zero_occ_atoms.PDB_model_num 
_pdbx_unobs_or_zero_occ_atoms.polymer_flag 
_pdbx_unobs_or_zero_occ_atoms.occupancy_flag 
_pdbx_unobs_or_zero_occ_atoms.auth_asym_id 
_pdbx_unobs_or_zero_occ_atoms.auth_comp_id 
_pdbx_unobs_or_zero_occ_atoms.auth_seq_id 
_pdbx_unobs_or_zero_occ_atoms.PDB_ins_code 
_pdbx_unobs_or_zero_occ_atoms.auth_atom_id 
_pdbx_unobs_or_zero_occ_atoms.label_alt_id 
_pdbx_unobs_or_zero_occ_atoms.label_asym_id 
_pdbx_unobs_or_zero_occ_atoms.label_comp_id 
_pdbx_unobs_or_zero_occ_atoms.label_seq_id 
_pdbx_unobs_or_zero_occ_atoms.label_atom_id 
1  1 N 1 B CAC 101 ? O1 ? E CAC 1 O1 
2  1 N 1 B CAC 101 ? O2 ? E CAC 1 O2 
3  1 N 1 B CAC 101 ? C1 ? E CAC 1 C1 
4  1 N 1 B CAC 101 ? C2 ? E CAC 1 C2 
5  1 N 1 C CAC 101 ? O1 ? F CAC 1 O1 
6  1 N 1 C CAC 101 ? O2 ? F CAC 1 O2 
7  1 N 1 C CAC 101 ? C1 ? F CAC 1 C1 
8  1 N 1 C CAC 101 ? C2 ? F CAC 1 C2 
9  1 N 1 D CAC 101 ? O1 ? G CAC 1 O1 
10 1 N 1 D CAC 101 ? O2 ? G CAC 1 O2 
11 1 N 1 D CAC 101 ? C1 ? G CAC 1 C1 
12 1 N 1 D CAC 101 ? C2 ? G CAC 1 C2 
# 
loop_
_chem_comp_atom.comp_id 
_chem_comp_atom.atom_id 
_chem_comp_atom.type_symbol 
_chem_comp_atom.pdbx_aromatic_flag 
_chem_comp_atom.pdbx_stereo_config 
_chem_comp_atom.pdbx_ordinal 
CAC AS     AS N N 1   
CAC O1     O  N N 2   
CAC O2     O  N N 3   
CAC C1     C  N N 4   
CAC C2     C  N N 5   
CAC H11    H  N N 6   
CAC H12    H  N N 7   
CAC H13    H  N N 8   
CAC H21    H  N N 9   
CAC H22    H  N N 10  
CAC H23    H  N N 11  
DA  OP3    O  N N 12  
DA  P      P  N N 13  
DA  OP1    O  N N 14  
DA  OP2    O  N N 15  
DA  "O5'"  O  N N 16  
DA  "C5'"  C  N N 17  
DA  "C4'"  C  N R 18  
DA  "O4'"  O  N N 19  
DA  "C3'"  C  N S 20  
DA  "O3'"  O  N N 21  
DA  "C2'"  C  N N 22  
DA  "C1'"  C  N R 23  
DA  N9     N  Y N 24  
DA  C8     C  Y N 25  
DA  N7     N  Y N 26  
DA  C5     C  Y N 27  
DA  C6     C  Y N 28  
DA  N6     N  N N 29  
DA  N1     N  Y N 30  
DA  C2     C  Y N 31  
DA  N3     N  Y N 32  
DA  C4     C  Y N 33  
DA  HOP3   H  N N 34  
DA  HOP2   H  N N 35  
DA  "H5'"  H  N N 36  
DA  "H5''" H  N N 37  
DA  "H4'"  H  N N 38  
DA  "H3'"  H  N N 39  
DA  "HO3'" H  N N 40  
DA  "H2'"  H  N N 41  
DA  "H2''" H  N N 42  
DA  "H1'"  H  N N 43  
DA  H8     H  N N 44  
DA  H61    H  N N 45  
DA  H62    H  N N 46  
DA  H2     H  N N 47  
DC  OP3    O  N N 48  
DC  P      P  N N 49  
DC  OP1    O  N N 50  
DC  OP2    O  N N 51  
DC  "O5'"  O  N N 52  
DC  "C5'"  C  N N 53  
DC  "C4'"  C  N R 54  
DC  "O4'"  O  N N 55  
DC  "C3'"  C  N S 56  
DC  "O3'"  O  N N 57  
DC  "C2'"  C  N N 58  
DC  "C1'"  C  N R 59  
DC  N1     N  N N 60  
DC  C2     C  N N 61  
DC  O2     O  N N 62  
DC  N3     N  N N 63  
DC  C4     C  N N 64  
DC  N4     N  N N 65  
DC  C5     C  N N 66  
DC  C6     C  N N 67  
DC  HOP3   H  N N 68  
DC  HOP2   H  N N 69  
DC  "H5'"  H  N N 70  
DC  "H5''" H  N N 71  
DC  "H4'"  H  N N 72  
DC  "H3'"  H  N N 73  
DC  "HO3'" H  N N 74  
DC  "H2'"  H  N N 75  
DC  "H2''" H  N N 76  
DC  "H1'"  H  N N 77  
DC  H41    H  N N 78  
DC  H42    H  N N 79  
DC  H5     H  N N 80  
DC  H6     H  N N 81  
DG  OP3    O  N N 82  
DG  P      P  N N 83  
DG  OP1    O  N N 84  
DG  OP2    O  N N 85  
DG  "O5'"  O  N N 86  
DG  "C5'"  C  N N 87  
DG  "C4'"  C  N R 88  
DG  "O4'"  O  N N 89  
DG  "C3'"  C  N S 90  
DG  "O3'"  O  N N 91  
DG  "C2'"  C  N N 92  
DG  "C1'"  C  N R 93  
DG  N9     N  Y N 94  
DG  C8     C  Y N 95  
DG  N7     N  Y N 96  
DG  C5     C  Y N 97  
DG  C6     C  N N 98  
DG  O6     O  N N 99  
DG  N1     N  N N 100 
DG  C2     C  N N 101 
DG  N2     N  N N 102 
DG  N3     N  N N 103 
DG  C4     C  Y N 104 
DG  HOP3   H  N N 105 
DG  HOP2   H  N N 106 
DG  "H5'"  H  N N 107 
DG  "H5''" H  N N 108 
DG  "H4'"  H  N N 109 
DG  "H3'"  H  N N 110 
DG  "HO3'" H  N N 111 
DG  "H2'"  H  N N 112 
DG  "H2''" H  N N 113 
DG  "H1'"  H  N N 114 
DG  H8     H  N N 115 
DG  H1     H  N N 116 
DG  H21    H  N N 117 
DG  H22    H  N N 118 
DT  OP3    O  N N 119 
DT  P      P  N N 120 
DT  OP1    O  N N 121 
DT  OP2    O  N N 122 
DT  "O5'"  O  N N 123 
DT  "C5'"  C  N N 124 
DT  "C4'"  C  N R 125 
DT  "O4'"  O  N N 126 
DT  "C3'"  C  N S 127 
DT  "O3'"  O  N N 128 
DT  "C2'"  C  N N 129 
DT  "C1'"  C  N R 130 
DT  N1     N  N N 131 
DT  C2     C  N N 132 
DT  O2     O  N N 133 
DT  N3     N  N N 134 
DT  C4     C  N N 135 
DT  O4     O  N N 136 
DT  C5     C  N N 137 
DT  C7     C  N N 138 
DT  C6     C  N N 139 
DT  HOP3   H  N N 140 
DT  HOP2   H  N N 141 
DT  "H5'"  H  N N 142 
DT  "H5''" H  N N 143 
DT  "H4'"  H  N N 144 
DT  "H3'"  H  N N 145 
DT  "HO3'" H  N N 146 
DT  "H2'"  H  N N 147 
DT  "H2''" H  N N 148 
DT  "H1'"  H  N N 149 
DT  H3     H  N N 150 
DT  H71    H  N N 151 
DT  H72    H  N N 152 
DT  H73    H  N N 153 
DT  H6     H  N N 154 
# 
loop_
_chem_comp_bond.comp_id 
_chem_comp_bond.atom_id_1 
_chem_comp_bond.atom_id_2 
_chem_comp_bond.value_order 
_chem_comp_bond.pdbx_aromatic_flag 
_chem_comp_bond.pdbx_stereo_config 
_chem_comp_bond.pdbx_ordinal 
CAC AS    O1     doub N N 1   
CAC AS    O2     sing N N 2   
CAC AS    C1     sing N N 3   
CAC AS    C2     sing N N 4   
CAC C1    H11    sing N N 5   
CAC C1    H12    sing N N 6   
CAC C1    H13    sing N N 7   
CAC C2    H21    sing N N 8   
CAC C2    H22    sing N N 9   
CAC C2    H23    sing N N 10  
DA  OP3   P      sing N N 11  
DA  OP3   HOP3   sing N N 12  
DA  P     OP1    doub N N 13  
DA  P     OP2    sing N N 14  
DA  P     "O5'"  sing N N 15  
DA  OP2   HOP2   sing N N 16  
DA  "O5'" "C5'"  sing N N 17  
DA  "C5'" "C4'"  sing N N 18  
DA  "C5'" "H5'"  sing N N 19  
DA  "C5'" "H5''" sing N N 20  
DA  "C4'" "O4'"  sing N N 21  
DA  "C4'" "C3'"  sing N N 22  
DA  "C4'" "H4'"  sing N N 23  
DA  "O4'" "C1'"  sing N N 24  
DA  "C3'" "O3'"  sing N N 25  
DA  "C3'" "C2'"  sing N N 26  
DA  "C3'" "H3'"  sing N N 27  
DA  "O3'" "HO3'" sing N N 28  
DA  "C2'" "C1'"  sing N N 29  
DA  "C2'" "H2'"  sing N N 30  
DA  "C2'" "H2''" sing N N 31  
DA  "C1'" N9     sing N N 32  
DA  "C1'" "H1'"  sing N N 33  
DA  N9    C8     sing Y N 34  
DA  N9    C4     sing Y N 35  
DA  C8    N7     doub Y N 36  
DA  C8    H8     sing N N 37  
DA  N7    C5     sing Y N 38  
DA  C5    C6     sing Y N 39  
DA  C5    C4     doub Y N 40  
DA  C6    N6     sing N N 41  
DA  C6    N1     doub Y N 42  
DA  N6    H61    sing N N 43  
DA  N6    H62    sing N N 44  
DA  N1    C2     sing Y N 45  
DA  C2    N3     doub Y N 46  
DA  C2    H2     sing N N 47  
DA  N3    C4     sing Y N 48  
DC  OP3   P      sing N N 49  
DC  OP3   HOP3   sing N N 50  
DC  P     OP1    doub N N 51  
DC  P     OP2    sing N N 52  
DC  P     "O5'"  sing N N 53  
DC  OP2   HOP2   sing N N 54  
DC  "O5'" "C5'"  sing N N 55  
DC  "C5'" "C4'"  sing N N 56  
DC  "C5'" "H5'"  sing N N 57  
DC  "C5'" "H5''" sing N N 58  
DC  "C4'" "O4'"  sing N N 59  
DC  "C4'" "C3'"  sing N N 60  
DC  "C4'" "H4'"  sing N N 61  
DC  "O4'" "C1'"  sing N N 62  
DC  "C3'" "O3'"  sing N N 63  
DC  "C3'" "C2'"  sing N N 64  
DC  "C3'" "H3'"  sing N N 65  
DC  "O3'" "HO3'" sing N N 66  
DC  "C2'" "C1'"  sing N N 67  
DC  "C2'" "H2'"  sing N N 68  
DC  "C2'" "H2''" sing N N 69  
DC  "C1'" N1     sing N N 70  
DC  "C1'" "H1'"  sing N N 71  
DC  N1    C2     sing N N 72  
DC  N1    C6     sing N N 73  
DC  C2    O2     doub N N 74  
DC  C2    N3     sing N N 75  
DC  N3    C4     doub N N 76  
DC  C4    N4     sing N N 77  
DC  C4    C5     sing N N 78  
DC  N4    H41    sing N N 79  
DC  N4    H42    sing N N 80  
DC  C5    C6     doub N N 81  
DC  C5    H5     sing N N 82  
DC  C6    H6     sing N N 83  
DG  OP3   P      sing N N 84  
DG  OP3   HOP3   sing N N 85  
DG  P     OP1    doub N N 86  
DG  P     OP2    sing N N 87  
DG  P     "O5'"  sing N N 88  
DG  OP2   HOP2   sing N N 89  
DG  "O5'" "C5'"  sing N N 90  
DG  "C5'" "C4'"  sing N N 91  
DG  "C5'" "H5'"  sing N N 92  
DG  "C5'" "H5''" sing N N 93  
DG  "C4'" "O4'"  sing N N 94  
DG  "C4'" "C3'"  sing N N 95  
DG  "C4'" "H4'"  sing N N 96  
DG  "O4'" "C1'"  sing N N 97  
DG  "C3'" "O3'"  sing N N 98  
DG  "C3'" "C2'"  sing N N 99  
DG  "C3'" "H3'"  sing N N 100 
DG  "O3'" "HO3'" sing N N 101 
DG  "C2'" "C1'"  sing N N 102 
DG  "C2'" "H2'"  sing N N 103 
DG  "C2'" "H2''" sing N N 104 
DG  "C1'" N9     sing N N 105 
DG  "C1'" "H1'"  sing N N 106 
DG  N9    C8     sing Y N 107 
DG  N9    C4     sing Y N 108 
DG  C8    N7     doub Y N 109 
DG  C8    H8     sing N N 110 
DG  N7    C5     sing Y N 111 
DG  C5    C6     sing N N 112 
DG  C5    C4     doub Y N 113 
DG  C6    O6     doub N N 114 
DG  C6    N1     sing N N 115 
DG  N1    C2     sing N N 116 
DG  N1    H1     sing N N 117 
DG  C2    N2     sing N N 118 
DG  C2    N3     doub N N 119 
DG  N2    H21    sing N N 120 
DG  N2    H22    sing N N 121 
DG  N3    C4     sing N N 122 
DT  OP3   P      sing N N 123 
DT  OP3   HOP3   sing N N 124 
DT  P     OP1    doub N N 125 
DT  P     OP2    sing N N 126 
DT  P     "O5'"  sing N N 127 
DT  OP2   HOP2   sing N N 128 
DT  "O5'" "C5'"  sing N N 129 
DT  "C5'" "C4'"  sing N N 130 
DT  "C5'" "H5'"  sing N N 131 
DT  "C5'" "H5''" sing N N 132 
DT  "C4'" "O4'"  sing N N 133 
DT  "C4'" "C3'"  sing N N 134 
DT  "C4'" "H4'"  sing N N 135 
DT  "O4'" "C1'"  sing N N 136 
DT  "C3'" "O3'"  sing N N 137 
DT  "C3'" "C2'"  sing N N 138 
DT  "C3'" "H3'"  sing N N 139 
DT  "O3'" "HO3'" sing N N 140 
DT  "C2'" "C1'"  sing N N 141 
DT  "C2'" "H2'"  sing N N 142 
DT  "C2'" "H2''" sing N N 143 
DT  "C1'" N1     sing N N 144 
DT  "C1'" "H1'"  sing N N 145 
DT  N1    C2     sing N N 146 
DT  N1    C6     sing N N 147 
DT  C2    O2     doub N N 148 
DT  C2    N3     sing N N 149 
DT  N3    C4     sing N N 150 
DT  N3    H3     sing N N 151 
DT  C4    O4     doub N N 152 
DT  C4    C5     sing N N 153 
DT  C5    C7     sing N N 154 
DT  C5    C6     doub N N 155 
DT  C7    H71    sing N N 156 
DT  C7    H72    sing N N 157 
DT  C7    H73    sing N N 158 
DT  C6    H6     sing N N 159 
# 
loop_
_ndb_struct_conf_na.entry_id 
_ndb_struct_conf_na.feature 
6WSO 'double helix'        
6WSO 'a-form double helix' 
6WSO 'b-form double helix' 
# 
loop_
_ndb_struct_na_base_pair.model_number 
_ndb_struct_na_base_pair.i_label_asym_id 
_ndb_struct_na_base_pair.i_label_comp_id 
_ndb_struct_na_base_pair.i_label_seq_id 
_ndb_struct_na_base_pair.i_symmetry 
_ndb_struct_na_base_pair.j_label_asym_id 
_ndb_struct_na_base_pair.j_label_comp_id 
_ndb_struct_na_base_pair.j_label_seq_id 
_ndb_struct_na_base_pair.j_symmetry 
_ndb_struct_na_base_pair.shear 
_ndb_struct_na_base_pair.stretch 
_ndb_struct_na_base_pair.stagger 
_ndb_struct_na_base_pair.buckle 
_ndb_struct_na_base_pair.propeller 
_ndb_struct_na_base_pair.opening 
_ndb_struct_na_base_pair.pair_number 
_ndb_struct_na_base_pair.pair_name 
_ndb_struct_na_base_pair.i_auth_asym_id 
_ndb_struct_na_base_pair.i_auth_seq_id 
_ndb_struct_na_base_pair.i_PDB_ins_code 
_ndb_struct_na_base_pair.j_auth_asym_id 
_ndb_struct_na_base_pair.j_auth_seq_id 
_ndb_struct_na_base_pair.j_PDB_ins_code 
_ndb_struct_na_base_pair.hbond_type_28 
_ndb_struct_na_base_pair.hbond_type_12 
1 A DG 3  1_555 D DC 7 1_555 -0.178 -0.094 -0.184 -3.492 -6.274  -0.239 1  A_DG3:DC16_D A 3  ? D 16 ? 19 1 
1 A DC 4  1_555 D DG 6 1_555 0.201  -0.079 0.378  -2.102 -9.600  -1.268 2  A_DC4:DG15_D A 4  ? D 15 ? 19 1 
1 A DG 6  1_555 D DC 4 1_555 -0.121 -0.213 0.690  -1.324 -8.704  -4.415 3  A_DG6:DC13_D A 6  ? D 13 ? 19 1 
1 A DA 7  1_555 D DT 3 1_555 0.109  -0.031 0.177  -3.530 -5.537  -9.223 4  A_DA7:DT12_D A 7  ? D 12 ? 20 1 
1 A DC 8  1_555 D DG 2 1_555 0.121  -0.134 0.364  -0.194 -6.377  0.509  5  A_DC8:DG11_D A 8  ? D 11 ? 19 1 
1 A DC 9  1_555 D DG 1 1_555 0.098  -0.128 0.049  -5.502 -4.959  -0.435 6  A_DC9:DG10_D A 9  ? D 10 ? 19 1 
1 A DA 10 1_555 B DT 5 1_555 -0.089 -0.061 0.279  -8.141 -2.316  0.243  7  A_DA10:DT5_B A 10 ? B 5  ? 20 1 
1 A DG 11 1_555 B DC 4 1_555 -0.192 -0.144 0.503  1.745  -2.607  0.274  8  A_DG11:DC4_B A 11 ? B 4  ? 19 1 
1 A DA 12 1_555 B DT 3 1_555 0.132  -0.209 0.176  -0.397 -5.223  2.635  9  A_DA12:DT3_B A 12 ? B 3  ? 20 1 
1 A DC 13 1_555 B DG 2 1_555 0.250  -0.218 0.264  3.345  -1.950  -0.950 10 A_DC13:DG2_B A 13 ? B 2  ? 19 1 
1 A DA 14 1_555 B DT 1 1_555 0.208  -0.032 0.339  3.038  -6.229  -8.332 11 A_DA14:DT1_B A 14 ? B 1  ? 20 1 
1 A DC 15 1_555 C DG 9 1_555 0.258  -0.074 0.116  -4.061 -3.192  0.139  12 A_DC15:DG9_C A 15 ? C 9  ? 19 1 
1 A DC 16 1_555 C DG 8 1_555 0.226  -0.109 0.632  6.325  -5.508  -1.342 13 A_DC16:DG8_C A 16 ? C 8  ? 19 1 
1 A DA 17 1_555 C DT 7 1_555 0.124  -0.088 0.743  -1.568 -7.192  -7.711 14 A_DA17:DT7_C A 17 ? C 7  ? 20 1 
1 A DC 18 1_555 C DG 6 1_555 0.085  -0.160 0.615  -2.816 -5.394  -2.176 15 A_DC18:DG6_C A 18 ? C 6  ? 19 1 
1 A DT 19 1_555 C DA 5 1_555 -0.136 -0.011 -0.210 -1.085 -12.496 -1.924 16 A_DT19:DA5_C A 19 ? C 5  ? 20 1 
1 A DC 20 1_555 C DG 4 1_555 0.245  -0.128 -0.318 1.245  -7.340  2.461  17 A_DC20:DG4_C A 20 ? C 4  ? 19 1 
1 A DA 21 1_555 C DT 3 1_555 0.177  -0.066 -0.453 -7.072 -10.702 -2.266 18 A_DA21:DT3_C A 21 ? C 3  ? 20 1 
# 
loop_
_ndb_struct_na_base_pair_step.model_number 
_ndb_struct_na_base_pair_step.i_label_asym_id_1 
_ndb_struct_na_base_pair_step.i_label_comp_id_1 
_ndb_struct_na_base_pair_step.i_label_seq_id_1 
_ndb_struct_na_base_pair_step.i_symmetry_1 
_ndb_struct_na_base_pair_step.j_label_asym_id_1 
_ndb_struct_na_base_pair_step.j_label_comp_id_1 
_ndb_struct_na_base_pair_step.j_label_seq_id_1 
_ndb_struct_na_base_pair_step.j_symmetry_1 
_ndb_struct_na_base_pair_step.i_label_asym_id_2 
_ndb_struct_na_base_pair_step.i_label_comp_id_2 
_ndb_struct_na_base_pair_step.i_label_seq_id_2 
_ndb_struct_na_base_pair_step.i_symmetry_2 
_ndb_struct_na_base_pair_step.j_label_asym_id_2 
_ndb_struct_na_base_pair_step.j_label_comp_id_2 
_ndb_struct_na_base_pair_step.j_label_seq_id_2 
_ndb_struct_na_base_pair_step.j_symmetry_2 
_ndb_struct_na_base_pair_step.shift 
_ndb_struct_na_base_pair_step.slide 
_ndb_struct_na_base_pair_step.rise 
_ndb_struct_na_base_pair_step.tilt 
_ndb_struct_na_base_pair_step.roll 
_ndb_struct_na_base_pair_step.twist 
_ndb_struct_na_base_pair_step.x_displacement 
_ndb_struct_na_base_pair_step.y_displacement 
_ndb_struct_na_base_pair_step.helical_rise 
_ndb_struct_na_base_pair_step.inclination 
_ndb_struct_na_base_pair_step.tip 
_ndb_struct_na_base_pair_step.helical_twist 
_ndb_struct_na_base_pair_step.step_number 
_ndb_struct_na_base_pair_step.step_name 
_ndb_struct_na_base_pair_step.i_auth_asym_id_1 
_ndb_struct_na_base_pair_step.i_auth_seq_id_1 
_ndb_struct_na_base_pair_step.i_PDB_ins_code_1 
_ndb_struct_na_base_pair_step.j_auth_asym_id_1 
_ndb_struct_na_base_pair_step.j_auth_seq_id_1 
_ndb_struct_na_base_pair_step.j_PDB_ins_code_1 
_ndb_struct_na_base_pair_step.i_auth_asym_id_2 
_ndb_struct_na_base_pair_step.i_auth_seq_id_2 
_ndb_struct_na_base_pair_step.i_PDB_ins_code_2 
_ndb_struct_na_base_pair_step.j_auth_asym_id_2 
_ndb_struct_na_base_pair_step.j_auth_seq_id_2 
_ndb_struct_na_base_pair_step.j_PDB_ins_code_2 
1 A DG 3  1_555 D DC 7 1_555 A DC 4  1_555 D DG 6 1_555 0.034  -0.913 3.321 0.140  1.925  37.755 -1.660 -0.034 3.272 2.972  -0.216 
37.803 1  AA_DG3DC4:DG15DC16_DD A 3  ? D 16 ? A 4  ? D 15 ? 
1 A DC 4  1_555 D DG 6 1_555 A DG 6  1_555 D DC 4 1_555 0.083  0.061  6.496 -6.337 2.883  65.709 -0.175 -0.584 6.463 2.649  5.823  
66.035 2  AA_DC4DG6:DC13DG15_DD A 4  ? D 15 ? A 6  ? D 13 ? 
1 A DG 6  1_555 D DC 4 1_555 A DA 7  1_555 D DT 3 1_555 -0.537 -1.034 3.321 -1.527 2.922  37.618 -1.977 0.632  3.253 4.520  2.363  
37.757 3  AA_DG6DA7:DT12DC13_DD A 6  ? D 13 ? A 7  ? D 12 ? 
1 A DA 7  1_555 D DT 3 1_555 A DC 8  1_555 D DG 2 1_555 0.648  -0.678 3.332 -5.889 1.910  32.015 -1.539 -2.175 3.122 3.422  10.554 
32.592 4  AA_DA7DC8:DG11DT12_DD A 7  ? D 12 ? A 8  ? D 11 ? 
1 A DC 8  1_555 D DG 2 1_555 A DC 9  1_555 D DG 1 1_555 -0.911 -1.523 3.489 -4.191 -2.663 35.788 -2.042 0.818  3.669 -4.308 6.779  
36.120 5  AA_DC8DC9:DG10DG11_DD A 8  ? D 11 ? A 9  ? D 10 ? 
1 A DC 9  1_555 D DG 1 1_555 A DA 10 1_555 B DT 5 1_555 -0.953 -1.345 3.210 -2.256 3.367  21.282 -4.868 1.671  3.046 9.012  6.038  
21.660 6  AA_DC9DA10:DT5DG10_BD A 9  ? D 10 ? A 10 ? B 5  ? 
1 A DA 10 1_555 B DT 5 1_555 A DG 11 1_555 B DC 4 1_555 -0.563 0.590  3.126 -5.364 2.828  33.478 0.568  0.126  3.213 4.860  9.218  
34.007 7  AA_DA10DG11:DC4DT5_BB A 10 ? B 5  ? A 11 ? B 4  ? 
1 A DG 11 1_555 B DC 4 1_555 A DA 12 1_555 B DT 3 1_555 -0.191 -0.275 3.291 -0.090 5.475  36.464 -1.177 0.289  3.218 8.689  0.143  
36.859 8  AA_DG11DA12:DT3DC4_BB A 11 ? B 4  ? A 12 ? B 3  ? 
1 A DA 12 1_555 B DT 3 1_555 A DC 13 1_555 B DG 2 1_555 0.792  -0.948 3.262 -4.314 -6.149 36.733 -0.664 -1.803 3.263 -9.633 6.759  
37.467 9  AA_DA12DC13:DG2DT3_BB A 12 ? B 3  ? A 13 ? B 2  ? 
1 A DC 13 1_555 B DG 2 1_555 A DA 14 1_555 B DT 1 1_555 -1.028 -0.641 3.144 -4.096 1.197  38.202 -1.119 1.064  3.212 1.823  6.235  
38.430 10 AA_DC13DA14:DT1DG2_BB A 13 ? B 2  ? A 14 ? B 1  ? 
1 A DA 14 1_555 B DT 1 1_555 A DC 15 1_555 C DG 9 1_555 -0.455 -1.349 3.313 1.822  -1.006 28.029 -2.538 1.371  3.322 -2.074 -3.756 
28.105 11 AA_DA14DC15:DG9DT1_CB A 14 ? B 1  ? A 15 ? C 9  ? 
1 A DC 15 1_555 C DG 9 1_555 A DC 16 1_555 C DG 8 1_555 -0.050 0.071  3.252 -0.778 5.299  27.942 -1.066 -0.075 3.210 10.848 1.592  
28.440 12 AA_DC15DC16:DG8DG9_CC A 15 ? C 9  ? A 16 ? C 8  ? 
1 A DC 16 1_555 C DG 8 1_555 A DA 17 1_555 C DT 7 1_555 -0.257 1.461  3.546 -3.365 -1.886 47.734 1.962  0.030  3.499 -2.326 4.150  
47.880 13 AA_DC16DA17:DT7DG8_CC A 16 ? C 8  ? A 17 ? C 7  ? 
1 A DA 17 1_555 C DT 7 1_555 A DC 18 1_555 C DG 6 1_555 0.011  -1.040 3.294 -2.963 1.646  28.643 -2.455 -0.682 3.213 3.311  5.963  
28.839 14 AA_DA17DC18:DG6DT7_CC A 17 ? C 7  ? A 18 ? C 6  ? 
1 A DC 18 1_555 C DG 6 1_555 A DT 19 1_555 C DA 5 1_555 -0.538 -0.754 3.279 4.384  -1.358 33.761 -1.071 1.614  3.213 -2.324 -7.505 
34.062 15 AA_DC18DT19:DA5DG6_CC A 18 ? C 6  ? A 19 ? C 5  ? 
1 A DT 19 1_555 C DA 5 1_555 A DC 20 1_555 C DG 4 1_555 1.026  0.951  3.397 3.568  2.342  35.134 1.198  -1.129 3.535 3.863  -5.883 
35.385 16 AA_DT19DC20:DG4DA5_CC A 19 ? C 5  ? A 20 ? C 4  ? 
1 A DC 20 1_555 C DG 4 1_555 A DA 21 1_555 C DT 3 1_555 -0.851 1.575  3.826 -3.833 2.067  38.491 2.073  0.722  3.965 3.124  5.792  
38.727 17 AA_DC20DA21:DT3DG4_CC A 20 ? C 4  ? A 21 ? C 3  ? 
# 
loop_
_pdbx_audit_support.funding_organization 
_pdbx_audit_support.country 
_pdbx_audit_support.grant_number 
_pdbx_audit_support.ordinal 
'National Science Foundation (NSF, United States)'                                         'United States' 1360635     1 
'National Institutes of Health/National Institute of General Medical Sciences (NIH/NIGMS)' 'United States' R01GM104960 2 
'National Science Foundation (NSF, United States)'                                         'United States' NSF2004250  3 
# 
_pdbx_entity_nonpoly.entity_id   5 
_pdbx_entity_nonpoly.name        'CACODYLATE ION' 
_pdbx_entity_nonpoly.comp_id     CAC 
# 
_pdbx_initial_refinement_model.id               1 
_pdbx_initial_refinement_model.entity_id_list   ? 
_pdbx_initial_refinement_model.type             'experimental model' 
_pdbx_initial_refinement_model.source_name      PDB 
_pdbx_initial_refinement_model.accession_code   5KEK 
_pdbx_initial_refinement_model.details          ? 
# 
_pdbx_struct_assembly_auth_evidence.id                     1 
_pdbx_struct_assembly_auth_evidence.assembly_id            1 
_pdbx_struct_assembly_auth_evidence.experimental_support   none 
_pdbx_struct_assembly_auth_evidence.details                ? 
# 
